data_7WX2
# 
_entry.id   7WX2 
# 
_audit_conform.dict_name       mmcif_pdbx.dic 
_audit_conform.dict_version    5.380 
_audit_conform.dict_location   http://mmcif.pdb.org/dictionaries/ascii/mmcif_pdbx.dic 
# 
loop_
_database_2.database_id 
_database_2.database_code 
_database_2.pdbx_database_accession 
_database_2.pdbx_DOI 
PDB   7WX2         pdb_00007wx2 10.2210/pdb7wx2/pdb 
WWPDB D_1300027677 ?            ?                   
# 
_pdbx_database_status.status_code                     REL 
_pdbx_database_status.status_code_sf                  REL 
_pdbx_database_status.status_code_mr                  ? 
_pdbx_database_status.entry_id                        7WX2 
_pdbx_database_status.recvd_initial_deposition_date   2022-02-14 
_pdbx_database_status.SG_entry                        N 
_pdbx_database_status.deposit_site                    PDBJ 
_pdbx_database_status.process_site                    PDBJ 
_pdbx_database_status.status_code_cs                  ? 
_pdbx_database_status.status_code_nmr_data            ? 
_pdbx_database_status.methods_development_category    ? 
_pdbx_database_status.pdb_format_compatible           Y 
# 
loop_
_audit_author.name 
_audit_author.pdbx_ordinal 
_audit_author.identifier_ORCID 
'Zeng, L.'  1 0000-0002-4236-6735 
'Lei, J.D.' 2 0000-0002-8192-2730 
# 
_citation.abstract                  ? 
_citation.abstract_id_CAS           ? 
_citation.book_id_ISBN              ? 
_citation.book_publisher            ? 
_citation.book_publisher_city       ? 
_citation.book_title                ? 
_citation.coordinate_linkage        ? 
_citation.country                   UK 
_citation.database_id_Medline       ? 
_citation.details                   ? 
_citation.id                        primary 
_citation.journal_abbrev            Oncogene 
_citation.journal_id_ASTM           ? 
_citation.journal_id_CSD            ? 
_citation.journal_id_ISSN           1476-5594 
_citation.journal_full              ? 
_citation.journal_issue             ? 
_citation.journal_volume            41 
_citation.language                  ? 
_citation.page_first                3251 
_citation.page_last                 3262 
_citation.title                     
'Targeting CDCP1 gene transcription coactivated by BRD4 and CBP/p300 in castration-resistant prostate cancer.' 
_citation.year                      2022 
_citation.database_id_CSD           ? 
_citation.pdbx_database_id_DOI      10.1038/s41388-022-02327-5 
_citation.pdbx_database_id_PubMed   35513563 
_citation.pdbx_database_id_patent   ? 
_citation.unpublished_flag          ? 
# 
loop_
_citation_author.citation_id 
_citation_author.name 
_citation_author.ordinal 
_citation_author.identifier_ORCID 
primary 'Ji, D.'    1 ? 
primary 'Shang, G.' 2 ? 
primary 'Wei, E.'   3 ? 
primary 'Jia, Y.'   4 ? 
primary 'Wang, C.'  5 ? 
primary 'Zhang, Q.' 6 ? 
primary 'Zeng, L.'  7 ? 
# 
_cell.angle_alpha                  90.000 
_cell.angle_alpha_esd              ? 
_cell.angle_beta                   90.000 
_cell.angle_beta_esd               ? 
_cell.angle_gamma                  90.000 
_cell.angle_gamma_esd              ? 
_cell.entry_id                     7WX2 
_cell.details                      ? 
_cell.formula_units_Z              ? 
_cell.length_a                     34.301 
_cell.length_a_esd                 ? 
_cell.length_b                     49.745 
_cell.length_b_esd                 ? 
_cell.length_c                     80.839 
_cell.length_c_esd                 ? 
_cell.volume                       ? 
_cell.volume_esd                   ? 
_cell.Z_PDB                        4 
_cell.reciprocal_angle_alpha       ? 
_cell.reciprocal_angle_beta        ? 
_cell.reciprocal_angle_gamma       ? 
_cell.reciprocal_angle_alpha_esd   ? 
_cell.reciprocal_angle_beta_esd    ? 
_cell.reciprocal_angle_gamma_esd   ? 
_cell.reciprocal_length_a          ? 
_cell.reciprocal_length_b          ? 
_cell.reciprocal_length_c          ? 
_cell.reciprocal_length_a_esd      ? 
_cell.reciprocal_length_b_esd      ? 
_cell.reciprocal_length_c_esd      ? 
_cell.pdbx_unique_axis             ? 
# 
_symmetry.entry_id                         7WX2 
_symmetry.cell_setting                     ? 
_symmetry.Int_Tables_number                19 
_symmetry.space_group_name_Hall            ? 
_symmetry.space_group_name_H-M             'P 21 21 21' 
_symmetry.pdbx_full_space_group_name_H-M   ? 
# 
loop_
_entity.id 
_entity.type 
_entity.src_method 
_entity.pdbx_description 
_entity.formula_weight 
_entity.pdbx_number_of_molecules 
_entity.pdbx_ec 
_entity.pdbx_mutation 
_entity.pdbx_fragment 
_entity.details 
1 polymer     man 'CREB-binding protein'                                                                         14418.547 1   
2.3.1.48,2.3.1.- ? bromodomain ? 
2 non-polymer syn '1,3-dimethyl-5-[2-(oxan-4-yl)-3-[2-(trifluoromethyloxy)ethyl]benzimidazol-5-yl]pyridin-2-one' 435.439   1   ? ? 
?           ? 
3 water       nat water                                                                                          18.015    191 ? ? 
?           ? 
# 
_entity_name_com.entity_id   1 
_entity_name_com.name        'Histone lysine acetyltransferase CREBBP,Protein-lysine acetyltransferase CREBBP' 
# 
_entity_poly.entity_id                      1 
_entity_poly.type                           'polypeptide(L)' 
_entity_poly.nstd_linkage                   no 
_entity_poly.nstd_monomer                   no 
_entity_poly.pdbx_seq_one_letter_code       
;GSHMRKKIFKPEELRQALMPTLEALYRQDPESLPFRQPVDPQLLGIPDYFDIVKNPMDLSTIKRKLDTGQYQEPWQYVDD
VWLMFNNAWLYNRKTSRVYKFCSKLAEVFEQEIDPVMQSLG
;
_entity_poly.pdbx_seq_one_letter_code_can   
;GSHMRKKIFKPEELRQALMPTLEALYRQDPESLPFRQPVDPQLLGIPDYFDIVKNPMDLSTIKRKLDTGQYQEPWQYVDD
VWLMFNNAWLYNRKTSRVYKFCSKLAEVFEQEIDPVMQSLG
;
_entity_poly.pdbx_strand_id                 A 
_entity_poly.pdbx_target_identifier         ? 
# 
loop_
_entity_poly_seq.entity_id 
_entity_poly_seq.num 
_entity_poly_seq.mon_id 
_entity_poly_seq.hetero 
1 1   GLY n 
1 2   SER n 
1 3   HIS n 
1 4   MET n 
1 5   ARG n 
1 6   LYS n 
1 7   LYS n 
1 8   ILE n 
1 9   PHE n 
1 10  LYS n 
1 11  PRO n 
1 12  GLU n 
1 13  GLU n 
1 14  LEU n 
1 15  ARG n 
1 16  GLN n 
1 17  ALA n 
1 18  LEU n 
1 19  MET n 
1 20  PRO n 
1 21  THR n 
1 22  LEU n 
1 23  GLU n 
1 24  ALA n 
1 25  LEU n 
1 26  TYR n 
1 27  ARG n 
1 28  GLN n 
1 29  ASP n 
1 30  PRO n 
1 31  GLU n 
1 32  SER n 
1 33  LEU n 
1 34  PRO n 
1 35  PHE n 
1 36  ARG n 
1 37  GLN n 
1 38  PRO n 
1 39  VAL n 
1 40  ASP n 
1 41  PRO n 
1 42  GLN n 
1 43  LEU n 
1 44  LEU n 
1 45  GLY n 
1 46  ILE n 
1 47  PRO n 
1 48  ASP n 
1 49  TYR n 
1 50  PHE n 
1 51  ASP n 
1 52  ILE n 
1 53  VAL n 
1 54  LYS n 
1 55  ASN n 
1 56  PRO n 
1 57  MET n 
1 58  ASP n 
1 59  LEU n 
1 60  SER n 
1 61  THR n 
1 62  ILE n 
1 63  LYS n 
1 64  ARG n 
1 65  LYS n 
1 66  LEU n 
1 67  ASP n 
1 68  THR n 
1 69  GLY n 
1 70  GLN n 
1 71  TYR n 
1 72  GLN n 
1 73  GLU n 
1 74  PRO n 
1 75  TRP n 
1 76  GLN n 
1 77  TYR n 
1 78  VAL n 
1 79  ASP n 
1 80  ASP n 
1 81  VAL n 
1 82  TRP n 
1 83  LEU n 
1 84  MET n 
1 85  PHE n 
1 86  ASN n 
1 87  ASN n 
1 88  ALA n 
1 89  TRP n 
1 90  LEU n 
1 91  TYR n 
1 92  ASN n 
1 93  ARG n 
1 94  LYS n 
1 95  THR n 
1 96  SER n 
1 97  ARG n 
1 98  VAL n 
1 99  TYR n 
1 100 LYS n 
1 101 PHE n 
1 102 CYS n 
1 103 SER n 
1 104 LYS n 
1 105 LEU n 
1 106 ALA n 
1 107 GLU n 
1 108 VAL n 
1 109 PHE n 
1 110 GLU n 
1 111 GLN n 
1 112 GLU n 
1 113 ILE n 
1 114 ASP n 
1 115 PRO n 
1 116 VAL n 
1 117 MET n 
1 118 GLN n 
1 119 SER n 
1 120 LEU n 
1 121 GLY n 
# 
_entity_src_gen.entity_id                          1 
_entity_src_gen.pdbx_src_id                        1 
_entity_src_gen.pdbx_alt_source_flag               sample 
_entity_src_gen.pdbx_seq_type                      'Biological sequence' 
_entity_src_gen.pdbx_beg_seq_num                   1 
_entity_src_gen.pdbx_end_seq_num                   121 
_entity_src_gen.gene_src_common_name               human 
_entity_src_gen.gene_src_genus                     ? 
_entity_src_gen.pdbx_gene_src_gene                 'CREBBP, CBP' 
_entity_src_gen.gene_src_species                   ? 
_entity_src_gen.gene_src_strain                    ? 
_entity_src_gen.gene_src_tissue                    ? 
_entity_src_gen.gene_src_tissue_fraction           ? 
_entity_src_gen.gene_src_details                   ? 
_entity_src_gen.pdbx_gene_src_fragment             ? 
_entity_src_gen.pdbx_gene_src_scientific_name      'Homo sapiens' 
_entity_src_gen.pdbx_gene_src_ncbi_taxonomy_id     9606 
_entity_src_gen.pdbx_gene_src_variant              ? 
_entity_src_gen.pdbx_gene_src_cell_line            ? 
_entity_src_gen.pdbx_gene_src_atcc                 ? 
_entity_src_gen.pdbx_gene_src_organ                ? 
_entity_src_gen.pdbx_gene_src_organelle            ? 
_entity_src_gen.pdbx_gene_src_cell                 ? 
_entity_src_gen.pdbx_gene_src_cellular_location    ? 
_entity_src_gen.host_org_common_name               ? 
_entity_src_gen.pdbx_host_org_scientific_name      'Escherichia coli BL21(DE3)' 
_entity_src_gen.pdbx_host_org_ncbi_taxonomy_id     469008 
_entity_src_gen.host_org_genus                     ? 
_entity_src_gen.pdbx_host_org_gene                 ? 
_entity_src_gen.pdbx_host_org_organ                ? 
_entity_src_gen.host_org_species                   ? 
_entity_src_gen.pdbx_host_org_tissue               ? 
_entity_src_gen.pdbx_host_org_tissue_fraction      ? 
_entity_src_gen.pdbx_host_org_strain               ? 
_entity_src_gen.pdbx_host_org_variant              ? 
_entity_src_gen.pdbx_host_org_cell_line            ? 
_entity_src_gen.pdbx_host_org_atcc                 ? 
_entity_src_gen.pdbx_host_org_culture_collection   ? 
_entity_src_gen.pdbx_host_org_cell                 ? 
_entity_src_gen.pdbx_host_org_organelle            ? 
_entity_src_gen.pdbx_host_org_cellular_location    ? 
_entity_src_gen.pdbx_host_org_vector_type          plasmid 
_entity_src_gen.pdbx_host_org_vector               ? 
_entity_src_gen.host_org_details                   ? 
_entity_src_gen.expression_system_id               ? 
_entity_src_gen.plasmid_name                       pET15b 
_entity_src_gen.plasmid_details                    ? 
_entity_src_gen.pdbx_description                   ? 
# 
_struct_ref.id                         1 
_struct_ref.db_name                    UNP 
_struct_ref.db_code                    CBP_HUMAN 
_struct_ref.pdbx_db_accession          Q92793 
_struct_ref.pdbx_db_isoform            ? 
_struct_ref.entity_id                  1 
_struct_ref.pdbx_seq_one_letter_code   
;RKKIFKPEELRQALMPTLEALYRQDPESLPFRQPVDPQLLGIPDYFDIVKNPMDLSTIKRKLDTGQYQEPWQYVDDVWLM
FNNAWLYNRKTSRVYKFCSKLAEVFEQEIDPVMQSLG
;
_struct_ref.pdbx_align_begin           1081 
# 
_struct_ref_seq.align_id                      1 
_struct_ref_seq.ref_id                        1 
_struct_ref_seq.pdbx_PDB_id_code              7WX2 
_struct_ref_seq.pdbx_strand_id                A 
_struct_ref_seq.seq_align_beg                 5 
_struct_ref_seq.pdbx_seq_align_beg_ins_code   ? 
_struct_ref_seq.seq_align_end                 121 
_struct_ref_seq.pdbx_seq_align_end_ins_code   ? 
_struct_ref_seq.pdbx_db_accession             Q92793 
_struct_ref_seq.db_align_beg                  1081 
_struct_ref_seq.pdbx_db_align_beg_ins_code    ? 
_struct_ref_seq.db_align_end                  1197 
_struct_ref_seq.pdbx_db_align_end_ins_code    ? 
_struct_ref_seq.pdbx_auth_seq_align_beg       1081 
_struct_ref_seq.pdbx_auth_seq_align_end       1197 
# 
loop_
_struct_ref_seq_dif.align_id 
_struct_ref_seq_dif.pdbx_pdb_id_code 
_struct_ref_seq_dif.mon_id 
_struct_ref_seq_dif.pdbx_pdb_strand_id 
_struct_ref_seq_dif.seq_num 
_struct_ref_seq_dif.pdbx_pdb_ins_code 
_struct_ref_seq_dif.pdbx_seq_db_name 
_struct_ref_seq_dif.pdbx_seq_db_accession_code 
_struct_ref_seq_dif.db_mon_id 
_struct_ref_seq_dif.pdbx_seq_db_seq_num 
_struct_ref_seq_dif.details 
_struct_ref_seq_dif.pdbx_auth_seq_num 
_struct_ref_seq_dif.pdbx_ordinal 
1 7WX2 GLY A 1 ? UNP Q92793 ? ? 'expression tag' 1077 1 
1 7WX2 SER A 2 ? UNP Q92793 ? ? 'expression tag' 1078 2 
1 7WX2 HIS A 3 ? UNP Q92793 ? ? 'expression tag' 1079 3 
1 7WX2 MET A 4 ? UNP Q92793 ? ? 'expression tag' 1080 4 
# 
loop_
_chem_comp.id 
_chem_comp.type 
_chem_comp.mon_nstd_flag 
_chem_comp.name 
_chem_comp.pdbx_synonyms 
_chem_comp.formula 
_chem_comp.formula_weight 
7OW non-polymer         . '1,3-dimethyl-5-[2-(oxan-4-yl)-3-[2-(trifluoromethyloxy)ethyl]benzimidazol-5-yl]pyridin-2-one' ? 
'C22 H24 F3 N3 O3' 435.439 
ALA 'L-peptide linking' y ALANINE                                                                                        ? 
'C3 H7 N O2'       89.093  
ARG 'L-peptide linking' y ARGININE                                                                                       ? 
'C6 H15 N4 O2 1'   175.209 
ASN 'L-peptide linking' y ASPARAGINE                                                                                     ? 
'C4 H8 N2 O3'      132.118 
ASP 'L-peptide linking' y 'ASPARTIC ACID'                                                                                ? 
'C4 H7 N O4'       133.103 
CYS 'L-peptide linking' y CYSTEINE                                                                                       ? 
'C3 H7 N O2 S'     121.158 
GLN 'L-peptide linking' y GLUTAMINE                                                                                      ? 
'C5 H10 N2 O3'     146.144 
GLU 'L-peptide linking' y 'GLUTAMIC ACID'                                                                                ? 
'C5 H9 N O4'       147.129 
GLY 'peptide linking'   y GLYCINE                                                                                        ? 
'C2 H5 N O2'       75.067  
HIS 'L-peptide linking' y HISTIDINE                                                                                      ? 
'C6 H10 N3 O2 1'   156.162 
HOH non-polymer         . WATER                                                                                          ? 'H2 O' 
18.015  
ILE 'L-peptide linking' y ISOLEUCINE                                                                                     ? 
'C6 H13 N O2'      131.173 
LEU 'L-peptide linking' y LEUCINE                                                                                        ? 
'C6 H13 N O2'      131.173 
LYS 'L-peptide linking' y LYSINE                                                                                         ? 
'C6 H15 N2 O2 1'   147.195 
MET 'L-peptide linking' y METHIONINE                                                                                     ? 
'C5 H11 N O2 S'    149.211 
PHE 'L-peptide linking' y PHENYLALANINE                                                                                  ? 
'C9 H11 N O2'      165.189 
PRO 'L-peptide linking' y PROLINE                                                                                        ? 
'C5 H9 N O2'       115.130 
SER 'L-peptide linking' y SERINE                                                                                         ? 
'C3 H7 N O3'       105.093 
THR 'L-peptide linking' y THREONINE                                                                                      ? 
'C4 H9 N O3'       119.119 
TRP 'L-peptide linking' y TRYPTOPHAN                                                                                     ? 
'C11 H12 N2 O2'    204.225 
TYR 'L-peptide linking' y TYROSINE                                                                                       ? 
'C9 H11 N O3'      181.189 
VAL 'L-peptide linking' y VALINE                                                                                         ? 
'C5 H11 N O2'      117.146 
# 
_exptl.absorpt_coefficient_mu     ? 
_exptl.absorpt_correction_T_max   ? 
_exptl.absorpt_correction_T_min   ? 
_exptl.absorpt_correction_type    ? 
_exptl.absorpt_process_details    ? 
_exptl.entry_id                   7WX2 
_exptl.crystals_number            1 
_exptl.details                    ? 
_exptl.method                     'X-RAY DIFFRACTION' 
_exptl.method_details             ? 
# 
_exptl_crystal.colour                      ? 
_exptl_crystal.density_diffrn              ? 
_exptl_crystal.density_Matthews            2.39 
_exptl_crystal.density_method              ? 
_exptl_crystal.density_percent_sol         48.57 
_exptl_crystal.description                 ? 
_exptl_crystal.F_000                       ? 
_exptl_crystal.id                          1 
_exptl_crystal.preparation                 ? 
_exptl_crystal.size_max                    ? 
_exptl_crystal.size_mid                    ? 
_exptl_crystal.size_min                    ? 
_exptl_crystal.size_rad                    ? 
_exptl_crystal.colour_lustre               ? 
_exptl_crystal.colour_modifier             ? 
_exptl_crystal.colour_primary              ? 
_exptl_crystal.density_meas                ? 
_exptl_crystal.density_meas_esd            ? 
_exptl_crystal.density_meas_gt             ? 
_exptl_crystal.density_meas_lt             ? 
_exptl_crystal.density_meas_temp           ? 
_exptl_crystal.density_meas_temp_esd       ? 
_exptl_crystal.density_meas_temp_gt        ? 
_exptl_crystal.density_meas_temp_lt        ? 
_exptl_crystal.pdbx_crystal_image_url      ? 
_exptl_crystal.pdbx_crystal_image_format   ? 
_exptl_crystal.pdbx_mosaicity              0.000 
_exptl_crystal.pdbx_mosaicity_esd          ? 
# 
_exptl_crystal_grow.apparatus       ? 
_exptl_crystal_grow.atmosphere      ? 
_exptl_crystal_grow.crystal_id      1 
_exptl_crystal_grow.details         ? 
_exptl_crystal_grow.method          EVAPORATION 
_exptl_crystal_grow.method_ref      ? 
_exptl_crystal_grow.pH              8.5 
_exptl_crystal_grow.pressure        ? 
_exptl_crystal_grow.pressure_esd    ? 
_exptl_crystal_grow.seeding         ? 
_exptl_crystal_grow.seeding_ref     ? 
_exptl_crystal_grow.temp            289 
_exptl_crystal_grow.temp_details    ? 
_exptl_crystal_grow.temp_esd        ? 
_exptl_crystal_grow.time            ? 
_exptl_crystal_grow.pdbx_details    'PEG3350, NaNO3, ethylene glycol' 
_exptl_crystal_grow.pdbx_pH_range   ? 
# 
_diffrn.ambient_environment              ? 
_diffrn.ambient_temp                     100 
_diffrn.ambient_temp_details             ? 
_diffrn.ambient_temp_esd                 ? 
_diffrn.crystal_id                       1 
_diffrn.crystal_support                  ? 
_diffrn.crystal_treatment                ? 
_diffrn.details                          ? 
_diffrn.id                               1 
_diffrn.ambient_pressure                 ? 
_diffrn.ambient_pressure_esd             ? 
_diffrn.ambient_pressure_gt              ? 
_diffrn.ambient_pressure_lt              ? 
_diffrn.ambient_temp_gt                  ? 
_diffrn.ambient_temp_lt                  ? 
_diffrn.pdbx_serial_crystal_experiment   N 
# 
_diffrn_detector.details                      ? 
_diffrn_detector.detector                     PIXEL 
_diffrn_detector.diffrn_id                    1 
_diffrn_detector.type                         'DECTRIS EIGER X 16M' 
_diffrn_detector.area_resol_mean              ? 
_diffrn_detector.dtime                        ? 
_diffrn_detector.pdbx_frames_total            ? 
_diffrn_detector.pdbx_collection_time_total   ? 
_diffrn_detector.pdbx_collection_date         2020-11-27 
_diffrn_detector.pdbx_frequency               ? 
# 
_diffrn_radiation.collimation                      ? 
_diffrn_radiation.diffrn_id                        1 
_diffrn_radiation.filter_edge                      ? 
_diffrn_radiation.inhomogeneity                    ? 
_diffrn_radiation.monochromator                    ? 
_diffrn_radiation.polarisn_norm                    ? 
_diffrn_radiation.polarisn_ratio                   ? 
_diffrn_radiation.probe                            ? 
_diffrn_radiation.type                             ? 
_diffrn_radiation.xray_symbol                      ? 
_diffrn_radiation.wavelength_id                    1 
_diffrn_radiation.pdbx_monochromatic_or_laue_m_l   M 
_diffrn_radiation.pdbx_wavelength_list             ? 
_diffrn_radiation.pdbx_wavelength                  ? 
_diffrn_radiation.pdbx_diffrn_protocol             'SINGLE WAVELENGTH' 
_diffrn_radiation.pdbx_analyzer                    ? 
_diffrn_radiation.pdbx_scattering_type             x-ray 
# 
_diffrn_radiation_wavelength.id           1 
_diffrn_radiation_wavelength.wavelength   0.97919 
_diffrn_radiation_wavelength.wt           1.0 
# 
_diffrn_source.current                     ? 
_diffrn_source.details                     ? 
_diffrn_source.diffrn_id                   1 
_diffrn_source.power                       ? 
_diffrn_source.size                        ? 
_diffrn_source.source                      SYNCHROTRON 
_diffrn_source.target                      ? 
_diffrn_source.type                        'SSRF BEAMLINE BL17U' 
_diffrn_source.voltage                     ? 
_diffrn_source.take-off_angle              ? 
_diffrn_source.pdbx_wavelength_list        0.97919 
_diffrn_source.pdbx_wavelength             ? 
_diffrn_source.pdbx_synchrotron_beamline   BL17U 
_diffrn_source.pdbx_synchrotron_site       SSRF 
# 
_reflns.B_iso_Wilson_estimate                          ? 
_reflns.entry_id                                       7WX2 
_reflns.data_reduction_details                         ? 
_reflns.data_reduction_method                          ? 
_reflns.d_resolution_high                              1.240 
_reflns.d_resolution_low                               26.670 
_reflns.details                                        ? 
_reflns.limit_h_max                                    ? 
_reflns.limit_h_min                                    ? 
_reflns.limit_k_max                                    ? 
_reflns.limit_k_min                                    ? 
_reflns.limit_l_max                                    ? 
_reflns.limit_l_min                                    ? 
_reflns.number_all                                     ? 
_reflns.number_obs                                     38564 
_reflns.observed_criterion                             ? 
_reflns.observed_criterion_F_max                       ? 
_reflns.observed_criterion_F_min                       ? 
_reflns.observed_criterion_I_max                       ? 
_reflns.observed_criterion_I_min                       ? 
_reflns.observed_criterion_sigma_F                     ? 
_reflns.observed_criterion_sigma_I                     ? 
_reflns.percent_possible_obs                           96.500 
_reflns.R_free_details                                 ? 
_reflns.Rmerge_F_all                                   ? 
_reflns.Rmerge_F_obs                                   ? 
_reflns.Friedel_coverage                               ? 
_reflns.number_gt                                      ? 
_reflns.threshold_expression                           ? 
_reflns.pdbx_redundancy                                9.100 
_reflns.pdbx_Rmerge_I_obs                              0.048 
_reflns.pdbx_Rmerge_I_all                              ? 
_reflns.pdbx_Rsym_value                                ? 
_reflns.pdbx_netI_over_av_sigmaI                       ? 
_reflns.pdbx_netI_over_sigmaI                          25.100 
_reflns.pdbx_res_netI_over_av_sigmaI_2                 ? 
_reflns.pdbx_res_netI_over_sigmaI_2                    ? 
_reflns.pdbx_chi_squared                               ? 
_reflns.pdbx_scaling_rejects                           ? 
_reflns.pdbx_d_res_high_opt                            ? 
_reflns.pdbx_d_res_low_opt                             ? 
_reflns.pdbx_d_res_opt_method                          ? 
_reflns.phase_calculation_details                      ? 
_reflns.pdbx_Rrim_I_all                                0.051 
_reflns.pdbx_Rpim_I_all                                0.017 
_reflns.pdbx_d_opt                                     ? 
_reflns.pdbx_number_measured_all                       ? 
_reflns.pdbx_diffrn_id                                 1 
_reflns.pdbx_ordinal                                   1 
_reflns.pdbx_CC_half                                   0.996 
_reflns.pdbx_CC_star                                   ? 
_reflns.pdbx_R_split                                   ? 
_reflns.pdbx_aniso_diffraction_limit_axis_1_ortho[1]   ? 
_reflns.pdbx_aniso_diffraction_limit_axis_1_ortho[2]   ? 
_reflns.pdbx_aniso_diffraction_limit_axis_1_ortho[3]   ? 
_reflns.pdbx_aniso_diffraction_limit_axis_2_ortho[1]   ? 
_reflns.pdbx_aniso_diffraction_limit_axis_2_ortho[2]   ? 
_reflns.pdbx_aniso_diffraction_limit_axis_2_ortho[3]   ? 
_reflns.pdbx_aniso_diffraction_limit_axis_3_ortho[1]   ? 
_reflns.pdbx_aniso_diffraction_limit_axis_3_ortho[2]   ? 
_reflns.pdbx_aniso_diffraction_limit_axis_3_ortho[3]   ? 
_reflns.pdbx_aniso_diffraction_limit_1                 ? 
_reflns.pdbx_aniso_diffraction_limit_2                 ? 
_reflns.pdbx_aniso_diffraction_limit_3                 ? 
_reflns.pdbx_aniso_B_tensor_eigenvector_1_ortho[1]     ? 
_reflns.pdbx_aniso_B_tensor_eigenvector_1_ortho[2]     ? 
_reflns.pdbx_aniso_B_tensor_eigenvector_1_ortho[3]     ? 
_reflns.pdbx_aniso_B_tensor_eigenvector_2_ortho[1]     ? 
_reflns.pdbx_aniso_B_tensor_eigenvector_2_ortho[2]     ? 
_reflns.pdbx_aniso_B_tensor_eigenvector_2_ortho[3]     ? 
_reflns.pdbx_aniso_B_tensor_eigenvector_3_ortho[1]     ? 
_reflns.pdbx_aniso_B_tensor_eigenvector_3_ortho[2]     ? 
_reflns.pdbx_aniso_B_tensor_eigenvector_3_ortho[3]     ? 
_reflns.pdbx_aniso_B_tensor_eigenvalue_1               ? 
_reflns.pdbx_aniso_B_tensor_eigenvalue_2               ? 
_reflns.pdbx_aniso_B_tensor_eigenvalue_3               ? 
_reflns.pdbx_orthogonalization_convention              ? 
_reflns.pdbx_percent_possible_ellipsoidal              ? 
_reflns.pdbx_percent_possible_spherical                ? 
_reflns.pdbx_percent_possible_ellipsoidal_anomalous    ? 
_reflns.pdbx_percent_possible_spherical_anomalous      ? 
_reflns.pdbx_redundancy_anomalous                      ? 
_reflns.pdbx_CC_half_anomalous                         ? 
_reflns.pdbx_absDiff_over_sigma_anomalous              ? 
_reflns.pdbx_percent_possible_anomalous                ? 
_reflns.pdbx_observed_signal_threshold                 ? 
_reflns.pdbx_signal_type                               ? 
_reflns.pdbx_signal_details                            ? 
_reflns.pdbx_signal_software_id                        ? 
# 
loop_
_reflns_shell.d_res_high 
_reflns_shell.d_res_low 
_reflns_shell.meanI_over_sigI_all 
_reflns_shell.meanI_over_sigI_obs 
_reflns_shell.number_measured_all 
_reflns_shell.number_measured_obs 
_reflns_shell.number_possible 
_reflns_shell.number_unique_all 
_reflns_shell.number_unique_obs 
_reflns_shell.percent_possible_all 
_reflns_shell.percent_possible_obs 
_reflns_shell.Rmerge_F_all 
_reflns_shell.Rmerge_F_obs 
_reflns_shell.Rmerge_I_all 
_reflns_shell.Rmerge_I_obs 
_reflns_shell.meanI_over_sigI_gt 
_reflns_shell.meanI_over_uI_all 
_reflns_shell.meanI_over_uI_gt 
_reflns_shell.number_measured_gt 
_reflns_shell.number_unique_gt 
_reflns_shell.percent_possible_gt 
_reflns_shell.Rmerge_F_gt 
_reflns_shell.Rmerge_I_gt 
_reflns_shell.pdbx_redundancy 
_reflns_shell.pdbx_Rsym_value 
_reflns_shell.pdbx_chi_squared 
_reflns_shell.pdbx_netI_over_sigmaI_all 
_reflns_shell.pdbx_netI_over_sigmaI_obs 
_reflns_shell.pdbx_Rrim_I_all 
_reflns_shell.pdbx_Rpim_I_all 
_reflns_shell.pdbx_rejects 
_reflns_shell.pdbx_ordinal 
_reflns_shell.pdbx_diffrn_id 
_reflns_shell.pdbx_CC_half 
_reflns_shell.pdbx_CC_star 
_reflns_shell.pdbx_R_split 
_reflns_shell.pdbx_percent_possible_ellipsoidal 
_reflns_shell.pdbx_percent_possible_spherical 
_reflns_shell.pdbx_percent_possible_ellipsoidal_anomalous 
_reflns_shell.pdbx_percent_possible_spherical_anomalous 
_reflns_shell.pdbx_redundancy_anomalous 
_reflns_shell.pdbx_CC_half_anomalous 
_reflns_shell.pdbx_absDiff_over_sigma_anomalous 
_reflns_shell.pdbx_percent_possible_anomalous 
1.240 1.270  ? ? 6150 ? ? ? 2067 71.100 ? ? ? ? 0.136 ? ? ? ? ? ? ? ? 3.000 ? ? ? 2.200  0.166 0.090 ? 1 1 0.960 ? ? ? ? ? ? ? ? ? 
? 
5.550 26.660 ? ? 2551 ? ? ? 485  92.900 ? ? ? ? 0.029 ? ? ? ? ? ? ? ? 5.300 ? ? ? 63.700 0.036 0.020 ? 2 1 0.948 ? ? ? ? ? ? ? ? ? 
? 
# 
_refine.aniso_B[1][1]                            0.3100 
_refine.aniso_B[1][2]                            0.0000 
_refine.aniso_B[1][3]                            -0.0000 
_refine.aniso_B[2][2]                            0.3200 
_refine.aniso_B[2][3]                            -0.0000 
_refine.aniso_B[3][3]                            -0.6300 
_refine.B_iso_max                                93.120 
_refine.B_iso_mean                               17.1670 
_refine.B_iso_min                                6.800 
_refine.correlation_coeff_Fo_to_Fc               0.9520 
_refine.correlation_coeff_Fo_to_Fc_free          0.9520 
_refine.details                                  'U VALUES      : REFINED INDIVIDUALLY' 
_refine.diff_density_max                         ? 
_refine.diff_density_max_esd                     ? 
_refine.diff_density_min                         ? 
_refine.diff_density_min_esd                     ? 
_refine.diff_density_rms                         ? 
_refine.diff_density_rms_esd                     ? 
_refine.entry_id                                 7WX2 
_refine.pdbx_refine_id                           'X-RAY DIFFRACTION' 
_refine.ls_abs_structure_details                 ? 
_refine.ls_abs_structure_Flack                   ? 
_refine.ls_abs_structure_Flack_esd               ? 
_refine.ls_abs_structure_Rogers                  ? 
_refine.ls_abs_structure_Rogers_esd              ? 
_refine.ls_d_res_high                            1.2400 
_refine.ls_d_res_low                             26.6700 
_refine.ls_extinction_coef                       ? 
_refine.ls_extinction_coef_esd                   ? 
_refine.ls_extinction_expression                 ? 
_refine.ls_extinction_method                     ? 
_refine.ls_goodness_of_fit_all                   ? 
_refine.ls_goodness_of_fit_all_esd               ? 
_refine.ls_goodness_of_fit_obs                   ? 
_refine.ls_goodness_of_fit_obs_esd               ? 
_refine.ls_hydrogen_treatment                    ? 
_refine.ls_matrix_type                           ? 
_refine.ls_number_constraints                    ? 
_refine.ls_number_parameters                     ? 
_refine.ls_number_reflns_all                     ? 
_refine.ls_number_reflns_obs                     36592 
_refine.ls_number_reflns_R_free                  1909 
_refine.ls_number_reflns_R_work                  ? 
_refine.ls_number_restraints                     ? 
_refine.ls_percent_reflns_obs                    96.2400 
_refine.ls_percent_reflns_R_free                 5.0000 
_refine.ls_R_factor_all                          ? 
_refine.ls_R_factor_obs                          0.1821 
_refine.ls_R_factor_R_free                       0.1995 
_refine.ls_R_factor_R_free_error                 ? 
_refine.ls_R_factor_R_free_error_details         ? 
_refine.ls_R_factor_R_work                       0.1812 
_refine.ls_R_Fsqd_factor_obs                     ? 
_refine.ls_R_I_factor_obs                        ? 
_refine.ls_redundancy_reflns_all                 ? 
_refine.ls_redundancy_reflns_obs                 ? 
_refine.ls_restrained_S_all                      ? 
_refine.ls_restrained_S_obs                      ? 
_refine.ls_shift_over_esd_max                    ? 
_refine.ls_shift_over_esd_mean                   ? 
_refine.ls_structure_factor_coef                 ? 
_refine.ls_weighting_details                     ? 
_refine.ls_weighting_scheme                      ? 
_refine.ls_wR_factor_all                         ? 
_refine.ls_wR_factor_obs                         ? 
_refine.ls_wR_factor_R_free                      ? 
_refine.ls_wR_factor_R_work                      ? 
_refine.occupancy_max                            ? 
_refine.occupancy_min                            ? 
_refine.solvent_model_details                    MASK 
_refine.solvent_model_param_bsol                 ? 
_refine.solvent_model_param_ksol                 ? 
_refine.pdbx_R_complete                          ? 
_refine.ls_R_factor_gt                           ? 
_refine.ls_goodness_of_fit_gt                    ? 
_refine.ls_goodness_of_fit_ref                   ? 
_refine.ls_shift_over_su_max                     ? 
_refine.ls_shift_over_su_max_lt                  ? 
_refine.ls_shift_over_su_mean                    ? 
_refine.ls_shift_over_su_mean_lt                 ? 
_refine.pdbx_ls_sigma_I                          ? 
_refine.pdbx_ls_sigma_F                          0.000 
_refine.pdbx_ls_sigma_Fsqd                       ? 
_refine.pdbx_data_cutoff_high_absF               ? 
_refine.pdbx_data_cutoff_high_rms_absF           ? 
_refine.pdbx_data_cutoff_low_absF                ? 
_refine.pdbx_isotropic_thermal_model             ? 
_refine.pdbx_ls_cross_valid_method               THROUGHOUT 
_refine.pdbx_method_to_determine_struct          'MOLECULAR REPLACEMENT' 
_refine.pdbx_starting_model                      5MQK 
_refine.pdbx_stereochemistry_target_values       'MAXIMUM LIKELIHOOD' 
_refine.pdbx_R_Free_selection_details            RANDOM 
_refine.pdbx_stereochem_target_val_spec_case     ? 
_refine.pdbx_overall_ESU_R                       0.0450 
_refine.pdbx_overall_ESU_R_Free                  0.0470 
_refine.pdbx_solvent_vdw_probe_radii             1.2000 
_refine.pdbx_solvent_ion_probe_radii             0.8000 
_refine.pdbx_solvent_shrinkage_radii             0.8000 
_refine.pdbx_real_space_R                        ? 
_refine.pdbx_density_correlation                 ? 
_refine.pdbx_pd_number_of_powder_patterns        ? 
_refine.pdbx_pd_number_of_points                 ? 
_refine.pdbx_pd_meas_number_of_points            ? 
_refine.pdbx_pd_proc_ls_prof_R_factor            ? 
_refine.pdbx_pd_proc_ls_prof_wR_factor           ? 
_refine.pdbx_pd_Marquardt_correlation_coeff      ? 
_refine.pdbx_pd_Fsqrd_R_factor                   ? 
_refine.pdbx_pd_ls_matrix_band_width             ? 
_refine.pdbx_overall_phase_error                 ? 
_refine.pdbx_overall_SU_R_free_Cruickshank_DPI   ? 
_refine.pdbx_overall_SU_R_free_Blow_DPI          ? 
_refine.pdbx_overall_SU_R_Blow_DPI               ? 
_refine.pdbx_TLS_residual_ADP_flag               ? 
_refine.pdbx_diffrn_id                           1 
_refine.overall_SU_B                             0.6010 
_refine.overall_SU_ML                            0.0270 
_refine.overall_SU_R_Cruickshank_DPI             ? 
_refine.overall_SU_R_free                        ? 
_refine.overall_FOM_free_R_set                   ? 
_refine.overall_FOM_work_R_set                   ? 
_refine.pdbx_average_fsc_overall                 ? 
_refine.pdbx_average_fsc_work                    ? 
_refine.pdbx_average_fsc_free                    ? 
# 
_refine_hist.pdbx_refine_id                   'X-RAY DIFFRACTION' 
_refine_hist.cycle_id                         final 
_refine_hist.details                          ? 
_refine_hist.d_res_high                       1.2400 
_refine_hist.d_res_low                        26.6700 
_refine_hist.number_atoms_solvent             191 
_refine_hist.number_atoms_total               1208 
_refine_hist.number_reflns_all                ? 
_refine_hist.number_reflns_obs                ? 
_refine_hist.number_reflns_R_free             ? 
_refine_hist.number_reflns_R_work             ? 
_refine_hist.R_factor_all                     ? 
_refine_hist.R_factor_obs                     ? 
_refine_hist.R_factor_R_free                  ? 
_refine_hist.R_factor_R_work                  ? 
_refine_hist.pdbx_number_residues_total       117 
_refine_hist.pdbx_B_iso_mean_ligand           14.36 
_refine_hist.pdbx_B_iso_mean_solvent          26.47 
_refine_hist.pdbx_number_atoms_protein        986 
_refine_hist.pdbx_number_atoms_nucleic_acid   0 
_refine_hist.pdbx_number_atoms_ligand         31 
_refine_hist.pdbx_number_atoms_lipid          ? 
_refine_hist.pdbx_number_atoms_carb           ? 
_refine_hist.pdbx_pseudo_atom_details         ? 
# 
loop_
_refine_ls_restr.pdbx_refine_id 
_refine_ls_restr.criterion 
_refine_ls_restr.dev_ideal 
_refine_ls_restr.dev_ideal_target 
_refine_ls_restr.number 
_refine_ls_restr.rejects 
_refine_ls_restr.type 
_refine_ls_restr.weight 
_refine_ls_restr.pdbx_restraint_function 
'X-RAY DIFFRACTION' ? 0.013  0.012  1061 ? r_bond_refined_d       ? ? 
'X-RAY DIFFRACTION' ? 1.912  1.652  1444 ? r_angle_refined_deg    ? ? 
'X-RAY DIFFRACTION' ? 5.731  5.000  118  ? r_dihedral_angle_1_deg ? ? 
'X-RAY DIFFRACTION' ? 36.276 22.667 60   ? r_dihedral_angle_2_deg ? ? 
'X-RAY DIFFRACTION' ? 12.871 15.000 185  ? r_dihedral_angle_3_deg ? ? 
'X-RAY DIFFRACTION' ? 12.127 15.000 7    ? r_dihedral_angle_4_deg ? ? 
'X-RAY DIFFRACTION' ? 0.112  0.200  126  ? r_chiral_restr         ? ? 
'X-RAY DIFFRACTION' ? 0.014  0.020  817  ? r_gen_planes_refined   ? ? 
# 
_refine_ls_shell.pdbx_refine_id                   'X-RAY DIFFRACTION' 
_refine_ls_shell.d_res_high                       1.2400 
_refine_ls_shell.d_res_low                        1.2730 
_refine_ls_shell.number_reflns_all                2064 
_refine_ls_shell.number_reflns_obs                ? 
_refine_ls_shell.number_reflns_R_free             100 
_refine_ls_shell.number_reflns_R_work             1964 
_refine_ls_shell.percent_reflns_obs               70.1600 
_refine_ls_shell.percent_reflns_R_free            ? 
_refine_ls_shell.R_factor_all                     ? 
_refine_ls_shell.R_factor_obs                     ? 
_refine_ls_shell.R_factor_R_free                  0.2440 
_refine_ls_shell.R_factor_R_free_error            0.0000 
_refine_ls_shell.R_factor_R_work                  0.2270 
_refine_ls_shell.redundancy_reflns_all            ? 
_refine_ls_shell.redundancy_reflns_obs            ? 
_refine_ls_shell.wR_factor_all                    ? 
_refine_ls_shell.wR_factor_obs                    ? 
_refine_ls_shell.wR_factor_R_free                 ? 
_refine_ls_shell.wR_factor_R_work                 ? 
_refine_ls_shell.pdbx_R_complete                  ? 
_refine_ls_shell.pdbx_total_number_of_bins_used   20 
_refine_ls_shell.pdbx_phase_error                 ? 
_refine_ls_shell.pdbx_fsc_work                    ? 
_refine_ls_shell.pdbx_fsc_free                    ? 
# 
_struct.entry_id                     7WX2 
_struct.title                        'CBP-BrD complexed with NEO2734' 
_struct.pdbx_model_details           ? 
_struct.pdbx_formula_weight          ? 
_struct.pdbx_formula_weight_method   ? 
_struct.pdbx_model_type_details      ? 
_struct.pdbx_CASP_flag               N 
# 
_struct_keywords.entry_id        7WX2 
_struct_keywords.text            'CBP, Bromodomain, NEO2734, Complex, PROTEIN BINDING' 
_struct_keywords.pdbx_keywords   'PROTEIN BINDING' 
# 
loop_
_struct_asym.id 
_struct_asym.pdbx_blank_PDB_chainid_flag 
_struct_asym.pdbx_modified 
_struct_asym.entity_id 
_struct_asym.details 
A N N 1 ? 
B N N 2 ? 
C N N 3 ? 
# 
loop_
_struct_conf.conf_type_id 
_struct_conf.id 
_struct_conf.pdbx_PDB_helix_id 
_struct_conf.beg_label_comp_id 
_struct_conf.beg_label_asym_id 
_struct_conf.beg_label_seq_id 
_struct_conf.pdbx_beg_PDB_ins_code 
_struct_conf.end_label_comp_id 
_struct_conf.end_label_asym_id 
_struct_conf.end_label_seq_id 
_struct_conf.pdbx_end_PDB_ins_code 
_struct_conf.beg_auth_comp_id 
_struct_conf.beg_auth_asym_id 
_struct_conf.beg_auth_seq_id 
_struct_conf.end_auth_comp_id 
_struct_conf.end_auth_asym_id 
_struct_conf.end_auth_seq_id 
_struct_conf.pdbx_PDB_helix_class 
_struct_conf.details 
_struct_conf.pdbx_PDB_helix_length 
HELX_P HELX_P1 AA1 LYS A 10 ? ARG A 27  ? LYS A 1086 ARG A 1103 1 ? 18 
HELX_P HELX_P2 AA2 SER A 32 ? ARG A 36  ? SER A 1108 ARG A 1112 5 ? 5  
HELX_P HELX_P3 AA3 ASP A 40 ? GLY A 45  ? ASP A 1116 GLY A 1121 1 ? 6  
HELX_P HELX_P4 AA4 ASP A 48 ? VAL A 53  ? ASP A 1124 VAL A 1129 1 ? 6  
HELX_P HELX_P5 AA5 ASP A 58 ? THR A 68  ? ASP A 1134 THR A 1144 1 ? 11 
HELX_P HELX_P6 AA6 GLU A 73 ? ASN A 92  ? GLU A 1149 ASN A 1168 1 ? 20 
HELX_P HELX_P7 AA7 SER A 96 ? GLY A 121 ? SER A 1172 GLY A 1197 1 ? 26 
# 
_struct_conf_type.id          HELX_P 
_struct_conf_type.criteria    ? 
_struct_conf_type.reference   ? 
# 
_struct_mon_prot_cis.pdbx_id                1 
_struct_mon_prot_cis.label_comp_id          ASP 
_struct_mon_prot_cis.label_seq_id           29 
_struct_mon_prot_cis.label_asym_id          A 
_struct_mon_prot_cis.label_alt_id           . 
_struct_mon_prot_cis.pdbx_PDB_ins_code      ? 
_struct_mon_prot_cis.auth_comp_id           ASP 
_struct_mon_prot_cis.auth_seq_id            1105 
_struct_mon_prot_cis.auth_asym_id           A 
_struct_mon_prot_cis.pdbx_label_comp_id_2   PRO 
_struct_mon_prot_cis.pdbx_label_seq_id_2    30 
_struct_mon_prot_cis.pdbx_label_asym_id_2   A 
_struct_mon_prot_cis.pdbx_PDB_ins_code_2    ? 
_struct_mon_prot_cis.pdbx_auth_comp_id_2    PRO 
_struct_mon_prot_cis.pdbx_auth_seq_id_2     1106 
_struct_mon_prot_cis.pdbx_auth_asym_id_2    A 
_struct_mon_prot_cis.pdbx_PDB_model_num     1 
_struct_mon_prot_cis.pdbx_omega_angle       11.60 
# 
_atom_sites.entry_id                    7WX2 
_atom_sites.Cartn_transf_matrix[1][1]   ? 
_atom_sites.Cartn_transf_matrix[1][2]   ? 
_atom_sites.Cartn_transf_matrix[1][3]   ? 
_atom_sites.Cartn_transf_matrix[2][1]   ? 
_atom_sites.Cartn_transf_matrix[2][2]   ? 
_atom_sites.Cartn_transf_matrix[2][3]   ? 
_atom_sites.Cartn_transf_matrix[3][1]   ? 
_atom_sites.Cartn_transf_matrix[3][2]   ? 
_atom_sites.Cartn_transf_matrix[3][3]   ? 
_atom_sites.Cartn_transf_vector[1]      ? 
_atom_sites.Cartn_transf_vector[2]      ? 
_atom_sites.Cartn_transf_vector[3]      ? 
_atom_sites.fract_transf_matrix[1][1]   -0.00952376 
_atom_sites.fract_transf_matrix[1][2]   -0.02350771 
_atom_sites.fract_transf_matrix[1][3]   0.01437502 
_atom_sites.fract_transf_matrix[2][1]   0.00817002 
_atom_sites.fract_transf_matrix[2][2]   -0.01187761 
_atom_sites.fract_transf_matrix[2][3]   -0.01401084 
_atom_sites.fract_transf_matrix[3][1]   0.01055531 
_atom_sites.fract_transf_matrix[3][2]   -0.00033752 
_atom_sites.fract_transf_matrix[3][3]   0.00644116 
_atom_sites.fract_transf_vector[1]      -0.365957 
_atom_sites.fract_transf_vector[2]      -0.065873 
_atom_sites.fract_transf_vector[3]      0.091261 
_atom_sites.solution_primary            ? 
_atom_sites.solution_secondary          ? 
_atom_sites.solution_hydrogens          ? 
_atom_sites.special_details             ? 
# 
loop_
_atom_type.symbol 
C 
F 
N 
O 
S 
# 
loop_
_atom_site.group_PDB 
_atom_site.id 
_atom_site.type_symbol 
_atom_site.label_atom_id 
_atom_site.label_alt_id 
_atom_site.label_comp_id 
_atom_site.label_asym_id 
_atom_site.label_entity_id 
_atom_site.label_seq_id 
_atom_site.pdbx_PDB_ins_code 
_atom_site.Cartn_x 
_atom_site.Cartn_y 
_atom_site.Cartn_z 
_atom_site.occupancy 
_atom_site.B_iso_or_equiv 
_atom_site.pdbx_formal_charge 
_atom_site.auth_seq_id 
_atom_site.auth_comp_id 
_atom_site.auth_asym_id 
_atom_site.auth_atom_id 
_atom_site.pdbx_PDB_model_num 
ATOM   1    N N   . ARG A 1 5   ? 16.915  20.396  -0.191  1.00 85.43 ? 1081 ARG A N   1 
ATOM   2    C CA  . ARG A 1 5   ? 17.945  20.037  -1.203  1.00 85.72 ? 1081 ARG A CA  1 
ATOM   3    C C   . ARG A 1 5   ? 17.650  18.636  -1.738  1.00 87.75 ? 1081 ARG A C   1 
ATOM   4    O O   . ARG A 1 5   ? 17.359  17.727  -0.959  1.00 85.55 ? 1081 ARG A O   1 
ATOM   5    C CB  . ARG A 1 5   ? 19.342  20.113  -0.575  1.00 80.84 ? 1081 ARG A CB  1 
ATOM   6    C CG  . ARG A 1 5   ? 20.478  20.079  -1.587  1.00 79.05 ? 1081 ARG A CG  1 
ATOM   7    C CD  . ARG A 1 5   ? 21.871  19.960  -0.997  1.00 74.61 ? 1081 ARG A CD  1 
ATOM   8    N NE  . ARG A 1 5   ? 22.808  20.659  -1.870  1.00 80.29 ? 1081 ARG A NE  1 
ATOM   9    C CZ  . ARG A 1 5   ? 23.391  20.157  -2.959  1.00 75.97 ? 1081 ARG A CZ  1 
ATOM   10   N NH1 . ARG A 1 5   ? 23.161  18.910  -3.337  1.00 72.99 ? 1081 ARG A NH1 1 
ATOM   11   N NH2 . ARG A 1 5   ? 24.206  20.917  -3.670  1.00 69.79 ? 1081 ARG A NH2 1 
ATOM   12   N N   . LYS A 1 6   ? 17.733  18.484  -3.071  1.00 86.49 ? 1082 LYS A N   1 
ATOM   13   C CA  . LYS A 1 6   ? 17.631  17.193  -3.741  1.00 83.87 ? 1082 LYS A CA  1 
ATOM   14   C C   . LYS A 1 6   ? 18.598  16.204  -3.083  1.00 84.84 ? 1082 LYS A C   1 
ATOM   15   O O   . LYS A 1 6   ? 19.572  16.619  -2.452  1.00 93.12 ? 1082 LYS A O   1 
ATOM   16   C CB  . LYS A 1 6   ? 17.853  17.350  -5.252  1.00 80.97 ? 1082 LYS A CB  1 
ATOM   17   C CG  . LYS A 1 6   ? 16.800  18.180  -5.976  1.00 76.85 ? 1082 LYS A CG  1 
ATOM   18   C CD  . LYS A 1 6   ? 16.863  18.123  -7.492  1.00 71.32 ? 1082 LYS A CD  1 
ATOM   19   C CE  . LYS A 1 6   ? 15.541  18.513  -8.128  1.00 65.46 ? 1082 LYS A CE  1 
ATOM   20   N NZ  . LYS A 1 6   ? 15.668  18.865  -9.565  1.00 58.74 ? 1082 LYS A NZ  1 
ATOM   21   N N   . LYS A 1 7   ? 18.329  14.895  -3.226  1.00 73.57 ? 1083 LYS A N   1 
ATOM   22   C CA  . LYS A 1 7   ? 18.941  13.920  -2.337  1.00 58.74 ? 1083 LYS A CA  1 
ATOM   23   C C   . LYS A 1 7   ? 18.917  12.510  -2.930  1.00 47.85 ? 1083 LYS A C   1 
ATOM   24   O O   . LYS A 1 7   ? 17.996  12.113  -3.637  1.00 46.02 ? 1083 LYS A O   1 
ATOM   25   C CB  . LYS A 1 7   ? 18.199  13.958  -0.998  1.00 65.55 ? 1083 LYS A CB  1 
ATOM   26   C CG  . LYS A 1 7   ? 19.080  13.986  0.241   1.00 73.33 ? 1083 LYS A CG  1 
ATOM   27   C CD  . LYS A 1 7   ? 18.403  14.687  1.407   1.00 76.85 ? 1083 LYS A CD  1 
ATOM   28   C CE  . LYS A 1 7   ? 18.587  13.958  2.722   1.00 79.45 ? 1083 LYS A CE  1 
ATOM   29   N NZ  . LYS A 1 7   ? 18.097  12.557  2.638   1.00 81.63 ? 1083 LYS A NZ  1 
ATOM   30   N N   . ILE A 1 8   ? 19.942  11.731  -2.594  1.00 37.50 ? 1084 ILE A N   1 
ATOM   31   C CA  . ILE A 1 8   ? 20.011  10.346  -3.027  1.00 31.64 ? 1084 ILE A CA  1 
ATOM   32   C C   . ILE A 1 8   ? 19.694  9.457   -1.814  1.00 25.75 ? 1084 ILE A C   1 
ATOM   33   O O   . ILE A 1 8   ? 20.256  9.658   -0.742  1.00 32.35 ? 1084 ILE A O   1 
ATOM   34   C CB  . ILE A 1 8   ? 21.403  10.088  -3.654  1.00 34.12 ? 1084 ILE A CB  1 
ATOM   35   C CG1 . ILE A 1 8   ? 21.755  11.125  -4.728  1.00 34.93 ? 1084 ILE A CG1 1 
ATOM   36   C CG2 . ILE A 1 8   ? 21.520  8.678   -4.201  1.00 36.25 ? 1084 ILE A CG2 1 
ATOM   37   C CD1 . ILE A 1 8   ? 23.138  11.734  -4.536  1.00 38.30 ? 1084 ILE A CD1 1 
ATOM   38   N N   . PHE A 1 9   ? 18.818  8.457   -2.000  1.00 19.64 ? 1085 PHE A N   1 
ATOM   39   C CA  . PHE A 1 9   ? 18.430  7.524   -0.947  1.00 17.25 ? 1085 PHE A CA  1 
ATOM   40   C C   . PHE A 1 9   ? 18.953  6.133   -1.259  1.00 18.58 ? 1085 PHE A C   1 
ATOM   41   O O   . PHE A 1 9   ? 18.655  5.564   -2.312  1.00 21.45 ? 1085 PHE A O   1 
ATOM   42   C CB  . PHE A 1 9   ? 16.901  7.443   -0.829  1.00 15.26 ? 1085 PHE A CB  1 
ATOM   43   C CG  . PHE A 1 9   ? 16.274  8.755   -0.463  1.00 14.96 ? 1085 PHE A CG  1 
ATOM   44   C CD1 . PHE A 1 9   ? 15.912  9.620   -1.480  1.00 15.48 ? 1085 PHE A CD1 1 
ATOM   45   C CD2 . PHE A 1 9   ? 16.087  9.119   0.867   1.00 16.09 ? 1085 PHE A CD2 1 
ATOM   46   C CE1 . PHE A 1 9   ? 15.336  10.846  -1.189  1.00 17.75 ? 1085 PHE A CE1 1 
ATOM   47   C CE2 . PHE A 1 9   ? 15.521  10.364  1.155   1.00 16.86 ? 1085 PHE A CE2 1 
ATOM   48   C CZ  . PHE A 1 9   ? 15.139  11.178  0.131   1.00 17.75 ? 1085 PHE A CZ  1 
ATOM   49   N N   . LYS A 1 10  ? 19.619  5.558   -0.265  1.00 15.52 ? 1086 LYS A N   1 
ATOM   50   C CA  . LYS A 1 10  ? 20.133  4.194   -0.389  1.00 14.78 ? 1086 LYS A CA  1 
ATOM   51   C C   . LYS A 1 10  ? 19.020  3.176   -0.153  1.00 14.78 ? 1086 LYS A C   1 
ATOM   52   O O   . LYS A 1 10  ? 18.129  3.439   0.675   1.00 14.53 ? 1086 LYS A O   1 
ATOM   53   C CB  . LYS A 1 10  ? 21.298  3.982   0.575   1.00 18.35 ? 1086 LYS A CB  1 
ATOM   54   C CG  . LYS A 1 10  ? 22.496  4.903   0.350   1.00 20.95 ? 1086 LYS A CG  1 
ATOM   55   C CD  . LYS A 1 10  ? 23.553  4.747   1.456   1.00 22.93 ? 1086 LYS A CD  1 
ATOM   56   C CE  . LYS A 1 10  ? 24.783  5.594   1.211   1.00 26.40 ? 1086 LYS A CE  1 
ATOM   57   N NZ  . LYS A 1 10  ? 25.345  5.353   -0.142  1.00 38.07 ? 1086 LYS A NZ  1 
ATOM   58   N N   . PRO A 1 11  ? 19.013  2.008   -0.825  1.00 13.47 ? 1087 PRO A N   1 
ATOM   59   C CA  . PRO A 1 11  ? 17.947  1.034   -0.633  1.00 14.45 ? 1087 PRO A CA  1 
ATOM   60   C C   . PRO A 1 11  ? 17.751  0.631   0.818   1.00 12.95 ? 1087 PRO A C   1 
ATOM   61   O O   . PRO A 1 11  ? 16.623  0.489   1.283   1.00 12.72 ? 1087 PRO A O   1 
ATOM   62   C CB  . PRO A 1 11  ? 18.334  -0.173  -1.500  1.00 16.21 ? 1087 PRO A CB  1 
ATOM   63   C CG  . PRO A 1 11  ? 19.328  0.391   -2.485  1.00 19.51 ? 1087 PRO A CG  1 
ATOM   64   C CD  . PRO A 1 11  ? 20.011  1.574   -1.836  1.00 15.49 ? 1087 PRO A CD  1 
ATOM   65   N N   . GLU A 1 12  ? 18.848  0.495   1.585   1.00 13.09 ? 1088 GLU A N   1 
ATOM   66   C CA  . GLU A 1 12  ? 18.693  0.085   2.983   1.00 11.96 ? 1088 GLU A CA  1 
ATOM   67   C C   . GLU A 1 12  ? 18.126  1.219   3.855   1.00 12.29 ? 1088 GLU A C   1 
ATOM   68   O O   . GLU A 1 12  ? 17.416  0.965   4.848   1.00 12.51 ? 1088 GLU A O   1 
ATOM   69   C CB  . GLU A 1 12  ? 19.986  -0.480  3.563   1.00 13.55 ? 1088 GLU A CB  1 
ATOM   70   C CG  . GLU A 1 12  ? 19.831  -1.103  4.925   1.00 13.88 ? 1088 GLU A CG  1 
ATOM   71   C CD  . GLU A 1 12  ? 18.924  -2.289  5.045   1.00 14.22 ? 1088 GLU A CD  1 
ATOM   72   O OE1 . GLU A 1 12  ? 18.463  -2.833  4.014   1.00 16.86 ? 1088 GLU A OE1 1 
ATOM   73   O OE2 . GLU A 1 12  ? 18.695  -2.699  6.179   1.00 14.75 ? 1088 GLU A OE2 1 
ATOM   74   N N   . GLU A 1 13  ? 18.457  2.463   3.525   1.00 12.72 ? 1089 GLU A N   1 
ATOM   75   C CA  . GLU A 1 13  ? 17.885  3.605   4.235   1.00 13.24 ? 1089 GLU A CA  1 
ATOM   76   C C   . GLU A 1 13  ? 16.355  3.612   4.053   1.00 11.41 ? 1089 GLU A C   1 
ATOM   77   O O   . GLU A 1 13  ? 15.575  3.810   4.987   1.00 11.69 ? 1089 GLU A O   1 
ATOM   78   C CB  . GLU A 1 13  ? 18.536  4.863   3.683   1.00 14.95 ? 1089 GLU A CB  1 
ATOM   79   C CG  . GLU A 1 13  ? 17.962  6.158   4.166   1.00 20.55 ? 1089 GLU A CG  1 
ATOM   80   C CD  . GLU A 1 13  ? 18.611  7.300   3.403   1.00 25.81 ? 1089 GLU A CD  1 
ATOM   81   O OE1 . GLU A 1 13  ? 19.376  7.045   2.394   1.00 27.39 ? 1089 GLU A OE1 1 
ATOM   82   O OE2 . GLU A 1 13  ? 18.330  8.452   3.822   1.00 30.77 ? 1089 GLU A OE2 1 
ATOM   83   N N   . LEU A 1 14  ? 15.917  3.404   2.812   1.00 11.63 ? 1090 LEU A N   1 
ATOM   84   C CA  . LEU A 1 14  ? 14.483  3.383   2.530   1.00 11.02 ? 1090 LEU A CA  1 
ATOM   85   C C   . LEU A 1 14  ? 13.872  2.185   3.211   1.00 10.67 ? 1090 LEU A C   1 
ATOM   86   O O   . LEU A 1 14  ? 12.775  2.319   3.763   1.00 11.28 ? 1090 LEU A O   1 
ATOM   87   C CB  . LEU A 1 14  ? 14.235  3.309   1.020   1.00 11.82 ? 1090 LEU A CB  1 
ATOM   88   C CG  . LEU A 1 14  ? 14.667  4.570   0.300   1.00 12.66 ? 1090 LEU A CG  1 
ATOM   89   C CD1 . LEU A 1 14  ? 14.500  4.312   -1.207  1.00 17.73 ? 1090 LEU A CD1 1 
ATOM   90   C CD2 . LEU A 1 14  ? 13.934  5.799   0.841   1.00 16.17 ? 1090 LEU A CD2 1 
ATOM   91   N N   . ARG A 1 15  ? 14.518  1.000   3.211   1.00 10.49 ? 1091 ARG A N   1 
ATOM   92   C CA  . ARG A 1 15  ? 13.922  -0.152  3.833   1.00 10.68 ? 1091 ARG A CA  1 
ATOM   93   C C   . ARG A 1 15  ? 13.767  0.089   5.330   1.00 10.54 ? 1091 ARG A C   1 
ATOM   94   O O   . ARG A 1 15  ? 12.711  -0.154  5.920   1.00 10.97 ? 1091 ARG A O   1 
ATOM   95   C CB  . ARG A 1 15  ? 14.712  -1.416  3.476   1.00 12.64 ? 1091 ARG A CB  1 
ATOM   96   C CG  . ARG A 1 15  ? 13.952  -2.666  3.879   1.00 15.48 ? 1091 ARG A CG  1 
ATOM   97   C CD  . ARG A 1 15  ? 14.757  -3.908  3.456   1.00 17.58 ? 1091 ARG A CD  1 
ATOM   98   N NE  . ARG A 1 15  ? 15.853  -4.083  4.403   1.00 16.98 ? 1091 ARG A NE  1 
ATOM   99   C CZ  . ARG A 1 15  ? 15.819  -4.882  5.479   1.00 18.53 ? 1091 ARG A CZ  1 
ATOM   100  N NH1 . ARG A 1 15  ? 14.771  -5.653  5.728   1.00 21.75 ? 1091 ARG A NH1 1 
ATOM   101  N NH2 . ARG A 1 15  ? 16.832  -4.891  6.323   1.00 17.43 ? 1091 ARG A NH2 1 
ATOM   102  N N   . GLN A 1 16  ? 14.822  0.611   5.993   1.00 9.78  ? 1092 GLN A N   1 
ATOM   103  C CA  . GLN A 1 16  ? 14.741  0.805   7.433   1.00 9.89  ? 1092 GLN A CA  1 
ATOM   104  C C   . GLN A 1 16  ? 13.643  1.827   7.796   1.00 10.17 ? 1092 GLN A C   1 
ATOM   105  O O   . GLN A 1 16  ? 13.013  1.680   8.849   1.00 11.38 ? 1092 GLN A O   1 
ATOM   106  C CB  . GLN A 1 16  ? 16.100  1.274   7.980   1.00 10.00 ? 1092 GLN A CB  1 
ATOM   107  C CG  . GLN A 1 16  ? 17.162  0.176   8.048   1.00 10.69 ? 1092 GLN A CG  1 
ATOM   108  C CD  . GLN A 1 16  ? 16.830  -0.907  9.023   1.00 12.08 ? 1092 GLN A CD  1 
ATOM   109  O OE1 . GLN A 1 16  ? 16.294  -0.662  10.106  1.00 11.96 ? 1092 GLN A OE1 1 
ATOM   110  N NE2 . GLN A 1 16  ? 17.194  -2.152  8.674   1.00 14.55 ? 1092 GLN A NE2 1 
ATOM   111  N N   . ALA A 1 17  ? 13.570  2.889   7.009   1.00 9.73  ? 1093 ALA A N   1 
ATOM   112  C CA  . ALA A 1 17  ? 12.610  3.949   7.321   1.00 9.95  ? 1093 ALA A CA  1 
ATOM   113  C C   . ALA A 1 17  ? 11.172  3.519   6.988   1.00 9.13  ? 1093 ALA A C   1 
ATOM   114  O O   . ALA A 1 17  ? 10.220  3.816   7.734   1.00 10.59 ? 1093 ALA A O   1 
ATOM   115  C CB  . ALA A 1 17  ? 12.954  5.209   6.554   1.00 10.50 ? 1093 ALA A CB  1 
ATOM   116  N N   . LEU A 1 18  ? 10.980  2.880   5.844   1.00 8.89  ? 1094 LEU A N   1 
ATOM   117  C CA  . LEU A 1 18  ? 9.633   2.677   5.302   1.00 9.00  ? 1094 LEU A CA  1 
ATOM   118  C C   . LEU A 1 18  ? 9.031   1.333   5.676   1.00 9.88  ? 1094 LEU A C   1 
ATOM   119  O O   . LEU A 1 18  ? 7.789   1.251   5.792   1.00 10.09 ? 1094 LEU A O   1 
ATOM   120  C CB  . LEU A 1 18  ? 9.633   2.838   3.787   1.00 9.64  ? 1094 LEU A CB  1 
ATOM   121  C CG  . LEU A 1 18  ? 10.095  4.224   3.304   1.00 9.74  ? 1094 LEU A CG  1 
ATOM   122  C CD1 . LEU A 1 18  ? 10.230  4.243   1.799   1.00 12.29 ? 1094 LEU A CD1 1 
ATOM   123  C CD2 . LEU A 1 18  ? 9.165   5.332   3.754   1.00 10.94 ? 1094 LEU A CD2 1 
ATOM   124  N N   . MET A 1 19  ? 9.811   0.276   5.906   1.00 10.42 ? 1095 MET A N   1 
ATOM   125  C CA  . MET A 1 19  ? 9.223   -1.023  6.189   1.00 10.97 ? 1095 MET A CA  1 
ATOM   126  C C   . MET A 1 19  ? 8.370   -0.946  7.454   1.00 11.65 ? 1095 MET A C   1 
ATOM   127  O O   . MET A 1 19  ? 7.273   -1.546  7.465   1.00 11.94 ? 1095 MET A O   1 
ATOM   128  C CB  . MET A 1 19  ? 10.281  -2.138  6.271   1.00 13.84 ? 1095 MET A CB  1 
ATOM   129  C CG  . MET A 1 19  ? 9.613   -3.525  6.246   1.00 15.94 ? 1095 MET A CG  1 
ATOM   130  S SD  . MET A 1 19  ? 8.766   -3.990  4.729   1.00 18.42 ? 1095 MET A SD  1 
ATOM   131  C CE  . MET A 1 19  ? 10.169  -4.365  3.672   1.00 21.55 ? 1095 MET A CE  1 
ATOM   132  N N   . PRO A 1 20  ? 8.708   -0.214  8.502   1.00 9.99  ? 1096 PRO A N   1 
ATOM   133  C CA  . PRO A 1 20  ? 7.828   -0.160  9.668   1.00 11.27 ? 1096 PRO A CA  1 
ATOM   134  C C   . PRO A 1 20  ? 6.453   0.409   9.326   1.00 10.30 ? 1096 PRO A C   1 
ATOM   135  O O   . PRO A 1 20  ? 5.449   0.052   9.960   1.00 11.68 ? 1096 PRO A O   1 
ATOM   136  C CB  . PRO A 1 20  ? 8.594   0.691   10.680  1.00 12.02 ? 1096 PRO A CB  1 
ATOM   137  C CG  . PRO A 1 20  ? 10.056  0.407   10.297  1.00 13.50 ? 1096 PRO A CG  1 
ATOM   138  C CD  . PRO A 1 20  ? 10.043  0.382   8.781   1.00 10.99 ? 1096 PRO A CD  1 
ATOM   139  N N   . THR A 1 21  ? 6.372   1.359   8.369   1.00 9.68  ? 1097 THR A N   1 
ATOM   140  C CA  . THR A 1 21  ? 5.065   1.913   7.986   1.00 9.77  ? 1097 THR A CA  1 
ATOM   141  C C   . THR A 1 21  ? 4.236   0.860   7.274   1.00 10.13 ? 1097 THR A C   1 
ATOM   142  O O   . THR A 1 21  ? 2.999   0.816   7.470   1.00 11.05 ? 1097 THR A O   1 
ATOM   143  C CB  . THR A 1 21  ? 5.241   3.190   7.159   1.00 9.48  ? 1097 THR A CB  1 
ATOM   144  O OG1 . THR A 1 21  ? 5.659   2.906   5.831   1.00 9.47  ? 1097 THR A OG1 1 
ATOM   145  C CG2 . THR A 1 21  ? 6.126   4.237   7.807   1.00 11.48 ? 1097 THR A CG2 1 
ATOM   146  N N   . LEU A 1 22  ? 4.875   -0.005  6.512   1.00 9.50  ? 1098 LEU A N   1 
ATOM   147  C CA  . LEU A 1 22  ? 4.168   -1.094  5.861   1.00 10.96 ? 1098 LEU A CA  1 
ATOM   148  C C   . LEU A 1 22  ? 3.700   -2.108  6.902   1.00 11.54 ? 1098 LEU A C   1 
ATOM   149  O O   . LEU A 1 22  ? 2.563   -2.613  6.822   1.00 11.74 ? 1098 LEU A O   1 
ATOM   150  C CB  . LEU A 1 22  ? 5.025   -1.752  4.791   1.00 12.44 ? 1098 LEU A CB  1 
ATOM   151  C CG  . LEU A 1 22  ? 4.194   -2.549  3.770   1.00 14.28 ? 1098 LEU A CG  1 
ATOM   152  C CD1 . LEU A 1 22  ? 3.369   -1.658  2.913   1.00 15.94 ? 1098 LEU A CD1 1 
ATOM   153  C CD2 . LEU A 1 22  ? 5.136   -3.338  2.919   1.00 16.44 ? 1098 LEU A CD2 1 
ATOM   154  N N   . GLU A 1 23  ? 4.559   -2.419  7.882   1.00 10.39 ? 1099 GLU A N   1 
ATOM   155  C CA  . GLU A 1 23  ? 4.172   -3.384  8.916   1.00 11.58 ? 1099 GLU A CA  1 
ATOM   156  C C   . GLU A 1 23  ? 3.004   -2.828  9.705   1.00 11.46 ? 1099 GLU A C   1 
ATOM   157  O O   . GLU A 1 23  ? 2.143   -3.619  10.120  1.00 12.12 ? 1099 GLU A O   1 
ATOM   158  C CB  . GLU A 1 23  ? 5.374   -3.642  9.839   1.00 13.16 ? 1099 GLU A CB  1 
ATOM   159  C CG  . GLU A 1 23  ? 6.468   -4.460  9.174   1.00 18.85 ? 1099 GLU A CG  1 
ATOM   160  C CD  . GLU A 1 23  ? 6.140   -5.923  8.854   1.00 27.44 ? 1099 GLU A CD  1 
ATOM   161  O OE1 . GLU A 1 23  ? 5.013   -6.376  9.147   1.00 29.64 ? 1099 GLU A OE1 1 
ATOM   162  O OE2 . GLU A 1 23  ? 7.044   -6.624  8.318   1.00 31.70 ? 1099 GLU A OE2 1 
ATOM   163  N N   . ALA A 1 24  ? 2.894   -1.524  9.874   1.00 10.64 ? 1100 ALA A N   1 
ATOM   164  C CA  . ALA A 1 24  ? 1.766   -0.949  10.611  1.00 11.80 ? 1100 ALA A CA  1 
ATOM   165  C C   . ALA A 1 24  ? 0.462   -1.249  9.886   1.00 12.38 ? 1100 ALA A C   1 
ATOM   166  O O   . ALA A 1 24  ? -0.587  -1.458  10.548  1.00 14.40 ? 1100 ALA A O   1 
ATOM   167  C CB  . ALA A 1 24  ? 1.905   0.538   10.744  1.00 11.85 ? 1100 ALA A CB  1 
ATOM   168  N N   . LEU A 1 25  ? 0.494   -1.281  8.576   1.00 10.41 ? 1101 LEU A N   1 
ATOM   169  C CA  . LEU A 1 25  ? -0.723  -1.688  7.866   1.00 11.28 ? 1101 LEU A CA  1 
ATOM   170  C C   . LEU A 1 25  ? -0.995  -3.164  8.057   1.00 12.42 ? 1101 LEU A C   1 
ATOM   171  O O   . LEU A 1 25  ? -2.145  -3.529  8.323   1.00 11.82 ? 1101 LEU A O   1 
ATOM   172  C CB  . LEU A 1 25  ? -0.581  -1.303  6.415   1.00 11.11 ? 1101 LEU A CB  1 
ATOM   173  C CG  . LEU A 1 25  ? -0.285  0.190   6.136   1.00 11.33 ? 1101 LEU A CG  1 
ATOM   174  C CD1 . LEU A 1 25  ? -0.296  0.468   4.658   1.00 13.20 ? 1101 LEU A CD1 1 
ATOM   175  C CD2 . LEU A 1 25  ? -1.320  1.106   6.821   1.00 13.91 ? 1101 LEU A CD2 1 
ATOM   176  N N   A TYR A 1 26  ? -0.009  -4.031  7.805   0.45 10.64 ? 1102 TYR A N   1 
ATOM   177  N N   B TYR A 1 26  ? 0.054   -3.989  7.978   0.55 13.64 ? 1102 TYR A N   1 
ATOM   178  C CA  A TYR A 1 26  ? -0.242  -5.456  8.072   0.45 10.12 ? 1102 TYR A CA  1 
ATOM   179  C CA  B TYR A 1 26  ? -0.176  -5.431  8.043   0.55 15.78 ? 1102 TYR A CA  1 
ATOM   180  C C   A TYR A 1 26  ? -0.837  -5.669  9.461   0.45 10.46 ? 1102 TYR A C   1 
ATOM   181  C C   B TYR A 1 26  ? -0.688  -5.760  9.448   0.55 13.86 ? 1102 TYR A C   1 
ATOM   182  O O   A TYR A 1 26  ? -1.682  -6.582  9.653   0.45 12.87 ? 1102 TYR A O   1 
ATOM   183  O O   B TYR A 1 26  ? -1.357  -6.807  9.613   0.55 17.69 ? 1102 TYR A O   1 
ATOM   184  C CB  A TYR A 1 26  ? 1.115   -6.175  8.007   0.45 9.53  ? 1102 TYR A CB  1 
ATOM   185  C CB  B TYR A 1 26  ? 1.128   -6.145  7.625   0.55 20.50 ? 1102 TYR A CB  1 
ATOM   186  C CG  A TYR A 1 26  ? 1.540   -6.561  6.600   0.45 7.64  ? 1102 TYR A CG  1 
ATOM   187  C CG  B TYR A 1 26  ? 1.061   -7.488  6.924   0.55 24.63 ? 1102 TYR A CG  1 
ATOM   188  C CD1 A TYR A 1 26  ? 1.081   -7.736  6.011   0.45 7.88  ? 1102 TYR A CD1 1 
ATOM   189  C CD1 B TYR A 1 26  ? 0.959   -8.667  7.647   0.55 28.66 ? 1102 TYR A CD1 1 
ATOM   190  C CD2 A TYR A 1 26  ? 2.490   -5.842  5.880   0.45 8.66  ? 1102 TYR A CD2 1 
ATOM   191  C CD2 B TYR A 1 26  ? 1.169   -7.601  5.542   0.55 24.46 ? 1102 TYR A CD2 1 
ATOM   192  C CE1 A TYR A 1 26  ? 1.454   -8.097  4.731   0.45 9.00  ? 1102 TYR A CE1 1 
ATOM   193  C CE1 B TYR A 1 26  ? 0.931   -9.908  7.022   0.55 29.70 ? 1102 TYR A CE1 1 
ATOM   194  C CE2 A TYR A 1 26  ? 2.895   -6.225  4.624   0.45 9.09  ? 1102 TYR A CE2 1 
ATOM   195  C CE2 B TYR A 1 26  ? 1.162   -8.833  4.899   0.55 29.90 ? 1102 TYR A CE2 1 
ATOM   196  C CZ  A TYR A 1 26  ? 2.398   -7.368  4.046   0.45 9.23  ? 1102 TYR A CZ  1 
ATOM   197  C CZ  B TYR A 1 26  ? 1.037   -9.997  5.641   0.55 28.64 ? 1102 TYR A CZ  1 
ATOM   198  O OH  A TYR A 1 26  ? 2.835   -7.782  2.834   0.45 9.87  ? 1102 TYR A OH  1 
ATOM   199  O OH  B TYR A 1 26  ? 1.008   -11.225 5.019   0.55 31.11 ? 1102 TYR A OH  1 
ATOM   200  N N   . ARG A 1 27  ? -0.414  -4.955  10.469  1.00 13.53 ? 1103 ARG A N   1 
ATOM   201  C CA  . ARG A 1 27  ? -0.870  -5.285  11.810  1.00 15.29 ? 1103 ARG A CA  1 
ATOM   202  C C   . ARG A 1 27  ? -2.372  -5.036  11.954  1.00 16.13 ? 1103 ARG A C   1 
ATOM   203  O O   . ARG A 1 27  ? -2.948  -5.463  12.967  1.00 17.10 ? 1103 ARG A O   1 
ATOM   204  C CB  . ARG A 1 27  ? -0.077  -4.452  12.823  1.00 16.72 ? 1103 ARG A CB  1 
ATOM   205  C CG  . ARG A 1 27  ? 1.294   -5.031  13.163  1.00 22.76 ? 1103 ARG A CG  1 
ATOM   206  C CD  . ARG A 1 27  ? 1.865   -4.374  14.416  1.00 27.73 ? 1103 ARG A CD  1 
ATOM   207  N NE  . ARG A 1 27  ? 1.997   -2.910  14.366  1.00 28.76 ? 1103 ARG A NE  1 
ATOM   208  C CZ  . ARG A 1 27  ? 3.077   -2.270  13.898  1.00 25.25 ? 1103 ARG A CZ  1 
ATOM   209  N NH1 . ARG A 1 27  ? 3.120   -0.955  13.897  1.00 26.54 ? 1103 ARG A NH1 1 
ATOM   210  N NH2 . ARG A 1 27  ? 4.097   -2.968  13.429  1.00 27.77 ? 1103 ARG A NH2 1 
ATOM   211  N N   . GLN A 1 28  ? -3.038  -4.303  11.040  1.00 12.08 ? 1104 GLN A N   1 
ATOM   212  C CA  . GLN A 1 28  ? -4.438  -3.957  11.284  1.00 11.35 ? 1104 GLN A CA  1 
ATOM   213  C C   . GLN A 1 28  ? -5.317  -5.161  11.049  1.00 10.60 ? 1104 GLN A C   1 
ATOM   214  O O   . GLN A 1 28  ? -5.292  -5.825  10.038  1.00 13.30 ? 1104 GLN A O   1 
ATOM   215  C CB  . GLN A 1 28  ? -4.898  -2.843  10.349  1.00 12.17 ? 1104 GLN A CB  1 
ATOM   216  C CG  . GLN A 1 28  ? -4.023  -1.625  10.455  1.00 13.01 ? 1104 GLN A CG  1 
ATOM   217  C CD  . GLN A 1 28  ? -3.852  -1.102  11.864  1.00 12.47 ? 1104 GLN A CD  1 
ATOM   218  O OE1 . GLN A 1 28  ? -4.868  -0.825  12.564  1.00 14.44 ? 1104 GLN A OE1 1 
ATOM   219  N NE2 . GLN A 1 28  ? -2.602  -0.924  12.313  1.00 14.90 ? 1104 GLN A NE2 1 
ATOM   220  N N   . ASP A 1 29  ? -6.203  -5.433  12.013  1.00 10.25 ? 1105 ASP A N   1 
ATOM   221  C CA  . ASP A 1 29  ? -7.156  -6.533  11.902  1.00 10.65 ? 1105 ASP A CA  1 
ATOM   222  C C   . ASP A 1 29  ? -8.485  -5.934  12.367  1.00 9.63  ? 1105 ASP A C   1 
ATOM   223  O O   . ASP A 1 29  ? -8.505  -5.304  13.412  1.00 11.45 ? 1105 ASP A O   1 
ATOM   224  C CB  . ASP A 1 29  ? -6.710  -7.722  12.774  1.00 11.41 ? 1105 ASP A CB  1 
ATOM   225  C CG  . ASP A 1 29  ? -7.531  -9.006  12.628  1.00 14.44 ? 1105 ASP A CG  1 
ATOM   226  O OD1 . ASP A 1 29  ? -8.784  -8.997  12.684  1.00 13.59 ? 1105 ASP A OD1 1 
ATOM   227  O OD2 . ASP A 1 29  ? -6.900  -10.047 12.411  1.00 19.90 ? 1105 ASP A OD2 1 
ATOM   228  N N   . PRO A 1 30  ? -9.585  -6.063  11.619  1.00 8.77  ? 1106 PRO A N   1 
ATOM   229  C CA  . PRO A 1 30  ? -9.718  -6.943  10.466  1.00 9.36  ? 1106 PRO A CA  1 
ATOM   230  C C   . PRO A 1 30  ? -9.252  -6.368  9.128   1.00 8.72  ? 1106 PRO A C   1 
ATOM   231  O O   . PRO A 1 30  ? -9.417  -6.986  8.095   1.00 10.23 ? 1106 PRO A O   1 
ATOM   232  C CB  . PRO A 1 30  ? -11.257 -7.136  10.401  1.00 10.98 ? 1106 PRO A CB  1 
ATOM   233  C CG  . PRO A 1 30  ? -11.806 -5.811  10.901  1.00 10.68 ? 1106 PRO A CG  1 
ATOM   234  C CD  . PRO A 1 30  ? -10.860 -5.469  12.038  1.00 9.97  ? 1106 PRO A CD  1 
ATOM   235  N N   . GLU A 1 31  ? -8.764  -5.125  9.137   1.00 8.67  ? 1107 GLU A N   1 
ATOM   236  C CA  . GLU A 1 31  ? -8.768  -4.341  7.881   1.00 9.08  ? 1107 GLU A CA  1 
ATOM   237  C C   . GLU A 1 31  ? -7.670  -4.739  6.910   1.00 8.86  ? 1107 GLU A C   1 
ATOM   238  O O   . GLU A 1 31  ? -7.857  -4.565  5.710   1.00 10.00 ? 1107 GLU A O   1 
ATOM   239  C CB  . GLU A 1 31  ? -8.690  -2.838  8.203   1.00 10.18 ? 1107 GLU A CB  1 
ATOM   240  C CG  . GLU A 1 31  ? -9.870  -2.357  9.039   1.00 10.51 ? 1107 GLU A CG  1 
ATOM   241  C CD  . GLU A 1 31  ? -9.637  -2.344  10.533  1.00 10.55 ? 1107 GLU A CD  1 
ATOM   242  O OE1 . GLU A 1 31  ? -8.653  -2.972  10.997  1.00 10.70 ? 1107 GLU A OE1 1 
ATOM   243  O OE2 . GLU A 1 31  ? -10.478 -1.770  11.234  1.00 13.15 ? 1107 GLU A OE2 1 
ATOM   244  N N   . SER A 1 32  ? -6.554  -5.280  7.360   1.00 8.78  ? 1108 SER A N   1 
ATOM   245  C CA  . SER A 1 32  ? -5.460  -5.529  6.417   1.00 9.61  ? 1108 SER A CA  1 
ATOM   246  C C   . SER A 1 32  ? -5.656  -6.776  5.566   1.00 9.47  ? 1108 SER A C   1 
ATOM   247  O O   . SER A 1 32  ? -5.048  -6.882  4.503   1.00 9.07  ? 1108 SER A O   1 
ATOM   248  C CB  . SER A 1 32  ? -4.095  -5.575  7.018   1.00 11.91 ? 1108 SER A CB  1 
ATOM   249  O OG  . SER A 1 32  ? -3.998  -6.658  7.797   1.00 15.27 ? 1108 SER A OG  1 
ATOM   250  N N   . LEU A 1 33  ? -6.491  -7.724  6.039   1.00 10.00 ? 1109 LEU A N   1 
ATOM   251  C CA  . LEU A 1 33  ? -6.475  -9.047  5.409   1.00 10.97 ? 1109 LEU A CA  1 
ATOM   252  C C   . LEU A 1 33  ? -6.677  -8.997  3.907   1.00 11.03 ? 1109 LEU A C   1 
ATOM   253  O O   . LEU A 1 33  ? -5.900  -9.604  3.149   1.00 12.01 ? 1109 LEU A O   1 
ATOM   254  C CB  . LEU A 1 33  ? -7.495  -10.002 6.070   1.00 15.08 ? 1109 LEU A CB  1 
ATOM   255  C CG  . LEU A 1 33  ? -7.806  -11.309 5.304   1.00 17.81 ? 1109 LEU A CG  1 
ATOM   256  C CD1 . LEU A 1 33  ? -8.848  -11.303 4.159   1.00 22.63 ? 1109 LEU A CD1 1 
ATOM   257  C CD2 . LEU A 1 33  ? -6.606  -12.240 5.136   1.00 21.30 ? 1109 LEU A CD2 1 
ATOM   258  N N   . PRO A 1 34  ? -7.651  -8.250  3.368   1.00 9.66  ? 1110 PRO A N   1 
ATOM   259  C CA  . PRO A 1 34  ? -7.845  -8.272  1.919   1.00 10.64 ? 1110 PRO A CA  1 
ATOM   260  C C   . PRO A 1 34  ? -6.745  -7.622  1.095   1.00 9.83  ? 1110 PRO A C   1 
ATOM   261  O O   . PRO A 1 34  ? -6.750  -7.725  -0.123  1.00 10.58 ? 1110 PRO A O   1 
ATOM   262  C CB  . PRO A 1 34  ? -9.240  -7.671  1.705   1.00 12.52 ? 1110 PRO A CB  1 
ATOM   263  C CG  . PRO A 1 34  ? -9.454  -6.836  2.959   1.00 12.73 ? 1110 PRO A CG  1 
ATOM   264  C CD  . PRO A 1 34  ? -8.723  -7.526  4.083   1.00 11.31 ? 1110 PRO A CD  1 
ATOM   265  N N   . PHE A 1 35  ? -5.839  -6.921  1.780   1.00 9.66  ? 1111 PHE A N   1 
ATOM   266  C CA  . PHE A 1 35  ? -4.759  -6.168  1.112   1.00 9.66  ? 1111 PHE A CA  1 
ATOM   267  C C   . PHE A 1 35  ? -3.436  -6.918  1.157   1.00 9.95  ? 1111 PHE A C   1 
ATOM   268  O O   . PHE A 1 35  ? -2.461  -6.465  0.562   1.00 10.59 ? 1111 PHE A O   1 
ATOM   269  C CB  . PHE A 1 35  ? -4.584  -4.770  1.714   1.00 9.30  ? 1111 PHE A CB  1 
ATOM   270  C CG  . PHE A 1 35  ? -5.834  -3.954  1.542   1.00 9.01  ? 1111 PHE A CG  1 
ATOM   271  C CD1 . PHE A 1 35  ? -5.994  -3.219  0.376   1.00 9.92  ? 1111 PHE A CD1 1 
ATOM   272  C CD2 . PHE A 1 35  ? -6.842  -3.960  2.513   1.00 9.83  ? 1111 PHE A CD2 1 
ATOM   273  C CE1 . PHE A 1 35  ? -7.181  -2.519  0.184   1.00 10.24 ? 1111 PHE A CE1 1 
ATOM   274  C CE2 . PHE A 1 35  ? -8.001  -3.227  2.303   1.00 10.69 ? 1111 PHE A CE2 1 
ATOM   275  C CZ  . PHE A 1 35  ? -8.169  -2.529  1.145   1.00 9.94  ? 1111 PHE A CZ  1 
ATOM   276  N N   . ARG A 1 36  ? -3.396  -8.106  1.783   1.00 10.65 ? 1112 ARG A N   1 
ATOM   277  C CA  . ARG A 1 36  ? -2.115  -8.777  2.018   1.00 11.33 ? 1112 ARG A CA  1 
ATOM   278  C C   . ARG A 1 36  ? -1.587  -9.395  0.735   1.00 12.58 ? 1112 ARG A C   1 
ATOM   279  O O   . ARG A 1 36  ? -0.344  -9.561  0.619   1.00 15.51 ? 1112 ARG A O   1 
ATOM   280  C CB  . ARG A 1 36  ? -2.231  -9.789  3.165   1.00 14.48 ? 1112 ARG A CB  1 
ATOM   281  C CG  . ARG A 1 36  ? -2.431  -9.119  4.513   1.00 15.98 ? 1112 ARG A CG  1 
ATOM   282  C CD  . ARG A 1 36  ? -2.636  -10.026 5.722   1.00 19.15 ? 1112 ARG A CD  1 
ATOM   283  N NE  . ARG A 1 36  ? -2.730  -9.309  6.993   1.00 18.18 ? 1112 ARG A NE  1 
ATOM   284  C CZ  . ARG A 1 36  ? -3.152  -9.831  8.143   1.00 22.50 ? 1112 ARG A CZ  1 
ATOM   285  N NH1 . ARG A 1 36  ? -3.474  -11.115 8.182   1.00 28.51 ? 1112 ARG A NH1 1 
ATOM   286  N NH2 . ARG A 1 36  ? -3.197  -9.116  9.254   1.00 22.18 ? 1112 ARG A NH2 1 
ATOM   287  N N   . GLN A 1 37  ? -2.411  -9.833  -0.184  1.00 11.73 ? 1113 GLN A N   1 
ATOM   288  C CA  . GLN A 1 37  ? -1.973  -10.542 -1.373  1.00 12.67 ? 1113 GLN A CA  1 
ATOM   289  C C   . GLN A 1 37  ? -2.595  -9.917  -2.599  1.00 12.19 ? 1113 GLN A C   1 
ATOM   290  O O   . GLN A 1 37  ? -3.636  -9.219  -2.446  1.00 11.97 ? 1113 GLN A O   1 
ATOM   291  C CB  . GLN A 1 37  ? -2.386  -12.013 -1.265  1.00 14.71 ? 1113 GLN A CB  1 
ATOM   292  C CG  . GLN A 1 37  ? -1.593  -12.776 -0.222  1.00 18.22 ? 1113 GLN A CG  1 
ATOM   293  C CD  . GLN A 1 37  ? -0.150  -12.971 -0.603  1.00 20.02 ? 1113 GLN A CD  1 
ATOM   294  O OE1 . GLN A 1 37  ? 0.191   -13.172 -1.767  1.00 25.57 ? 1113 GLN A OE1 1 
ATOM   295  N NE2 . GLN A 1 37  ? 0.707   -12.947 0.395   1.00 24.30 ? 1113 GLN A NE2 1 
ATOM   296  N N   . PRO A 1 38  ? -2.110  -10.077 -3.834  1.00 12.25 ? 1114 PRO A N   1 
ATOM   297  C CA  . PRO A 1 38  ? -2.778  -9.499  -4.988  1.00 12.74 ? 1114 PRO A CA  1 
ATOM   298  C C   . PRO A 1 38  ? -4.210  -10.032 -5.058  1.00 12.72 ? 1114 PRO A C   1 
ATOM   299  O O   . PRO A 1 38  ? -4.483  -11.195 -4.795  1.00 14.35 ? 1114 PRO A O   1 
ATOM   300  C CB  . PRO A 1 38  ? -1.982  -10.031 -6.202  1.00 13.72 ? 1114 PRO A CB  1 
ATOM   301  C CG  . PRO A 1 38  ? -0.599  -10.283 -5.608  1.00 14.92 ? 1114 PRO A CG  1 
ATOM   302  C CD  . PRO A 1 38  ? -0.862  -10.807 -4.219  1.00 12.94 ? 1114 PRO A CD  1 
ATOM   303  N N   . VAL A 1 39  ? -5.143  -9.172  -5.452  1.00 11.44 ? 1115 VAL A N   1 
ATOM   304  C CA  . VAL A 1 39  ? -6.514  -9.613  -5.720  1.00 12.68 ? 1115 VAL A CA  1 
ATOM   305  C C   . VAL A 1 39  ? -6.425  -10.725 -6.778  1.00 13.29 ? 1115 VAL A C   1 
ATOM   306  O O   . VAL A 1 39  ? -5.833  -10.533 -7.835  1.00 13.91 ? 1115 VAL A O   1 
ATOM   307  C CB  . VAL A 1 39  ? -7.348  -8.415  -6.215  1.00 11.66 ? 1115 VAL A CB  1 
ATOM   308  C CG1 . VAL A 1 39  ? -8.769  -8.812  -6.623  1.00 12.84 ? 1115 VAL A CG1 1 
ATOM   309  C CG2 . VAL A 1 39  ? -7.422  -7.293  -5.180  1.00 12.61 ? 1115 VAL A CG2 1 
ATOM   310  N N   . ASP A 1 40  ? -7.174  -11.797 -6.512  1.00 13.88 ? 1116 ASP A N   1 
ATOM   311  C CA  . ASP A 1 40  ? -7.343  -12.909 -7.456  1.00 14.64 ? 1116 ASP A CA  1 
ATOM   312  C C   . ASP A 1 40  ? -8.803  -12.941 -7.946  1.00 13.79 ? 1116 ASP A C   1 
ATOM   313  O O   . ASP A 1 40  ? -9.639  -13.517 -7.244  1.00 14.64 ? 1116 ASP A O   1 
ATOM   314  C CB  . ASP A 1 40  ? -6.935  -14.218 -6.781  1.00 17.50 ? 1116 ASP A CB  1 
ATOM   315  C CG  . ASP A 1 40  ? -6.982  -15.453 -7.661  1.00 20.60 ? 1116 ASP A CG  1 
ATOM   316  O OD1 . ASP A 1 40  ? -7.685  -15.444 -8.708  1.00 20.04 ? 1116 ASP A OD1 1 
ATOM   317  O OD2 . ASP A 1 40  ? -6.326  -16.428 -7.217  1.00 27.18 ? 1116 ASP A OD2 1 
ATOM   318  N N   . PRO A 1 41  ? -9.105  -12.333 -9.109  1.00 13.29 ? 1117 PRO A N   1 
ATOM   319  C CA  . PRO A 1 41  ? -10.518 -12.223 -9.525  1.00 14.66 ? 1117 PRO A CA  1 
ATOM   320  C C   . PRO A 1 41  ? -11.200 -13.572 -9.743  1.00 15.96 ? 1117 PRO A C   1 
ATOM   321  O O   . PRO A 1 41  ? -12.399 -13.690 -9.502  1.00 17.29 ? 1117 PRO A O   1 
ATOM   322  C CB  . PRO A 1 41  ? -10.425 -11.407 -10.809 1.00 15.78 ? 1117 PRO A CB  1 
ATOM   323  C CG  . PRO A 1 41  ? -9.173  -10.547 -10.567 1.00 15.26 ? 1117 PRO A CG  1 
ATOM   324  C CD  . PRO A 1 41  ? -8.217  -11.548 -9.977  1.00 16.42 ? 1117 PRO A CD  1 
ATOM   325  N N   . GLN A 1 42  ? -10.432 -14.590 -10.134 1.00 17.41 ? 1118 GLN A N   1 
ATOM   326  C CA  . GLN A 1 42  ? -11.033 -15.897 -10.391 1.00 18.79 ? 1118 GLN A CA  1 
ATOM   327  C C   . GLN A 1 42  ? -11.442 -16.522 -9.081  1.00 18.30 ? 1118 GLN A C   1 
ATOM   328  O O   . GLN A 1 42  ? -12.586 -16.943 -8.925  1.00 19.62 ? 1118 GLN A O   1 
ATOM   329  C CB  . GLN A 1 42  ? -9.996  -16.780 -11.072 1.00 22.81 ? 1118 GLN A CB  1 
ATOM   330  C CG  . GLN A 1 42  ? -9.918  -16.480 -12.560 1.00 34.24 ? 1118 GLN A CG  1 
ATOM   331  C CD  . GLN A 1 42  ? -8.924  -17.345 -13.301 1.00 41.92 ? 1118 GLN A CD  1 
ATOM   332  O OE1 . GLN A 1 42  ? -7.739  -17.401 -12.965 1.00 48.00 ? 1118 GLN A OE1 1 
ATOM   333  N NE2 . GLN A 1 42  ? -9.414  -18.022 -14.327 1.00 43.44 ? 1118 GLN A NE2 1 
ATOM   334  N N   . LEU A 1 43  ? -10.570 -16.524 -8.095  1.00 15.94 ? 1119 LEU A N   1 
ATOM   335  C CA  . LEU A 1 43  ? -10.883 -17.110 -6.818  1.00 17.11 ? 1119 LEU A CA  1 
ATOM   336  C C   . LEU A 1 43  ? -12.038 -16.371 -6.148  1.00 16.99 ? 1119 LEU A C   1 
ATOM   337  O O   . LEU A 1 43  ? -12.838 -16.958 -5.451  1.00 18.35 ? 1119 LEU A O   1 
ATOM   338  C CB  . LEU A 1 43  ? -9.641  -17.055 -5.932  1.00 19.62 ? 1119 LEU A CB  1 
ATOM   339  C CG  . LEU A 1 43  ? -9.815  -17.556 -4.507  1.00 24.51 ? 1119 LEU A CG  1 
ATOM   340  C CD1 . LEU A 1 43  ? -10.010 -19.066 -4.496  1.00 28.81 ? 1119 LEU A CD1 1 
ATOM   341  C CD2 . LEU A 1 43  ? -8.611  -17.149 -3.649  1.00 28.33 ? 1119 LEU A CD2 1 
ATOM   342  N N   . LEU A 1 44  ? -12.060 -15.024 -6.280  1.00 14.16 ? 1120 LEU A N   1 
ATOM   343  C CA  . LEU A 1 44  ? -13.043 -14.170 -5.631  1.00 14.87 ? 1120 LEU A CA  1 
ATOM   344  C C   . LEU A 1 44  ? -14.360 -14.065 -6.419  1.00 14.88 ? 1120 LEU A C   1 
ATOM   345  O O   . LEU A 1 44  ? -15.325 -13.495 -5.928  1.00 15.68 ? 1120 LEU A O   1 
ATOM   346  C CB  . LEU A 1 44  ? -12.424 -12.771 -5.461  1.00 13.85 ? 1120 LEU A CB  1 
ATOM   347  C CG  . LEU A 1 44  ? -11.365 -12.685 -4.390  1.00 14.32 ? 1120 LEU A CG  1 
ATOM   348  C CD1 . LEU A 1 44  ? -10.702 -11.312 -4.463  1.00 16.52 ? 1120 LEU A CD1 1 
ATOM   349  C CD2 . LEU A 1 44  ? -11.900 -13.020 -3.010  1.00 17.69 ? 1120 LEU A CD2 1 
ATOM   350  N N   . GLY A 1 45  ? -14.397 -14.598 -7.639  1.00 14.05 ? 1121 GLY A N   1 
ATOM   351  C CA  . GLY A 1 45  ? -15.685 -14.581 -8.334  1.00 14.27 ? 1121 GLY A CA  1 
ATOM   352  C C   . GLY A 1 45  ? -16.046 -13.190 -8.851  1.00 15.04 ? 1121 GLY A C   1 
ATOM   353  O O   . GLY A 1 45  ? -17.229 -12.859 -8.997  1.00 15.60 ? 1121 GLY A O   1 
ATOM   354  N N   . ILE A 1 46  ? -15.026 -12.368 -9.184  1.00 13.99 ? 1122 ILE A N   1 
ATOM   355  C CA  . ILE A 1 46  ? -15.240 -10.991 -9.663  1.00 13.15 ? 1122 ILE A CA  1 
ATOM   356  C C   . ILE A 1 46  ? -14.498 -10.750 -10.961 1.00 14.31 ? 1122 ILE A C   1 
ATOM   357  O O   . ILE A 1 46  ? -13.502 -10.024 -11.071 1.00 13.98 ? 1122 ILE A O   1 
ATOM   358  C CB  . ILE A 1 46  ? -14.828 -9.958  -8.584  1.00 12.33 ? 1122 ILE A CB  1 
ATOM   359  C CG1 . ILE A 1 46  ? -13.407 -10.218 -8.033  1.00 13.27 ? 1122 ILE A CG1 1 
ATOM   360  C CG2 . ILE A 1 46  ? -15.859 -10.000 -7.485  1.00 12.23 ? 1122 ILE A CG2 1 
ATOM   361  C CD1 . ILE A 1 46  ? -12.881 -9.086  -7.075  1.00 12.95 ? 1122 ILE A CD1 1 
ATOM   362  N N   . PRO A 1 47  ? -14.989 -11.366 -12.068 1.00 14.47 ? 1123 PRO A N   1 
ATOM   363  C CA  . PRO A 1 47  ? -14.277 -11.312 -13.326 1.00 14.56 ? 1123 PRO A CA  1 
ATOM   364  C C   . PRO A 1 47  ? -14.155 -9.940  -13.940 1.00 14.11 ? 1123 PRO A C   1 
ATOM   365  O O   . PRO A 1 47  ? -13.311 -9.721  -14.797 1.00 17.19 ? 1123 PRO A O   1 
ATOM   366  C CB  . PRO A 1 47  ? -15.069 -12.284 -14.235 1.00 14.95 ? 1123 PRO A CB  1 
ATOM   367  C CG  . PRO A 1 47  ? -16.401 -12.392 -13.606 1.00 16.76 ? 1123 PRO A CG  1 
ATOM   368  C CD  . PRO A 1 47  ? -16.141 -12.296 -12.124 1.00 15.23 ? 1123 PRO A CD  1 
ATOM   369  N N   . ASP A 1 48  ? -14.944 -8.977  -13.474 1.00 12.97 ? 1124 ASP A N   1 
ATOM   370  C CA  . ASP A 1 48  ? -14.801 -7.619  -13.956 1.00 12.82 ? 1124 ASP A CA  1 
ATOM   371  C C   . ASP A 1 48  ? -13.584 -6.842  -13.375 1.00 12.50 ? 1124 ASP A C   1 
ATOM   372  O O   . ASP A 1 48  ? -13.368 -5.705  -13.817 1.00 13.98 ? 1124 ASP A O   1 
ATOM   373  C CB  . ASP A 1 48  ? -16.096 -6.833  -13.745 1.00 13.74 ? 1124 ASP A CB  1 
ATOM   374  C CG  . ASP A 1 48  ? -16.446 -6.595  -12.285 1.00 12.95 ? 1124 ASP A CG  1 
ATOM   375  O OD1 . ASP A 1 48  ? -15.760 -7.140  -11.437 1.00 12.74 ? 1124 ASP A OD1 1 
ATOM   376  O OD2 . ASP A 1 48  ? -17.484 -5.936  -12.081 1.00 15.06 ? 1124 ASP A OD2 1 
ATOM   377  N N   . TYR A 1 49  ? -12.874 -7.425  -12.407 1.00 12.34 ? 1125 TYR A N   1 
ATOM   378  C CA  . TYR A 1 49  ? -11.927 -6.612  -11.615 1.00 12.54 ? 1125 TYR A CA  1 
ATOM   379  C C   . TYR A 1 49  ? -10.847 -5.973  -12.493 1.00 13.85 ? 1125 TYR A C   1 
ATOM   380  O O   . TYR A 1 49  ? -10.630 -4.757  -12.448 1.00 13.64 ? 1125 TYR A O   1 
ATOM   381  C CB  . TYR A 1 49  ? -11.318 -7.499  -10.530 1.00 12.11 ? 1125 TYR A CB  1 
ATOM   382  C CG  . TYR A 1 49  ? -10.368 -6.730  -9.650  1.00 10.58 ? 1125 TYR A CG  1 
ATOM   383  C CD1 . TYR A 1 49  ? -10.862 -5.916  -8.627  1.00 11.35 ? 1125 TYR A CD1 1 
ATOM   384  C CD2 . TYR A 1 49  ? -8.992  -6.744  -9.874  1.00 11.88 ? 1125 TYR A CD2 1 
ATOM   385  C CE1 . TYR A 1 49  ? -10.003 -5.142  -7.851  1.00 10.53 ? 1125 TYR A CE1 1 
ATOM   386  C CE2 . TYR A 1 49  ? -8.116  -5.966  -9.105  1.00 11.81 ? 1125 TYR A CE2 1 
ATOM   387  C CZ  . TYR A 1 49  ? -8.636  -5.188  -8.088  1.00 10.71 ? 1125 TYR A CZ  1 
ATOM   388  O OH  . TYR A 1 49  ? -7.754  -4.419  -7.353  1.00 10.92 ? 1125 TYR A OH  1 
ATOM   389  N N   . PHE A 1 50  ? -10.221 -6.775  -13.385 1.00 14.64 ? 1126 PHE A N   1 
ATOM   390  C CA  . PHE A 1 50  ? -9.094  -6.232  -14.148 1.00 15.93 ? 1126 PHE A CA  1 
ATOM   391  C C   . PHE A 1 50  ? -9.612  -5.370  -15.291 1.00 17.29 ? 1126 PHE A C   1 
ATOM   392  O O   . PHE A 1 50  ? -8.835  -4.614  -15.870 1.00 19.37 ? 1126 PHE A O   1 
ATOM   393  C CB  . PHE A 1 50  ? -8.195  -7.336  -14.717 1.00 16.19 ? 1126 PHE A CB  1 
ATOM   394  C CG  . PHE A 1 50  ? -7.365  -8.079  -13.707 1.00 16.26 ? 1126 PHE A CG  1 
ATOM   395  C CD1 . PHE A 1 50  ? -6.709  -7.425  -12.654 1.00 16.25 ? 1126 PHE A CD1 1 
ATOM   396  C CD2 . PHE A 1 50  ? -7.193  -9.454  -13.794 1.00 17.12 ? 1126 PHE A CD2 1 
ATOM   397  C CE1 . PHE A 1 50  ? -5.945  -8.130  -11.739 1.00 17.74 ? 1126 PHE A CE1 1 
ATOM   398  C CE2 . PHE A 1 50  ? -6.406  -10.158 -12.907 1.00 19.56 ? 1126 PHE A CE2 1 
ATOM   399  C CZ  . PHE A 1 50  ? -5.798  -9.502  -11.846 1.00 18.84 ? 1126 PHE A CZ  1 
ATOM   400  N N   . ASP A 1 51  ? -10.903 -5.433  -15.605 1.00 17.00 ? 1127 ASP A N   1 
ATOM   401  C CA  . ASP A 1 51  ? -11.490 -4.464  -16.521 1.00 19.90 ? 1127 ASP A CA  1 
ATOM   402  C C   . ASP A 1 51  ? -11.550 -3.058  -15.938 1.00 18.98 ? 1127 ASP A C   1 
ATOM   403  O O   . ASP A 1 51  ? -11.543 -2.053  -16.637 1.00 21.89 ? 1127 ASP A O   1 
ATOM   404  C CB  . ASP A 1 51  ? -12.861 -4.903  -17.034 1.00 20.27 ? 1127 ASP A CB  1 
ATOM   405  C CG  . ASP A 1 51  ? -12.838 -6.202  -17.802 1.00 26.76 ? 1127 ASP A CG  1 
ATOM   406  O OD1 . ASP A 1 51  ? -11.777 -6.516  -18.386 1.00 30.04 ? 1127 ASP A OD1 1 
ATOM   407  O OD2 . ASP A 1 51  ? -13.868 -6.891  -17.789 1.00 34.62 ? 1127 ASP A OD2 1 
ATOM   408  N N   . ILE A 1 52  ? -11.617 -2.957  -14.604 1.00 15.13 ? 1128 ILE A N   1 
ATOM   409  C CA  . ILE A 1 52  ? -11.781 -1.692  -13.899 1.00 15.09 ? 1128 ILE A CA  1 
ATOM   410  C C   . ILE A 1 52  ? -10.425 -1.219  -13.334 1.00 13.01 ? 1128 ILE A C   1 
ATOM   411  O O   . ILE A 1 52  ? -10.112 -0.035  -13.379 1.00 14.74 ? 1128 ILE A O   1 
ATOM   412  C CB  . ILE A 1 52  ? -12.847 -1.871  -12.781 1.00 13.89 ? 1128 ILE A CB  1 
ATOM   413  C CG1 . ILE A 1 52  ? -14.228 -2.058  -13.438 1.00 16.25 ? 1128 ILE A CG1 1 
ATOM   414  C CG2 . ILE A 1 52  ? -12.838 -0.674  -11.862 1.00 15.15 ? 1128 ILE A CG2 1 
ATOM   415  C CD1 . ILE A 1 52  ? -15.341 -2.698  -12.597 1.00 20.03 ? 1128 ILE A CD1 1 
ATOM   416  N N   . VAL A 1 53  ? -9.662  -2.151  -12.785 1.00 13.38 ? 1129 VAL A N   1 
ATOM   417  C CA  . VAL A 1 53  ? -8.399  -1.824  -12.122 1.00 12.84 ? 1129 VAL A CA  1 
ATOM   418  C C   . VAL A 1 53  ? -7.286  -2.217  -13.100 1.00 12.09 ? 1129 VAL A C   1 
ATOM   419  O O   . VAL A 1 53  ? -6.942  -3.367  -13.205 1.00 14.62 ? 1129 VAL A O   1 
ATOM   420  C CB  . VAL A 1 53  ? -8.290  -2.564  -10.778 1.00 11.77 ? 1129 VAL A CB  1 
ATOM   421  C CG1 . VAL A 1 53  ? -6.930  -2.302  -10.144 1.00 12.89 ? 1129 VAL A CG1 1 
ATOM   422  C CG2 . VAL A 1 53  ? -9.386  -2.093  -9.794  1.00 12.98 ? 1129 VAL A CG2 1 
ATOM   423  N N   . LYS A 1 54  ? -6.686  -1.189  -13.683 1.00 12.99 ? 1130 LYS A N   1 
ATOM   424  C CA  . LYS A 1 54  ? -5.654  -1.390  -14.697 1.00 15.88 ? 1130 LYS A CA  1 
ATOM   425  C C   . LYS A 1 54  ? -4.265  -1.655  -14.145 1.00 15.64 ? 1130 LYS A C   1 
ATOM   426  O O   . LYS A 1 54  ? -3.430  -2.287  -14.817 1.00 16.70 ? 1130 LYS A O   1 
ATOM   427  C CB  . LYS A 1 54  ? -5.619  -0.180  -15.613 1.00 18.84 ? 1130 LYS A CB  1 
ATOM   428  C CG  . LYS A 1 54  ? -6.874  0.001   -16.472 1.00 23.35 ? 1130 LYS A CG  1 
ATOM   429  C CD  . LYS A 1 54  ? -7.677  -1.254  -16.819 1.00 29.35 ? 1130 LYS A CD  1 
ATOM   430  C CE  . LYS A 1 54  ? -7.138  -2.112  -17.947 1.00 34.46 ? 1130 LYS A CE  1 
ATOM   431  N NZ  . LYS A 1 54  ? -8.197  -3.010  -18.476 1.00 36.59 ? 1130 LYS A NZ  1 
ATOM   432  N N   . ASN A 1 55  ? -3.986  -1.196  -12.921 1.00 13.22 ? 1131 ASN A N   1 
ATOM   433  C CA  . ASN A 1 55  ? -2.654  -1.263  -12.335 1.00 13.39 ? 1131 ASN A CA  1 
ATOM   434  C C   . ASN A 1 55  ? -2.795  -1.781  -10.921 1.00 11.33 ? 1131 ASN A C   1 
ATOM   435  O O   . ASN A 1 55  ? -2.770  -1.007  -9.944  1.00 11.74 ? 1131 ASN A O   1 
ATOM   436  C CB  . ASN A 1 55  ? -1.971  0.106   -12.339 1.00 14.95 ? 1131 ASN A CB  1 
ATOM   437  C CG  . ASN A 1 55  ? -1.692  0.590   -13.752 1.00 17.04 ? 1131 ASN A CG  1 
ATOM   438  O OD1 . ASN A 1 55  ? -2.291  1.577   -14.183 1.00 22.15 ? 1131 ASN A OD1 1 
ATOM   439  N ND2 . ASN A 1 55  ? -0.829  -0.139  -14.414 1.00 18.19 ? 1131 ASN A ND2 1 
ATOM   440  N N   . PRO A 1 56  ? -2.981  -3.067  -10.741 1.00 11.13 ? 1132 PRO A N   1 
ATOM   441  C CA  . PRO A 1 56  ? -3.186  -3.641  -9.409  1.00 11.51 ? 1132 PRO A CA  1 
ATOM   442  C C   . PRO A 1 56  ? -2.000  -3.404  -8.487  1.00 10.94 ? 1132 PRO A C   1 
ATOM   443  O O   . PRO A 1 56  ? -0.829  -3.332  -8.948  1.00 12.15 ? 1132 PRO A O   1 
ATOM   444  C CB  . PRO A 1 56  ? -3.428  -5.138  -9.644  1.00 12.77 ? 1132 PRO A CB  1 
ATOM   445  C CG  . PRO A 1 56  ? -3.828  -5.239  -11.121 1.00 16.39 ? 1132 PRO A CG  1 
ATOM   446  C CD  . PRO A 1 56  ? -3.152  -4.070  -11.824 1.00 13.89 ? 1132 PRO A CD  1 
ATOM   447  N N   . MET A 1 57  ? -2.252  -3.325  -7.192  1.00 9.97  ? 1133 MET A N   1 
ATOM   448  C CA  . MET A 1 57  ? -1.183  -3.149  -6.210  1.00 9.89  ? 1133 MET A CA  1 
ATOM   449  C C   . MET A 1 57  ? -1.688  -3.705  -4.882  1.00 10.18 ? 1133 MET A C   1 
ATOM   450  O O   . MET A 1 57  ? -2.902  -3.610  -4.602  1.00 10.83 ? 1133 MET A O   1 
ATOM   451  C CB  . MET A 1 57  ? -0.840  -1.661  -6.088  1.00 9.65  ? 1133 MET A CB  1 
ATOM   452  C CG  . MET A 1 57  ? 0.408   -1.397  -5.246  1.00 10.62 ? 1133 MET A CG  1 
ATOM   453  S SD  . MET A 1 57  ? 1.902   -2.318  -5.657  1.00 11.75 ? 1133 MET A SD  1 
ATOM   454  C CE  . MET A 1 57  ? 2.145   -1.964  -7.414  1.00 13.53 ? 1133 MET A CE  1 
ATOM   455  N N   . ASP A 1 58  ? -0.799  -4.231  -4.044  1.00 9.62  ? 1134 ASP A N   1 
ATOM   456  C CA  . ASP A 1 58  ? -1.138  -4.826  -2.772  1.00 9.80  ? 1134 ASP A CA  1 
ATOM   457  C C   . ASP A 1 58  ? 0.069   -4.793  -1.838  1.00 9.38  ? 1134 ASP A C   1 
ATOM   458  O O   . ASP A 1 58  ? 1.202   -4.506  -2.286  1.00 10.12 ? 1134 ASP A O   1 
ATOM   459  C CB  . ASP A 1 58  ? -1.657  -6.253  -2.938  1.00 11.35 ? 1134 ASP A CB  1 
ATOM   460  C CG  . ASP A 1 58  ? -0.498  -7.196  -3.220  1.00 13.22 ? 1134 ASP A CG  1 
ATOM   461  O OD1 . ASP A 1 58  ? 0.034   -7.101  -4.318  1.00 14.79 ? 1134 ASP A OD1 1 
ATOM   462  O OD2 . ASP A 1 58  ? -0.230  -8.008  -2.329  1.00 15.76 ? 1134 ASP A OD2 1 
ATOM   463  N N   . LEU A 1 59  ? -0.137  -5.127  -0.585  1.00 9.68  ? 1135 LEU A N   1 
ATOM   464  C CA  . LEU A 1 59  ? 0.956   -5.038  0.388   1.00 9.80  ? 1135 LEU A CA  1 
ATOM   465  C C   . LEU A 1 59  ? 2.120   -5.947  0.020   1.00 10.19 ? 1135 LEU A C   1 
ATOM   466  O O   . LEU A 1 59  ? 3.273   -5.564  0.244   1.00 11.20 ? 1135 LEU A O   1 
ATOM   467  C CB  . LEU A 1 59  ? 0.486   -5.380  1.797   1.00 10.02 ? 1135 LEU A CB  1 
ATOM   468  C CG  . LEU A 1 59  ? -0.572  -4.431  2.400   1.00 9.64  ? 1135 LEU A CG  1 
ATOM   469  C CD1 . LEU A 1 59  ? -1.124  -5.013  3.679   1.00 12.02 ? 1135 LEU A CD1 1 
ATOM   470  C CD2 . LEU A 1 59  ? 0.008   -3.053  2.623   1.00 11.61 ? 1135 LEU A CD2 1 
ATOM   471  N N   . SER A 1 60  ? 1.854   -7.174  -0.445  1.00 10.75 ? 1136 SER A N   1 
ATOM   472  C CA  . SER A 1 60  ? 2.958   -8.108  -0.726  1.00 10.93 ? 1136 SER A CA  1 
ATOM   473  C C   . SER A 1 60  ? 3.820   -7.533  -1.824  1.00 11.95 ? 1136 SER A C   1 
ATOM   474  O O   . SER A 1 60  ? 5.063   -7.751  -1.832  1.00 11.51 ? 1136 SER A O   1 
ATOM   475  C CB  . SER A 1 60  ? 2.473   -9.509  -1.094  1.00 12.80 ? 1136 SER A CB  1 
ATOM   476  O OG  . SER A 1 60  ? 1.829   -9.557  -2.333  1.00 15.89 ? 1136 SER A OG  1 
ATOM   477  N N   . THR A 1 61  ? 3.244   -6.934  -2.836  1.00 10.77 ? 1137 THR A N   1 
ATOM   478  C CA  . THR A 1 61  ? 4.006   -6.388  -3.958  1.00 11.28 ? 1137 THR A CA  1 
ATOM   479  C C   . THR A 1 61  ? 4.838   -5.205  -3.487  1.00 11.42 ? 1137 THR A C   1 
ATOM   480  O O   . THR A 1 61  ? 6.013   -5.094  -3.827  1.00 11.81 ? 1137 THR A O   1 
ATOM   481  C CB  . THR A 1 61  ? 3.089   -5.947  -5.090  1.00 11.85 ? 1137 THR A CB  1 
ATOM   482  O OG1 . THR A 1 61  ? 2.430   -7.153  -5.497  1.00 14.20 ? 1137 THR A OG1 1 
ATOM   483  C CG2 . THR A 1 61  ? 3.805   -5.314  -6.244  1.00 13.36 ? 1137 THR A CG2 1 
ATOM   484  N N   . ILE A 1 62  ? 4.308   -4.330  -2.632  1.00 10.42 ? 1138 ILE A N   1 
ATOM   485  C CA  . ILE A 1 62  ? 5.061   -3.216  -2.079  1.00 10.00 ? 1138 ILE A CA  1 
ATOM   486  C C   . ILE A 1 62  ? 6.196   -3.741  -1.220  1.00 10.26 ? 1138 ILE A C   1 
ATOM   487  O O   . ILE A 1 62  ? 7.318   -3.210  -1.336  1.00 11.00 ? 1138 ILE A O   1 
ATOM   488  C CB  . ILE A 1 62  ? 4.088   -2.306  -1.313  1.00 9.84  ? 1138 ILE A CB  1 
ATOM   489  C CG1 . ILE A 1 62  ? 3.033   -1.704  -2.262  1.00 9.88  ? 1138 ILE A CG1 1 
ATOM   490  C CG2 . ILE A 1 62  ? 4.870   -1.210  -0.572  1.00 10.70 ? 1138 ILE A CG2 1 
ATOM   491  C CD1 . ILE A 1 62  ? 1.879   -1.002  -1.496  1.00 10.90 ? 1138 ILE A CD1 1 
ATOM   492  N N   . LYS A 1 63  ? 5.944   -4.747  -0.396  1.00 10.12 ? 1139 LYS A N   1 
ATOM   493  C CA  . LYS A 1 63  ? 7.021   -5.303  0.428   1.00 11.54 ? 1139 LYS A CA  1 
ATOM   494  C C   . LYS A 1 63  ? 8.165   -5.845  -0.432  1.00 10.66 ? 1139 LYS A C   1 
ATOM   495  O O   . LYS A 1 63  ? 9.340   -5.533  -0.182  1.00 11.22 ? 1139 LYS A O   1 
ATOM   496  C CB  . LYS A 1 63  ? 6.478   -6.397  1.336   1.00 12.05 ? 1139 LYS A CB  1 
ATOM   497  C CG  . LYS A 1 63  ? 7.496   -6.971  2.325   1.00 15.23 ? 1139 LYS A CG  1 
ATOM   498  C CD  . LYS A 1 63  ? 6.963   -8.156  3.113   1.00 20.23 ? 1139 LYS A CD  1 
ATOM   499  C CE  . LYS A 1 63  ? 8.054   -8.768  3.980   1.00 26.68 ? 1139 LYS A CE  1 
ATOM   500  N NZ  . LYS A 1 63  ? 9.279   -9.134  3.231   1.00 33.50 ? 1139 LYS A NZ  1 
ATOM   501  N N   . ARG A 1 64  ? 7.828   -6.550  -1.484  1.00 10.99 ? 1140 ARG A N   1 
ATOM   502  C CA  . ARG A 1 64  ? 8.854   -7.072  -2.382  1.00 11.19 ? 1140 ARG A CA  1 
ATOM   503  C C   . ARG A 1 64  ? 9.619   -5.925  -3.010  1.00 11.40 ? 1140 ARG A C   1 
ATOM   504  O O   . ARG A 1 64  ? 10.870  -6.040  -3.176  1.00 12.10 ? 1140 ARG A O   1 
ATOM   505  C CB  . ARG A 1 64  ? 8.218   -7.969  -3.447  1.00 13.38 ? 1140 ARG A CB  1 
ATOM   506  C CG  . ARG A 1 64  ? 9.235   -8.477  -4.478  1.00 17.87 ? 1140 ARG A CG  1 
ATOM   507  C CD  . ARG A 1 64  ? 8.657   -9.548  -5.383  1.00 26.98 ? 1140 ARG A CD  1 
ATOM   508  N NE  . ARG A 1 64  ? 9.568   -9.942  -6.467  1.00 43.15 ? 1140 ARG A NE  1 
ATOM   509  C CZ  . ARG A 1 64  ? 9.202   -10.481 -7.643  1.00 48.43 ? 1140 ARG A CZ  1 
ATOM   510  N NH1 . ARG A 1 64  ? 7.925   -10.710 -7.913  1.00 54.18 ? 1140 ARG A NH1 1 
ATOM   511  N NH2 . ARG A 1 64  ? 10.122  -10.795 -8.546  1.00 50.06 ? 1140 ARG A NH2 1 
ATOM   512  N N   . LYS A 1 65  ? 8.951   -4.857  -3.434  1.00 11.42 ? 1141 LYS A N   1 
ATOM   513  C CA  . LYS A 1 65  ? 9.654   -3.765  -4.070  1.00 10.70 ? 1141 LYS A CA  1 
ATOM   514  C C   . LYS A 1 65  ? 10.578  -3.094  -3.069  1.00 11.46 ? 1141 LYS A C   1 
ATOM   515  O O   . LYS A 1 65  ? 11.698  -2.721  -3.454  1.00 11.55 ? 1141 LYS A O   1 
ATOM   516  C CB  . LYS A 1 65  ? 8.637   -2.763  -4.644  1.00 11.16 ? 1141 LYS A CB  1 
ATOM   517  C CG  . LYS A 1 65  ? 7.947   -3.334  -5.880  1.00 12.61 ? 1141 LYS A CG  1 
ATOM   518  C CD  . LYS A 1 65  ? 6.889   -2.435  -6.536  1.00 13.00 ? 1141 LYS A CD  1 
ATOM   519  C CE  . LYS A 1 65  ? 7.506   -1.284  -7.247  1.00 13.68 ? 1141 LYS A CE  1 
ATOM   520  N NZ  . LYS A 1 65  ? 6.471   -0.450  -7.931  1.00 16.31 ? 1141 LYS A NZ  1 
ATOM   521  N N   . LEU A 1 66  ? 10.196  -2.958  -1.810  1.00 11.56 ? 1142 LEU A N   1 
ATOM   522  C CA  . LEU A 1 66  ? 11.131  -2.429  -0.842  1.00 12.85 ? 1142 LEU A CA  1 
ATOM   523  C C   . LEU A 1 66  ? 12.299  -3.376  -0.637  1.00 13.16 ? 1142 LEU A C   1 
ATOM   524  O O   . LEU A 1 66  ? 13.457  -2.942  -0.493  1.00 15.14 ? 1142 LEU A O   1 
ATOM   525  C CB  . LEU A 1 66  ? 10.416  -2.239  0.502   1.00 15.27 ? 1142 LEU A CB  1 
ATOM   526  C CG  . LEU A 1 66  ? 9.726   -0.909  0.748   1.00 18.46 ? 1142 LEU A CG  1 
ATOM   527  C CD1 . LEU A 1 66  ? 9.086   -1.004  2.137   1.00 18.25 ? 1142 LEU A CD1 1 
ATOM   528  C CD2 . LEU A 1 66  ? 10.747  0.244   0.752   1.00 16.32 ? 1142 LEU A CD2 1 
ATOM   529  N N   . ASP A 1 67  ? 12.063  -4.674  -0.594  1.00 12.04 ? 1143 ASP A N   1 
ATOM   530  C CA  . ASP A 1 67  ? 13.121  -5.626  -0.326  1.00 13.52 ? 1143 ASP A CA  1 
ATOM   531  C C   . ASP A 1 67  ? 14.082  -5.750  -1.490  1.00 12.38 ? 1143 ASP A C   1 
ATOM   532  O O   . ASP A 1 67  ? 15.237  -6.170  -1.287  1.00 13.60 ? 1143 ASP A O   1 
ATOM   533  C CB  . ASP A 1 67  ? 12.525  -7.012  -0.085  1.00 15.11 ? 1143 ASP A CB  1 
ATOM   534  C CG  . ASP A 1 67  ? 11.971  -7.154  1.311   1.00 21.08 ? 1143 ASP A CG  1 
ATOM   535  O OD1 . ASP A 1 67  ? 12.469  -6.433  2.219   1.00 26.81 ? 1143 ASP A OD1 1 
ATOM   536  O OD2 . ASP A 1 67  ? 11.052  -7.986  1.471   1.00 26.18 ? 1143 ASP A OD2 1 
ATOM   537  N N   . THR A 1 68  ? 13.669  -5.440  -2.701  1.00 10.77 ? 1144 THR A N   1 
ATOM   538  C CA  . THR A 1 68  ? 14.467  -5.587  -3.903  1.00 11.34 ? 1144 THR A CA  1 
ATOM   539  C C   . THR A 1 68  ? 14.918  -4.260  -4.466  1.00 10.63 ? 1144 THR A C   1 
ATOM   540  O O   . THR A 1 68  ? 15.357  -4.216  -5.621  1.00 11.94 ? 1144 THR A O   1 
ATOM   541  C CB  . THR A 1 68  ? 13.772  -6.469  -4.956  1.00 11.51 ? 1144 THR A CB  1 
ATOM   542  O OG1 . THR A 1 68  ? 12.538  -5.794  -5.303  1.00 12.34 ? 1144 THR A OG1 1 
ATOM   543  C CG2 . THR A 1 68  ? 13.459  -7.835  -4.398  1.00 13.34 ? 1144 THR A CG2 1 
ATOM   544  N N   . GLY A 1 69  ? 14.833  -3.194  -3.668  1.00 11.28 ? 1145 GLY A N   1 
ATOM   545  C CA  . GLY A 1 69  ? 15.462  -1.949  -4.087  1.00 12.69 ? 1145 GLY A CA  1 
ATOM   546  C C   . GLY A 1 69  ? 14.789  -1.273  -5.282  1.00 12.48 ? 1145 GLY A C   1 
ATOM   547  O O   . GLY A 1 69  ? 15.425  -0.514  -6.028  1.00 13.62 ? 1145 GLY A O   1 
ATOM   548  N N   . GLN A 1 70  ? 13.452  -1.456  -5.431  1.00 11.85 ? 1146 GLN A N   1 
ATOM   549  C CA  . GLN A 1 70  ? 12.773  -0.911  -6.604  1.00 11.87 ? 1146 GLN A CA  1 
ATOM   550  C C   . GLN A 1 70  ? 12.319  0.525   -6.412  1.00 12.63 ? 1146 GLN A C   1 
ATOM   551  O O   . GLN A 1 70  ? 11.857  1.146   -7.379  1.00 15.11 ? 1146 GLN A O   1 
ATOM   552  C CB  . GLN A 1 70  ? 11.560  -1.772  -6.961  1.00 13.49 ? 1146 GLN A CB  1 
ATOM   553  C CG  . GLN A 1 70  ? 11.950  -3.203  -7.333  1.00 16.19 ? 1146 GLN A CG  1 
ATOM   554  C CD  . GLN A 1 70  ? 12.883  -3.150  -8.489  1.00 20.97 ? 1146 GLN A CD  1 
ATOM   555  O OE1 . GLN A 1 70  ? 12.476  -2.771  -9.581  1.00 25.40 ? 1146 GLN A OE1 1 
ATOM   556  N NE2 . GLN A 1 70  ? 14.126  -3.530  -8.246  1.00 21.91 ? 1146 GLN A NE2 1 
ATOM   557  N N   . TYR A 1 71  ? 12.432  1.090   -5.220  1.00 11.73 ? 1147 TYR A N   1 
ATOM   558  C CA  . TYR A 1 71  ? 12.121  2.501   -5.025  1.00 12.73 ? 1147 TYR A CA  1 
ATOM   559  C C   . TYR A 1 71  ? 13.425  3.290   -4.925  1.00 13.16 ? 1147 TYR A C   1 
ATOM   560  O O   . TYR A 1 71  ? 14.323  2.944   -4.129  1.00 15.81 ? 1147 TYR A O   1 
ATOM   561  C CB  . TYR A 1 71  ? 11.301  2.680   -3.734  1.00 12.72 ? 1147 TYR A CB  1 
ATOM   562  C CG  . TYR A 1 71  ? 9.981   1.965   -3.743  1.00 11.39 ? 1147 TYR A CG  1 
ATOM   563  C CD1 . TYR A 1 71  ? 9.019   2.245   -4.703  1.00 11.98 ? 1147 TYR A CD1 1 
ATOM   564  C CD2 . TYR A 1 71  ? 9.712   0.977   -2.812  1.00 12.16 ? 1147 TYR A CD2 1 
ATOM   565  C CE1 . TYR A 1 71  ? 7.832   1.549   -4.726  1.00 11.21 ? 1147 TYR A CE1 1 
ATOM   566  C CE2 . TYR A 1 71  ? 8.513   0.272   -2.814  1.00 11.49 ? 1147 TYR A CE2 1 
ATOM   567  C CZ  . TYR A 1 71  ? 7.556   0.586   -3.771  1.00 11.01 ? 1147 TYR A CZ  1 
ATOM   568  O OH  . TYR A 1 71  ? 6.374   -0.093  -3.767  1.00 12.41 ? 1147 TYR A OH  1 
ATOM   569  N N   . GLN A 1 72  ? 13.530  4.366   -5.680  1.00 12.93 ? 1148 GLN A N   1 
ATOM   570  C CA  . GLN A 1 72  ? 14.662  5.294   -5.604  1.00 15.67 ? 1148 GLN A CA  1 
ATOM   571  C C   . GLN A 1 72  ? 14.412  6.403   -4.594  1.00 14.55 ? 1148 GLN A C   1 
ATOM   572  O O   . GLN A 1 72  ? 15.362  6.974   -4.050  1.00 15.20 ? 1148 GLN A O   1 
ATOM   573  C CB  . GLN A 1 72  ? 14.940  5.963   -6.973  1.00 18.93 ? 1148 GLN A CB  1 
ATOM   574  C CG  . GLN A 1 72  ? 15.557  5.055   -8.040  1.00 24.44 ? 1148 GLN A CG  1 
ATOM   575  C CD  . GLN A 1 72  ? 14.960  3.674   -8.217  1.00 32.98 ? 1148 GLN A CD  1 
ATOM   576  O OE1 . GLN A 1 72  ? 15.514  2.652   -7.774  1.00 39.79 ? 1148 GLN A OE1 1 
ATOM   577  N NE2 . GLN A 1 72  ? 13.815  3.628   -8.883  1.00 33.55 ? 1148 GLN A NE2 1 
ATOM   578  N N   . GLU A 1 73  ? 13.136  6.753   -4.383  1.00 13.43 ? 1149 GLU A N   1 
ATOM   579  C CA  . GLU A 1 73  ? 12.767  7.909   -3.577  1.00 14.59 ? 1149 GLU A CA  1 
ATOM   580  C C   . GLU A 1 73  ? 11.546  7.534   -2.739  1.00 11.37 ? 1149 GLU A C   1 
ATOM   581  O O   . GLU A 1 73  ? 10.701  6.780   -3.222  1.00 12.23 ? 1149 GLU A O   1 
ATOM   582  C CB  . GLU A 1 73  ? 12.142  9.008   -4.464  1.00 23.81 ? 1149 GLU A CB  1 
ATOM   583  C CG  . GLU A 1 73  ? 12.930  9.456   -5.666  1.00 29.45 ? 1149 GLU A CG  1 
ATOM   584  C CD  . GLU A 1 73  ? 14.006  10.449  -5.253  1.00 34.72 ? 1149 GLU A CD  1 
ATOM   585  O OE1 . GLU A 1 73  ? 13.951  10.915  -4.097  1.00 42.60 ? 1149 GLU A OE1 1 
ATOM   586  O OE2 . GLU A 1 73  ? 14.909  10.740  -6.080  1.00 44.37 ? 1149 GLU A OE2 1 
ATOM   587  N N   . PRO A 1 74  ? 11.353  8.147   -1.555  1.00 10.39 ? 1150 PRO A N   1 
ATOM   588  C CA  . PRO A 1 74  ? 10.232  7.735   -0.721  1.00 11.13 ? 1150 PRO A CA  1 
ATOM   589  C C   . PRO A 1 74  ? 8.872   7.980   -1.367  1.00 10.33 ? 1150 PRO A C   1 
ATOM   590  O O   . PRO A 1 74  ? 7.943   7.199   -1.098  1.00 10.50 ? 1150 PRO A O   1 
ATOM   591  C CB  . PRO A 1 74  ? 10.402  8.567   0.559   1.00 13.49 ? 1150 PRO A CB  1 
ATOM   592  C CG  . PRO A 1 74  ? 11.792  9.118   0.530   1.00 15.75 ? 1150 PRO A CG  1 
ATOM   593  C CD  . PRO A 1 74  ? 12.294  9.076   -0.884  1.00 12.58 ? 1150 PRO A CD  1 
ATOM   594  N N   . TRP A 1 75  ? 8.704   9.023   -2.169  1.00 10.76 ? 1151 TRP A N   1 
ATOM   595  C CA  . TRP A 1 75  ? 7.394   9.288   -2.756  1.00 10.32 ? 1151 TRP A CA  1 
ATOM   596  C C   . TRP A 1 75  ? 6.982   8.165   -3.689  1.00 9.88  ? 1151 TRP A C   1 
ATOM   597  O O   . TRP A 1 75  ? 5.766   8.014   -3.902  1.00 10.87 ? 1151 TRP A O   1 
ATOM   598  C CB  . TRP A 1 75  ? 7.370   10.654  -3.478  1.00 14.43 ? 1151 TRP A CB  1 
ATOM   599  C CG  . TRP A 1 75  ? 8.336   10.808  -4.621  1.00 18.45 ? 1151 TRP A CG  1 
ATOM   600  C CD1 . TRP A 1 75  ? 9.558   11.440  -4.555  1.00 21.07 ? 1151 TRP A CD1 1 
ATOM   601  C CD2 . TRP A 1 75  ? 8.163   10.408  -5.997  1.00 21.55 ? 1151 TRP A CD2 1 
ATOM   602  N NE1 . TRP A 1 75  ? 10.180  11.390  -5.777  1.00 24.58 ? 1151 TRP A NE1 1 
ATOM   603  C CE2 . TRP A 1 75  ? 9.354   10.768  -6.678  1.00 25.81 ? 1151 TRP A CE2 1 
ATOM   604  C CE3 . TRP A 1 75  ? 7.143   9.771   -6.720  1.00 23.07 ? 1151 TRP A CE3 1 
ATOM   605  C CZ2 . TRP A 1 75  ? 9.516   10.527  -8.045  1.00 26.00 ? 1151 TRP A CZ2 1 
ATOM   606  C CZ3 . TRP A 1 75  ? 7.315   9.527   -8.072  1.00 24.24 ? 1151 TRP A CZ3 1 
ATOM   607  C CH2 . TRP A 1 75  ? 8.483   9.918   -8.728  1.00 24.58 ? 1151 TRP A CH2 1 
ATOM   608  N N   . GLN A 1 76  ? 7.900   7.392   -4.280  1.00 9.91  ? 1152 GLN A N   1 
ATOM   609  C CA  . GLN A 1 76  ? 7.489   6.288   -5.098  1.00 9.86  ? 1152 GLN A CA  1 
ATOM   610  C C   . GLN A 1 76  ? 6.788   5.198   -4.260  1.00 9.48  ? 1152 GLN A C   1 
ATOM   611  O O   . GLN A 1 76  ? 5.855   4.556   -4.752  1.00 10.02 ? 1152 GLN A O   1 
ATOM   612  C CB  . GLN A 1 76  ? 8.663   5.688   -5.877  1.00 10.33 ? 1152 GLN A CB  1 
ATOM   613  C CG  . GLN A 1 76  ? 9.267   6.681   -6.882  1.00 12.16 ? 1152 GLN A CG  1 
ATOM   614  C CD  . GLN A 1 76  ? 10.577  6.158   -7.387  1.00 13.72 ? 1152 GLN A CD  1 
ATOM   615  O OE1 . GLN A 1 76  ? 11.414  5.680   -6.646  1.00 15.24 ? 1152 GLN A OE1 1 
ATOM   616  N NE2 . GLN A 1 76  ? 10.806  6.276   -8.690  1.00 20.25 ? 1152 GLN A NE2 1 
ATOM   617  N N   . TYR A 1 77  ? 7.260   4.992   -3.031  1.00 9.16  ? 1153 TYR A N   1 
ATOM   618  C CA  . TYR A 1 77  ? 6.618   4.056   -2.120  1.00 8.77  ? 1153 TYR A CA  1 
ATOM   619  C C   . TYR A 1 77  ? 5.242   4.602   -1.747  1.00 8.99  ? 1153 TYR A C   1 
ATOM   620  O O   . TYR A 1 77  ? 4.241   3.844   -1.783  1.00 8.85  ? 1153 TYR A O   1 
ATOM   621  C CB  . TYR A 1 77  ? 7.526   3.870   -0.906  1.00 8.43  ? 1153 TYR A CB  1 
ATOM   622  C CG  . TYR A 1 77  ? 6.861   3.230   0.279   1.00 7.93  ? 1153 TYR A CG  1 
ATOM   623  C CD1 . TYR A 1 77  ? 6.664   1.851   0.335   1.00 8.69  ? 1153 TYR A CD1 1 
ATOM   624  C CD2 . TYR A 1 77  ? 6.427   4.012   1.337   1.00 8.28  ? 1153 TYR A CD2 1 
ATOM   625  C CE1 . TYR A 1 77  ? 6.046   1.288   1.456   1.00 8.50  ? 1153 TYR A CE1 1 
ATOM   626  C CE2 . TYR A 1 77  ? 5.842   3.447   2.462   1.00 8.05  ? 1153 TYR A CE2 1 
ATOM   627  C CZ  . TYR A 1 77  ? 5.643   2.081   2.508   1.00 8.08  ? 1153 TYR A CZ  1 
ATOM   628  O OH  . TYR A 1 77  ? 5.060   1.473   3.586   1.00 9.48  ? 1153 TYR A OH  1 
ATOM   629  N N   . VAL A 1 78  ? 5.165   5.879   -1.379  1.00 8.93  ? 1154 VAL A N   1 
ATOM   630  C CA  . VAL A 1 78  ? 3.894   6.464   -1.028  1.00 9.14  ? 1154 VAL A CA  1 
ATOM   631  C C   . VAL A 1 78  ? 2.921   6.318   -2.185  1.00 8.87  ? 1154 VAL A C   1 
ATOM   632  O O   . VAL A 1 78  ? 1.740   5.999   -1.996  1.00 9.28  ? 1154 VAL A O   1 
ATOM   633  C CB  . VAL A 1 78  ? 4.088   7.945   -0.644  1.00 8.93  ? 1154 VAL A CB  1 
ATOM   634  C CG1 . VAL A 1 78  ? 2.718   8.611   -0.445  1.00 10.99 ? 1154 VAL A CG1 1 
ATOM   635  C CG2 . VAL A 1 78  ? 4.907   8.049   0.620   1.00 10.80 ? 1154 VAL A CG2 1 
ATOM   636  N N   . ASP A 1 79  ? 3.379   6.527   -3.427  1.00 8.57  ? 1155 ASP A N   1 
ATOM   637  C CA  . ASP A 1 79  ? 2.511   6.409   -4.579  1.00 8.84  ? 1155 ASP A CA  1 
ATOM   638  C C   . ASP A 1 79  ? 1.989   4.992   -4.718  1.00 8.59  ? 1155 ASP A C   1 
ATOM   639  O O   . ASP A 1 79  ? 0.806   4.841   -5.112  1.00 9.26  ? 1155 ASP A O   1 
ATOM   640  C CB  . ASP A 1 79  ? 3.223   6.825   -5.876  1.00 10.41 ? 1155 ASP A CB  1 
ATOM   641  C CG  . ASP A 1 79  ? 3.414   8.309   -6.087  1.00 13.54 ? 1155 ASP A CG  1 
ATOM   642  O OD1 . ASP A 1 79  ? 2.822   9.092   -5.370  1.00 14.01 ? 1155 ASP A OD1 1 
ATOM   643  O OD2 . ASP A 1 79  ? 4.247   8.655   -7.016  1.00 18.17 ? 1155 ASP A OD2 1 
ATOM   644  N N   . ASP A 1 80  ? 2.794   3.949   -4.461  1.00 8.67  ? 1156 ASP A N   1 
ATOM   645  C CA  . ASP A 1 80  ? 2.246   2.607   -4.526  1.00 8.37  ? 1156 ASP A CA  1 
ATOM   646  C C   . ASP A 1 80  ? 1.196   2.328   -3.461  1.00 8.21  ? 1156 ASP A C   1 
ATOM   647  O O   . ASP A 1 80  ? 0.210   1.640   -3.743  1.00 8.83  ? 1156 ASP A O   1 
ATOM   648  C CB  . ASP A 1 80  ? 3.331   1.511   -4.496  1.00 9.54  ? 1156 ASP A CB  1 
ATOM   649  C CG  . ASP A 1 80  ? 3.890   1.147   -5.866  1.00 11.54 ? 1156 ASP A CG  1 
ATOM   650  O OD1 . ASP A 1 80  ? 3.311   1.509   -6.879  1.00 12.64 ? 1156 ASP A OD1 1 
ATOM   651  O OD2 . ASP A 1 80  ? 4.951   0.474   -5.872  1.00 12.17 ? 1156 ASP A OD2 1 
ATOM   652  N N   . VAL A 1 81  ? 1.439   2.813   -2.242  1.00 7.74  ? 1157 VAL A N   1 
ATOM   653  C CA  . VAL A 1 81  ? 0.448   2.601   -1.177  1.00 7.78  ? 1157 VAL A CA  1 
ATOM   654  C C   . VAL A 1 81  ? -0.871  3.276   -1.580  1.00 7.69  ? 1157 VAL A C   1 
ATOM   655  O O   . VAL A 1 81  ? -1.959  2.661   -1.464  1.00 8.24  ? 1157 VAL A O   1 
ATOM   656  C CB  . VAL A 1 81  ? 0.995   3.120   0.151   1.00 7.71  ? 1157 VAL A CB  1 
ATOM   657  C CG1 . VAL A 1 81  ? -0.112  3.049   1.214   1.00 9.10  ? 1157 VAL A CG1 1 
ATOM   658  C CG2 . VAL A 1 81  ? 2.219   2.322   0.592   1.00 8.79  ? 1157 VAL A CG2 1 
ATOM   659  N N   . TRP A 1 82  ? -0.787  4.483   -2.157  1.00 7.56  ? 1158 TRP A N   1 
ATOM   660  C CA  . TRP A 1 82  ? -1.993  5.176   -2.573  1.00 8.05  ? 1158 TRP A CA  1 
ATOM   661  C C   . TRP A 1 82  ? -2.602  4.543   -3.815  1.00 7.96  ? 1158 TRP A C   1 
ATOM   662  O O   . TRP A 1 82  ? -3.844  4.628   -3.988  1.00 8.70  ? 1158 TRP A O   1 
ATOM   663  C CB  . TRP A 1 82  ? -1.698  6.676   -2.781  1.00 8.73  ? 1158 TRP A CB  1 
ATOM   664  C CG  . TRP A 1 82  ? -1.864  7.394   -1.466  1.00 8.64  ? 1158 TRP A CG  1 
ATOM   665  C CD1 . TRP A 1 82  ? -0.953  7.498   -0.461  1.00 10.28 ? 1158 TRP A CD1 1 
ATOM   666  C CD2 . TRP A 1 82  ? -3.064  8.026   -0.985  1.00 8.84  ? 1158 TRP A CD2 1 
ATOM   667  N NE1 . TRP A 1 82  ? -1.492  8.144   0.622   1.00 10.32 ? 1158 TRP A NE1 1 
ATOM   668  C CE2 . TRP A 1 82  ? -2.787  8.518   0.311   1.00 9.52  ? 1158 TRP A CE2 1 
ATOM   669  C CE3 . TRP A 1 82  ? -4.298  8.290   -1.586  1.00 9.20  ? 1158 TRP A CE3 1 
ATOM   670  C CZ2 . TRP A 1 82  ? -3.760  9.217   1.042   1.00 10.15 ? 1158 TRP A CZ2 1 
ATOM   671  C CZ3 . TRP A 1 82  ? -5.251  9.006   -0.858  1.00 9.24  ? 1158 TRP A CZ3 1 
ATOM   672  C CH2 . TRP A 1 82  ? -4.985  9.434   0.441   1.00 9.09  ? 1158 TRP A CH2 1 
ATOM   673  N N   . LEU A 1 83  ? -1.833  3.902   -4.701  1.00 8.26  ? 1159 LEU A N   1 
ATOM   674  C CA  . LEU A 1 83  ? -2.407  3.205   -5.830  1.00 8.26  ? 1159 LEU A CA  1 
ATOM   675  C C   . LEU A 1 83  ? -3.256  2.055   -5.278  1.00 8.17  ? 1159 LEU A C   1 
ATOM   676  O O   . LEU A 1 83  ? -4.375  1.820   -5.731  1.00 8.76  ? 1159 LEU A O   1 
ATOM   677  C CB  . LEU A 1 83  ? -1.251  2.715   -6.729  1.00 9.26  ? 1159 LEU A CB  1 
ATOM   678  C CG  . LEU A 1 83  ? -1.682  1.779   -7.872  1.00 9.16  ? 1159 LEU A CG  1 
ATOM   679  C CD1 . LEU A 1 83  ? -2.661  2.456   -8.791  1.00 10.54 ? 1159 LEU A CD1 1 
ATOM   680  C CD2 . LEU A 1 83  ? -0.421  1.315   -8.630  1.00 10.18 ? 1159 LEU A CD2 1 
ATOM   681  N N   . MET A 1 84  ? -2.754  1.320   -4.281  1.00 7.92  ? 1160 MET A N   1 
ATOM   682  C CA  . MET A 1 84  ? -3.516  0.265   -3.630  1.00 8.34  ? 1160 MET A CA  1 
ATOM   683  C C   . MET A 1 84  ? -4.826  0.820   -3.057  1.00 7.75  ? 1160 MET A C   1 
ATOM   684  O O   . MET A 1 84  ? -5.904  0.232   -3.266  1.00 8.35  ? 1160 MET A O   1 
ATOM   685  C CB  . MET A 1 84  ? -2.649  -0.367  -2.547  1.00 8.28  ? 1160 MET A CB  1 
ATOM   686  C CG  . MET A 1 84  ? -3.387  -1.440  -1.750  1.00 9.49  ? 1160 MET A CG  1 
ATOM   687  S SD  . MET A 1 84  ? -2.329  -2.116  -0.433  1.00 9.88  ? 1160 MET A SD  1 
ATOM   688  C CE  . MET A 1 84  ? -2.558  -0.853  0.807   1.00 15.15 ? 1160 MET A CE  1 
ATOM   689  N N   . PHE A 1 85  ? -4.771  1.951   -2.340  1.00 7.24  ? 1161 PHE A N   1 
ATOM   690  C CA  . PHE A 1 85  ? -6.000  2.537   -1.775  1.00 7.25  ? 1161 PHE A CA  1 
ATOM   691  C C   . PHE A 1 85  ? -6.947  2.969   -2.885  1.00 7.48  ? 1161 PHE A C   1 
ATOM   692  O O   . PHE A 1 85  ? -8.158  2.686   -2.816  1.00 7.52  ? 1161 PHE A O   1 
ATOM   693  C CB  . PHE A 1 85  ? -5.673  3.766   -0.920  1.00 7.80  ? 1161 PHE A CB  1 
ATOM   694  C CG  . PHE A 1 85  ? -4.822  3.517   0.308   1.00 7.37  ? 1161 PHE A CG  1 
ATOM   695  C CD1 . PHE A 1 85  ? -4.776  2.306   0.959   1.00 8.57  ? 1161 PHE A CD1 1 
ATOM   696  C CD2 . PHE A 1 85  ? -4.089  4.573   0.854   1.00 8.61  ? 1161 PHE A CD2 1 
ATOM   697  C CE1 . PHE A 1 85  ? -4.017  2.157   2.129   1.00 9.42  ? 1161 PHE A CE1 1 
ATOM   698  C CE2 . PHE A 1 85  ? -3.323  4.435   2.012   1.00 9.87  ? 1161 PHE A CE2 1 
ATOM   699  C CZ  . PHE A 1 85  ? -3.285  3.228   2.627   1.00 8.85  ? 1161 PHE A CZ  1 
ATOM   700  N N   . ASN A 1 86  ? -6.440  3.709   -3.867  1.00 7.43  ? 1162 ASN A N   1 
ATOM   701  C CA  . ASN A 1 86  ? -7.306  4.226   -4.918  1.00 7.91  ? 1162 ASN A CA  1 
ATOM   702  C C   . ASN A 1 86  ? -7.937  3.104   -5.726  1.00 7.69  ? 1162 ASN A C   1 
ATOM   703  O O   . ASN A 1 86  ? -9.100  3.209   -6.148  1.00 8.34  ? 1162 ASN A O   1 
ATOM   704  C CB  . ASN A 1 86  ? -6.547  5.231   -5.800  1.00 9.12  ? 1162 ASN A CB  1 
ATOM   705  C CG  . ASN A 1 86  ? -6.370  6.578   -5.136  1.00 10.63 ? 1162 ASN A CG  1 
ATOM   706  O OD1 . ASN A 1 86  ? -5.339  7.259   -5.324  1.00 12.89 ? 1162 ASN A OD1 1 
ATOM   707  N ND2 . ASN A 1 86  ? -7.385  7.018   -4.460  1.00 11.21 ? 1162 ASN A ND2 1 
ATOM   708  N N   . ASN A 1 87  ? -7.217  2.033   -5.962  1.00 7.89  ? 1163 ASN A N   1 
ATOM   709  C CA  . ASN A 1 87  ? -7.821  0.888   -6.656  1.00 8.38  ? 1163 ASN A CA  1 
ATOM   710  C C   . ASN A 1 87  ? -9.013  0.358   -5.857  1.00 8.34  ? 1163 ASN A C   1 
ATOM   711  O O   . ASN A 1 87  ? -10.067 0.069   -6.426  1.00 9.12  ? 1163 ASN A O   1 
ATOM   712  C CB  . ASN A 1 87  ? -6.826  -0.252  -6.848  1.00 8.67  ? 1163 ASN A CB  1 
ATOM   713  C CG  . ASN A 1 87  ? -5.765  0.024   -7.897  1.00 8.74  ? 1163 ASN A CG  1 
ATOM   714  O OD1 . ASN A 1 87  ? -5.920  0.928   -8.697  1.00 9.77  ? 1163 ASN A OD1 1 
ATOM   715  N ND2 . ASN A 1 87  ? -4.698  -0.758  -7.849  1.00 10.22 ? 1163 ASN A ND2 1 
ATOM   716  N N   . ALA A 1 88  ? -8.859  0.240   -4.538  1.00 8.21  ? 1164 ALA A N   1 
ATOM   717  C CA  . ALA A 1 88  ? -9.923  -0.328  -3.726  1.00 7.93  ? 1164 ALA A CA  1 
ATOM   718  C C   . ALA A 1 88  ? -11.104 0.635   -3.661  1.00 7.96  ? 1164 ALA A C   1 
ATOM   719  O O   . ALA A 1 88  ? -12.268 0.188   -3.763  1.00 8.01  ? 1164 ALA A O   1 
ATOM   720  C CB  . ALA A 1 88  ? -9.383  -0.616  -2.309  1.00 8.08  ? 1164 ALA A CB  1 
ATOM   721  N N   . TRP A 1 89  ? -10.891 1.949   -3.542  1.00 7.66  ? 1165 TRP A N   1 
ATOM   722  C CA  . TRP A 1 89  ? -11.994 2.886   -3.514  1.00 7.83  ? 1165 TRP A CA  1 
ATOM   723  C C   . TRP A 1 89  ? -12.626 2.999   -4.904  1.00 8.99  ? 1165 TRP A C   1 
ATOM   724  O O   . TRP A 1 89  ? -13.823 3.316   -4.983  1.00 10.81 ? 1165 TRP A O   1 
ATOM   725  C CB  . TRP A 1 89  ? -11.469 4.248   -3.059  1.00 8.21  ? 1165 TRP A CB  1 
ATOM   726  C CG  . TRP A 1 89  ? -11.162 4.397   -1.603  1.00 7.46  ? 1165 TRP A CG  1 
ATOM   727  C CD1 . TRP A 1 89  ? -11.842 3.895   -0.509  1.00 7.96  ? 1165 TRP A CD1 1 
ATOM   728  C CD2 . TRP A 1 89  ? -10.068 5.174   -1.091  1.00 7.78  ? 1165 TRP A CD2 1 
ATOM   729  N NE1 . TRP A 1 89  ? -11.268 4.375   0.631   1.00 7.61  ? 1165 TRP A NE1 1 
ATOM   730  C CE2 . TRP A 1 89  ? -10.177 5.160   0.312   1.00 7.77  ? 1165 TRP A CE2 1 
ATOM   731  C CE3 . TRP A 1 89  ? -9.065  5.948   -1.698  1.00 7.88  ? 1165 TRP A CE3 1 
ATOM   732  C CZ2 . TRP A 1 89  ? -9.266  5.857   1.123   1.00 8.23  ? 1165 TRP A CZ2 1 
ATOM   733  C CZ3 . TRP A 1 89  ? -8.165  6.600   -0.884  1.00 8.12  ? 1165 TRP A CZ3 1 
ATOM   734  C CH2 . TRP A 1 89  ? -8.267  6.577   0.499   1.00 7.92  ? 1165 TRP A CH2 1 
ATOM   735  N N   . LEU A 1 90  ? -11.908 2.751   -5.984  1.00 8.41  ? 1166 LEU A N   1 
ATOM   736  C CA  . LEU A 1 90  ? -12.480 2.785   -7.325  1.00 9.59  ? 1166 LEU A CA  1 
ATOM   737  C C   . LEU A 1 90  ? -13.390 1.590   -7.524  1.00 9.29  ? 1166 LEU A C   1 
ATOM   738  O O   . LEU A 1 90  ? -14.519 1.765   -8.034  1.00 10.86 ? 1166 LEU A O   1 
ATOM   739  C CB  . LEU A 1 90  ? -11.331 2.736   -8.347  1.00 10.24 ? 1166 LEU A CB  1 
ATOM   740  C CG  . LEU A 1 90  ? -11.787 2.664   -9.809  1.00 12.40 ? 1166 LEU A CG  1 
ATOM   741  C CD1 . LEU A 1 90  ? -12.524 3.924   -10.232 1.00 15.71 ? 1166 LEU A CD1 1 
ATOM   742  C CD2 . LEU A 1 90  ? -10.567 2.410   -10.699 1.00 13.88 ? 1166 LEU A CD2 1 
ATOM   743  N N   . TYR A 1 91  ? -12.921 0.399   -7.241  1.00 8.68  ? 1167 TYR A N   1 
ATOM   744  C CA  . TYR A 1 91  ? -13.651 -0.812  -7.609  1.00 9.11  ? 1167 TYR A CA  1 
ATOM   745  C C   . TYR A 1 91  ? -14.810 -1.097  -6.644  1.00 9.66  ? 1167 TYR A C   1 
ATOM   746  O O   . TYR A 1 91  ? -15.887 -1.535  -7.113  1.00 10.46 ? 1167 TYR A O   1 
ATOM   747  C CB  . TYR A 1 91  ? -12.698 -2.006  -7.603  1.00 9.26  ? 1167 TYR A CB  1 
ATOM   748  C CG  . TYR A 1 91  ? -13.442 -3.272  -7.945  1.00 9.58  ? 1167 TYR A CG  1 
ATOM   749  C CD1 . TYR A 1 91  ? -13.724 -3.596  -9.285  1.00 10.55 ? 1167 TYR A CD1 1 
ATOM   750  C CD2 . TYR A 1 91  ? -13.928 -4.104  -6.969  1.00 10.03 ? 1167 TYR A CD2 1 
ATOM   751  C CE1 . TYR A 1 91  ? -14.521 -4.690  -9.611  1.00 10.85 ? 1167 TYR A CE1 1 
ATOM   752  C CE2 . TYR A 1 91  ? -14.683 -5.236  -7.270  1.00 10.24 ? 1167 TYR A CE2 1 
ATOM   753  C CZ  . TYR A 1 91  ? -14.990 -5.506  -8.599  1.00 9.86  ? 1167 TYR A CZ  1 
ATOM   754  O OH  . TYR A 1 91  ? -15.794 -6.592  -8.858  1.00 11.10 ? 1167 TYR A OH  1 
ATOM   755  N N   . ASN A 1 92  ? -14.617 -0.933  -5.345  1.00 8.83  ? 1168 ASN A N   1 
ATOM   756  C CA  . ASN A 1 92  ? -15.553 -1.454  -4.367  1.00 8.71  ? 1168 ASN A CA  1 
ATOM   757  C C   . ASN A 1 92  ? -16.667 -0.463  -4.073  1.00 9.19  ? 1168 ASN A C   1 
ATOM   758  O O   . ASN A 1 92  ? -16.474 0.761   -4.123  1.00 10.17 ? 1168 ASN A O   1 
ATOM   759  C CB  . ASN A 1 92  ? -14.830 -1.807  -3.083  1.00 8.72  ? 1168 ASN A CB  1 
ATOM   760  C CG  . ASN A 1 92  ? -13.849 -2.936  -3.322  1.00 8.44  ? 1168 ASN A CG  1 
ATOM   761  O OD1 . ASN A 1 92  ? -14.238 -4.126  -3.264  1.00 9.47  ? 1168 ASN A OD1 1 
ATOM   762  N ND2 . ASN A 1 92  ? -12.594 -2.643  -3.634  1.00 9.00  ? 1168 ASN A ND2 1 
ATOM   763  N N   . ARG A 1 93  ? -17.834 -1.027  -3.712  1.00 9.17  ? 1169 ARG A N   1 
ATOM   764  C CA  . ARG A 1 93  ? -18.951 -0.160  -3.328  1.00 9.42  ? 1169 ARG A CA  1 
ATOM   765  C C   . ARG A 1 93  ? -18.639 0.491   -1.984  1.00 9.11  ? 1169 ARG A C   1 
ATOM   766  O O   . ARG A 1 93  ? -17.941 -0.065  -1.116  1.00 9.33  ? 1169 ARG A O   1 
ATOM   767  C CB  . ARG A 1 93  ? -20.252 -0.958  -3.249  1.00 11.67 ? 1169 ARG A CB  1 
ATOM   768  C CG  . ARG A 1 93  ? -20.716 -1.574  -4.568  1.00 11.63 ? 1169 ARG A CG  1 
ATOM   769  C CD  . ARG A 1 93  ? -21.461 -0.528  -5.384  1.00 14.87 ? 1169 ARG A CD  1 
ATOM   770  N NE  . ARG A 1 93  ? -21.737 -1.011  -6.763  1.00 19.48 ? 1169 ARG A NE  1 
ATOM   771  C CZ  . ARG A 1 93  ? -22.744 -1.800  -7.114  1.00 19.75 ? 1169 ARG A CZ  1 
ATOM   772  N NH1 . ARG A 1 93  ? -23.670 -2.164  -6.247  1.00 19.47 ? 1169 ARG A NH1 1 
ATOM   773  N NH2 . ARG A 1 93  ? -22.848 -2.180  -8.380  1.00 22.72 ? 1169 ARG A NH2 1 
ATOM   774  N N   . LYS A 1 94  ? -19.234 1.660   -1.722  1.00 9.28  ? 1170 LYS A N   1 
ATOM   775  C CA  . LYS A 1 94  ? -18.914 2.396   -0.526  1.00 9.73  ? 1170 LYS A CA  1 
ATOM   776  C C   . LYS A 1 94  ? -19.344 1.689   0.754   1.00 9.68  ? 1170 LYS A C   1 
ATOM   777  O O   . LYS A 1 94  ? -18.781 1.948   1.803   1.00 10.17 ? 1170 LYS A O   1 
ATOM   778  C CB  . LYS A 1 94  ? -19.622 3.762   -0.538  1.00 11.88 ? 1170 LYS A CB  1 
ATOM   779  C CG  . LYS A 1 94  ? -19.000 4.756   -1.500  1.00 15.67 ? 1170 LYS A CG  1 
ATOM   780  C CD  . LYS A 1 94  ? -19.707 6.107   -1.487  1.00 24.46 ? 1170 LYS A CD  1 
ATOM   781  C CE  . LYS A 1 94  ? -21.076 6.112   -2.119  1.00 27.87 ? 1170 LYS A CE  1 
ATOM   782  N NZ  . LYS A 1 94  ? -21.722 7.433   -1.943  1.00 33.98 ? 1170 LYS A NZ  1 
ATOM   783  N N   . THR A 1 95  ? -20.342 0.796   0.680   1.00 9.97  ? 1171 THR A N   1 
ATOM   784  C CA  . THR A 1 95  ? -20.764 0.033   1.848   1.00 10.31 ? 1171 THR A CA  1 
ATOM   785  C C   . THR A 1 95  ? -19.923 -1.187  2.086   1.00 10.09 ? 1171 THR A C   1 
ATOM   786  O O   . THR A 1 95  ? -20.093 -1.856  3.116   1.00 11.24 ? 1171 THR A O   1 
ATOM   787  C CB  . THR A 1 95  ? -22.221 -0.410  1.731   1.00 12.18 ? 1171 THR A CB  1 
ATOM   788  O OG1 . THR A 1 95  ? -22.363 -1.065  0.489   1.00 11.84 ? 1171 THR A OG1 1 
ATOM   789  C CG2 . THR A 1 95  ? -23.149 0.782   1.890   1.00 13.64 ? 1171 THR A CG2 1 
ATOM   790  N N   . SER A 1 96  ? -19.072 -1.579  1.144   1.00 8.26  ? 1172 SER A N   1 
ATOM   791  C CA  . SER A 1 96  ? -18.382 -2.868  1.270   1.00 8.30  ? 1172 SER A CA  1 
ATOM   792  C C   . SER A 1 96  ? -17.301 -2.856  2.352   1.00 7.52  ? 1172 SER A C   1 
ATOM   793  O O   . SER A 1 96  ? -16.714 -1.813  2.710   1.00 8.47  ? 1172 SER A O   1 
ATOM   794  C CB  . SER A 1 96  ? -17.787 -3.292  -0.043  1.00 9.09  ? 1172 SER A CB  1 
ATOM   795  O OG  . SER A 1 96  ? -16.658 -2.424  -0.425  1.00 9.25  ? 1172 SER A OG  1 
ATOM   796  N N   . ARG A 1 97  ? -17.011 -4.047  2.889   1.00 7.74  ? 1173 ARG A N   1 
ATOM   797  C CA  . ARG A 1 97  ? -15.892 -4.167  3.828   1.00 8.00  ? 1173 ARG A CA  1 
ATOM   798  C C   . ARG A 1 97  ? -14.588 -3.709  3.211   1.00 7.19  ? 1173 ARG A C   1 
ATOM   799  O O   . ARG A 1 97  ? -13.842 -3.003  3.891   1.00 7.61  ? 1173 ARG A O   1 
ATOM   800  C CB  . ARG A 1 97  ? -15.762 -5.600  4.339   1.00 7.80  ? 1173 ARG A CB  1 
ATOM   801  C CG  . ARG A 1 97  ? -16.910 -6.044  5.247   1.00 8.98  ? 1173 ARG A CG  1 
ATOM   802  C CD  . ARG A 1 97  ? -16.819 -7.520  5.570   1.00 10.17 ? 1173 ARG A CD  1 
ATOM   803  N NE  . ARG A 1 97  ? -17.063 -8.294  4.381   1.00 9.69  ? 1173 ARG A NE  1 
ATOM   804  C CZ  . ARG A 1 97  ? -16.845 -9.600  4.282   1.00 10.84 ? 1173 ARG A CZ  1 
ATOM   805  N NH1 . ARG A 1 97  ? -17.119 -10.174 3.119   1.00 11.75 ? 1173 ARG A NH1 1 
ATOM   806  N NH2 . ARG A 1 97  ? -16.394 -10.281 5.342   1.00 12.02 ? 1173 ARG A NH2 1 
ATOM   807  N N   . VAL A 1 98  ? -14.290 -4.111  1.969   1.00 7.44  ? 1174 VAL A N   1 
ATOM   808  C CA  . VAL A 1 98  ? -12.998 -3.721  1.431   1.00 7.94  ? 1174 VAL A CA  1 
ATOM   809  C C   . VAL A 1 98  ? -12.880 -2.191  1.385   1.00 7.78  ? 1174 VAL A C   1 
ATOM   810  O O   . VAL A 1 98  ? -11.809 -1.658  1.692   1.00 7.82  ? 1174 VAL A O   1 
ATOM   811  C CB  . VAL A 1 98  ? -12.731 -4.382  0.085   1.00 7.89  ? 1174 VAL A CB  1 
ATOM   812  C CG1 . VAL A 1 98  ? -11.514 -3.791  -0.587  1.00 9.15  ? 1174 VAL A CG1 1 
ATOM   813  C CG2 . VAL A 1 98  ? -12.536 -5.901  0.252   1.00 9.36  ? 1174 VAL A CG2 1 
ATOM   814  N N   . TYR A 1 99  ? -13.946 -1.491  0.998   1.00 7.27  ? 1175 TYR A N   1 
ATOM   815  C CA  . TYR A 1 99  ? -13.898 -0.039  0.909   1.00 7.23  ? 1175 TYR A CA  1 
ATOM   816  C C   . TYR A 1 99  ? -13.666 0.572   2.282   1.00 7.33  ? 1175 TYR A C   1 
ATOM   817  O O   . TYR A 1 99  ? -12.800 1.470   2.479   1.00 7.98  ? 1175 TYR A O   1 
ATOM   818  C CB  . TYR A 1 99  ? -15.217 0.452   0.319   1.00 7.51  ? 1175 TYR A CB  1 
ATOM   819  C CG  . TYR A 1 99  ? -15.213 1.891   -0.110  1.00 7.18  ? 1175 TYR A CG  1 
ATOM   820  C CD1 . TYR A 1 99  ? -15.336 2.921   0.800   1.00 7.97  ? 1175 TYR A CD1 1 
ATOM   821  C CD2 . TYR A 1 99  ? -15.155 2.222   -1.473  1.00 8.25  ? 1175 TYR A CD2 1 
ATOM   822  C CE1 . TYR A 1 99  ? -15.400 4.262   0.355   1.00 9.27  ? 1175 TYR A CE1 1 
ATOM   823  C CE2 . TYR A 1 99  ? -15.208 3.542   -1.919  1.00 8.71  ? 1175 TYR A CE2 1 
ATOM   824  C CZ  . TYR A 1 99  ? -15.359 4.521   -0.993  1.00 8.74  ? 1175 TYR A CZ  1 
ATOM   825  O OH  . TYR A 1 99  ? -15.416 5.821   -1.490  1.00 11.39 ? 1175 TYR A OH  1 
ATOM   826  N N   . LYS A 1 100 ? -14.428 0.127   3.290   1.00 7.60  ? 1176 LYS A N   1 
ATOM   827  C CA  . LYS A 1 100 ? -14.276 0.692   4.615   1.00 7.53  ? 1176 LYS A CA  1 
ATOM   828  C C   . LYS A 1 100 ? -12.958 0.319   5.270   1.00 6.94  ? 1176 LYS A C   1 
ATOM   829  O O   . LYS A 1 100 ? -12.365 1.135   6.008   1.00 7.95  ? 1176 LYS A O   1 
ATOM   830  C CB  . LYS A 1 100 ? -15.489 0.339   5.455   1.00 10.61 ? 1176 LYS A CB  1 
ATOM   831  C CG  . LYS A 1 100 ? -16.724 1.141   4.989   1.00 12.38 ? 1176 LYS A CG  1 
ATOM   832  C CD  . LYS A 1 100 ? -17.938 0.897   5.804   1.00 15.41 ? 1176 LYS A CD  1 
ATOM   833  C CE  . LYS A 1 100 ? -19.151 1.652   5.325   1.00 13.15 ? 1176 LYS A CE  1 
ATOM   834  N NZ  . LYS A 1 100 ? -18.976 3.103   5.524   1.00 15.07 ? 1176 LYS A NZ  1 
ATOM   835  N N   . PHE A 1 101 ? -12.479 -0.888  4.992   1.00 7.20  ? 1177 PHE A N   1 
ATOM   836  C CA  . PHE A 1 101 ? -11.181 -1.319  5.486   1.00 7.67  ? 1177 PHE A CA  1 
ATOM   837  C C   . PHE A 1 101 ? -10.090 -0.476  4.826   1.00 7.27  ? 1177 PHE A C   1 
ATOM   838  O O   . PHE A 1 101 ? -9.136  -0.084  5.511   1.00 8.61  ? 1177 PHE A O   1 
ATOM   839  C CB  . PHE A 1 101 ? -10.970 -2.805  5.198   1.00 7.96  ? 1177 PHE A CB  1 
ATOM   840  C CG  . PHE A 1 101 ? -11.820 -3.768  6.006   1.00 7.72  ? 1177 PHE A CG  1 
ATOM   841  C CD1 . PHE A 1 101 ? -12.660 -3.346  7.037   1.00 8.27  ? 1177 PHE A CD1 1 
ATOM   842  C CD2 . PHE A 1 101 ? -11.705 -5.128  5.736   1.00 8.42  ? 1177 PHE A CD2 1 
ATOM   843  C CE1 . PHE A 1 101 ? -13.414 -4.295  7.751   1.00 8.66  ? 1177 PHE A CE1 1 
ATOM   844  C CE2 . PHE A 1 101 ? -12.434 -6.070  6.483   1.00 9.03  ? 1177 PHE A CE2 1 
ATOM   845  C CZ  . PHE A 1 101 ? -13.276 -5.653  7.481   1.00 9.28  ? 1177 PHE A CZ  1 
ATOM   846  N N   . CYS A 1 102 ? -10.221 -0.185  3.535   1.00 7.38  ? 1178 CYS A N   1 
ATOM   847  C CA  . CYS A 1 102 ? -9.273  0.694   2.855   1.00 7.17  ? 1178 CYS A CA  1 
ATOM   848  C C   . CYS A 1 102 ? -9.194  2.034   3.582   1.00 7.22  ? 1178 CYS A C   1 
ATOM   849  O O   . CYS A 1 102 ? -8.127  2.581   3.853   1.00 7.97  ? 1178 CYS A O   1 
ATOM   850  C CB  . CYS A 1 102 ? -9.711  0.892   1.411   1.00 6.84  ? 1178 CYS A CB  1 
ATOM   851  S SG  . CYS A 1 102 ? -8.549  1.944   0.547   1.00 8.56  ? 1178 CYS A SG  1 
ATOM   852  N N   . SER A 1 103 ? -10.341 2.609   3.907   1.00 7.20  ? 1179 SER A N   1 
ATOM   853  C CA  . SER A 1 103 ? -10.400 3.912   4.568   1.00 7.71  ? 1179 SER A CA  1 
ATOM   854  C C   . SER A 1 103 ? -9.636  3.876   5.883   1.00 7.88  ? 1179 SER A C   1 
ATOM   855  O O   . SER A 1 103 ? -8.945  4.828   6.257   1.00 8.80  ? 1179 SER A O   1 
ATOM   856  C CB  . SER A 1 103 ? -11.810 4.384   4.745   1.00 8.67  ? 1179 SER A CB  1 
ATOM   857  O OG  . SER A 1 103 ? -12.353 4.720   3.451   1.00 9.58  ? 1179 SER A OG  1 
ATOM   858  N N   . LYS A 1 104 ? -9.786  2.776   6.655   1.00 8.05  ? 1180 LYS A N   1 
ATOM   859  C CA  . LYS A 1 104 ? -9.021  2.632   7.889   1.00 8.17  ? 1180 LYS A CA  1 
ATOM   860  C C   . LYS A 1 104 ? -7.527  2.538   7.613   1.00 8.29  ? 1180 LYS A C   1 
ATOM   861  O O   . LYS A 1 104 ? -6.739  3.185   8.332   1.00 8.38  ? 1180 LYS A O   1 
ATOM   862  C CB  . LYS A 1 104 ? -9.566  1.440   8.696   1.00 9.91  ? 1180 LYS A CB  1 
ATOM   863  C CG  . LYS A 1 104 ? -8.740  1.143   9.946   1.00 13.53 ? 1180 LYS A CG  1 
ATOM   864  C CD  . LYS A 1 104 ? -8.713  2.260   10.971  1.00 16.15 ? 1180 LYS A CD  1 
ATOM   865  C CE  . LYS A 1 104 ? -7.973  1.857   12.237  1.00 20.54 ? 1180 LYS A CE  1 
ATOM   866  N NZ  . LYS A 1 104 ? -8.043  2.936   13.241  1.00 30.14 ? 1180 LYS A NZ  1 
ATOM   867  N N   . LEU A 1 105 ? -7.115  1.745   6.645   1.00 8.13  ? 1181 LEU A N   1 
ATOM   868  C CA  . LEU A 1 105 ? -5.697  1.660   6.360   1.00 8.20  ? 1181 LEU A CA  1 
ATOM   869  C C   . LEU A 1 105 ? -5.153  3.026   5.943   1.00 7.76  ? 1181 LEU A C   1 
ATOM   870  O O   . LEU A 1 105 ? -4.010  3.355   6.278   1.00 8.05  ? 1181 LEU A O   1 
ATOM   871  C CB  . LEU A 1 105 ? -5.382  0.647   5.272   1.00 8.57  ? 1181 LEU A CB  1 
ATOM   872  C CG  . LEU A 1 105 ? -5.696  -0.811  5.584   1.00 10.63 ? 1181 LEU A CG  1 
ATOM   873  C CD1 . LEU A 1 105 ? -5.116  -1.635  4.460   1.00 13.19 ? 1181 LEU A CD1 1 
ATOM   874  C CD2 . LEU A 1 105 ? -5.135  -1.253  6.921   1.00 12.21 ? 1181 LEU A CD2 1 
ATOM   875  N N   . ALA A 1 106 ? -5.940  3.847   5.206   1.00 7.35  ? 1182 ALA A N   1 
ATOM   876  C CA  . ALA A 1 106 ? -5.442  5.150   4.798   1.00 6.80  ? 1182 ALA A CA  1 
ATOM   877  C C   . ALA A 1 106 ? -5.234  6.025   6.017   1.00 7.64  ? 1182 ALA A C   1 
ATOM   878  O O   . ALA A 1 106 ? -4.318  6.870   6.062   1.00 8.02  ? 1182 ALA A O   1 
ATOM   879  C CB  . ALA A 1 106 ? -6.391  5.769   3.798   1.00 8.57  ? 1182 ALA A CB  1 
ATOM   880  N N   . GLU A 1 107 ? -6.117  5.935   7.025   1.00 7.44  ? 1183 GLU A N   1 
ATOM   881  C CA  . GLU A 1 107 ? -5.929  6.674   8.263   1.00 8.30  ? 1183 GLU A CA  1 
ATOM   882  C C   . GLU A 1 107 ? -4.648  6.264   8.956   1.00 8.30  ? 1183 GLU A C   1 
ATOM   883  O O   . GLU A 1 107 ? -3.851  7.096   9.411   1.00 9.48  ? 1183 GLU A O   1 
ATOM   884  C CB  . GLU A 1 107 ? -7.127  6.440   9.178   1.00 9.78  ? 1183 GLU A CB  1 
ATOM   885  C CG  . GLU A 1 107 ? -7.003  7.163   10.521  1.00 13.17 ? 1183 GLU A CG  1 
ATOM   886  C CD  . GLU A 1 107 ? -7.977  6.754   11.613  1.00 20.29 ? 1183 GLU A CD  1 
ATOM   887  O OE1 . GLU A 1 107 ? -8.444  5.653   11.620  1.00 25.97 ? 1183 GLU A OE1 1 
ATOM   888  O OE2 . GLU A 1 107 ? -8.097  7.501   12.594  1.00 27.05 ? 1183 GLU A OE2 1 
ATOM   889  N N   . VAL A 1 108 ? -4.429  4.955   9.125   1.00 8.10  ? 1184 VAL A N   1 
ATOM   890  C CA  . VAL A 1 108 ? -3.210  4.464   9.770   1.00 8.52  ? 1184 VAL A CA  1 
ATOM   891  C C   . VAL A 1 108 ? -1.982  4.919   9.006   1.00 8.12  ? 1184 VAL A C   1 
ATOM   892  O O   . VAL A 1 108 ? -0.972  5.364   9.589   1.00 8.90  ? 1184 VAL A O   1 
ATOM   893  C CB  . VAL A 1 108 ? -3.266  2.926   9.887   1.00 9.45  ? 1184 VAL A CB  1 
ATOM   894  C CG1 . VAL A 1 108 ? -1.942  2.348   10.368  1.00 11.08 ? 1184 VAL A CG1 1 
ATOM   895  C CG2 . VAL A 1 108 ? -4.405  2.482   10.806  1.00 10.91 ? 1184 VAL A CG2 1 
ATOM   896  N N   . PHE A 1 109 ? -1.989  4.740   7.692   1.00 8.16  ? 1185 PHE A N   1 
ATOM   897  C CA  . PHE A 1 109 ? -0.829  5.091   6.888   1.00 7.51  ? 1185 PHE A CA  1 
ATOM   898  C C   . PHE A 1 109 ? -0.504  6.584   6.994   1.00 7.71  ? 1185 PHE A C   1 
ATOM   899  O O   . PHE A 1 109 ? 0.671   6.942   7.146   1.00 8.36  ? 1185 PHE A O   1 
ATOM   900  C CB  . PHE A 1 109 ? -1.013  4.698   5.428   1.00 8.06  ? 1185 PHE A CB  1 
ATOM   901  C CG  . PHE A 1 109 ? 0.250   4.867   4.613   1.00 7.52  ? 1185 PHE A CG  1 
ATOM   902  C CD1 . PHE A 1 109 ? 1.371   4.057   4.843   1.00 8.46  ? 1185 PHE A CD1 1 
ATOM   903  C CD2 . PHE A 1 109 ? 0.332   5.865   3.657   1.00 8.96  ? 1185 PHE A CD2 1 
ATOM   904  C CE1 . PHE A 1 109 ? 2.533   4.223   4.095   1.00 8.07  ? 1185 PHE A CE1 1 
ATOM   905  C CE2 . PHE A 1 109 ? 1.479   6.007   2.891   1.00 9.60  ? 1185 PHE A CE2 1 
ATOM   906  C CZ  . PHE A 1 109 ? 2.582   5.184   3.095   1.00 8.74  ? 1185 PHE A CZ  1 
ATOM   907  N N   . GLU A 1 110 ? -1.518  7.433   6.936   1.00 8.20  ? 1186 GLU A N   1 
ATOM   908  C CA  . GLU A 1 110 ? -1.286  8.865   7.036   1.00 7.96  ? 1186 GLU A CA  1 
ATOM   909  C C   . GLU A 1 110 ? -0.527  9.192   8.332   1.00 8.37  ? 1186 GLU A C   1 
ATOM   910  O O   . GLU A 1 110 ? 0.428   9.986   8.324   1.00 9.05  ? 1186 GLU A O   1 
ATOM   911  C CB  . GLU A 1 110 ? -2.633  9.565   7.100   1.00 8.84  ? 1186 GLU A CB  1 
ATOM   912  C CG  . GLU A 1 110 ? -2.536  11.022  7.525   1.00 9.67  ? 1186 GLU A CG  1 
ATOM   913  C CD  . GLU A 1 110 ? -3.942  11.574  7.632   1.00 11.27 ? 1186 GLU A CD  1 
ATOM   914  O OE1 . GLU A 1 110 ? -4.592  11.481  8.709   1.00 12.85 ? 1186 GLU A OE1 1 
ATOM   915  O OE2 . GLU A 1 110 ? -4.507  12.041  6.619   1.00 10.29 ? 1186 GLU A OE2 1 
ATOM   916  N N   . GLN A 1 111 ? -0.943  8.579   9.449   1.00 8.35  ? 1187 GLN A N   1 
ATOM   917  C CA  . GLN A 1 111 ? -0.324  8.844   10.745  1.00 9.47  ? 1187 GLN A CA  1 
ATOM   918  C C   . GLN A 1 111 ? 1.114   8.363   10.752  1.00 9.88  ? 1187 GLN A C   1 
ATOM   919  O O   . GLN A 1 111 ? 2.028   9.057   11.244  1.00 11.57 ? 1187 GLN A O   1 
ATOM   920  C CB  . GLN A 1 111 ? -1.154  8.108   11.813  1.00 10.29 ? 1187 GLN A CB  1 
ATOM   921  C CG  . GLN A 1 111 ? -0.536  8.266   13.202  1.00 13.26 ? 1187 GLN A CG  1 
ATOM   922  C CD  . GLN A 1 111 ? -1.392  7.603   14.256  1.00 14.94 ? 1187 GLN A CD  1 
ATOM   923  O OE1 . GLN A 1 111 ? -2.614  7.695   14.254  1.00 17.14 ? 1187 GLN A OE1 1 
ATOM   924  N NE2 . GLN A 1 111 ? -0.731  6.999   15.234  1.00 17.62 ? 1187 GLN A NE2 1 
ATOM   925  N N   . GLU A 1 112 ? 1.383   7.167   10.231  1.00 9.21  ? 1188 GLU A N   1 
ATOM   926  C CA  . GLU A 1 112 ? 2.713   6.573   10.295  1.00 9.89  ? 1188 GLU A CA  1 
ATOM   927  C C   . GLU A 1 112 ? 3.693   7.266   9.359   1.00 9.72  ? 1188 GLU A C   1 
ATOM   928  O O   . GLU A 1 112 ? 4.908   7.386   9.636   1.00 10.72 ? 1188 GLU A O   1 
ATOM   929  C CB  . GLU A 1 112 ? 2.633   5.091   9.939   1.00 12.77 ? 1188 GLU A CB  1 
ATOM   930  C CG  . GLU A 1 112 ? 1.895   4.234   10.966  1.00 15.80 ? 1188 GLU A CG  1 
ATOM   931  C CD  . GLU A 1 112 ? 2.413   4.161   12.398  1.00 20.34 ? 1188 GLU A CD  1 
ATOM   932  O OE1 . GLU A 1 112 ? 3.640   4.245   12.599  1.00 22.82 ? 1188 GLU A OE1 1 
ATOM   933  O OE2 . GLU A 1 112 ? 1.591   3.977   13.325  1.00 27.39 ? 1188 GLU A OE2 1 
ATOM   934  N N   . ILE A 1 113 ? 3.242   7.624   8.137   1.00 9.07  ? 1189 ILE A N   1 
ATOM   935  C CA  . ILE A 1 113 ? 4.175   8.075   7.125   1.00 8.93  ? 1189 ILE A CA  1 
ATOM   936  C C   . ILE A 1 113 ? 4.689   9.493   7.406   1.00 8.79  ? 1189 ILE A C   1 
ATOM   937  O O   . ILE A 1 113 ? 5.781   9.818   6.972   1.00 9.61  ? 1189 ILE A O   1 
ATOM   938  C CB  . ILE A 1 113 ? 3.543   7.929   5.717   1.00 8.48  ? 1189 ILE A CB  1 
ATOM   939  C CG1 . ILE A 1 113 ? 4.597   7.981   4.603   1.00 9.56  ? 1189 ILE A CG1 1 
ATOM   940  C CG2 . ILE A 1 113 ? 2.466   9.000   5.456   1.00 8.56  ? 1189 ILE A CG2 1 
ATOM   941  C CD1 . ILE A 1 113 ? 5.699   6.919   4.668   1.00 11.38 ? 1189 ILE A CD1 1 
ATOM   942  N N   . ASP A 1 114 ? 3.875   10.314  8.058   1.00 8.92  ? 1190 ASP A N   1 
ATOM   943  C CA  . ASP A 1 114 ? 4.273   11.726  8.204   1.00 9.45  ? 1190 ASP A CA  1 
ATOM   944  C C   . ASP A 1 114 ? 5.597   11.916  8.947   1.00 10.14 ? 1190 ASP A C   1 
ATOM   945  O O   . ASP A 1 114 ? 6.506   12.541  8.390   1.00 10.01 ? 1190 ASP A O   1 
ATOM   946  C CB  . ASP A 1 114 ? 3.100   12.522  8.786   1.00 12.26 ? 1190 ASP A CB  1 
ATOM   947  C CG  . ASP A 1 114 ? 3.323   14.030  8.807   1.00 17.36 ? 1190 ASP A CG  1 
ATOM   948  O OD1 . ASP A 1 114 ? 4.156   14.572  7.980   1.00 18.43 ? 1190 ASP A OD1 1 
ATOM   949  O OD2 . ASP A 1 114 ? 2.471   14.661  9.460   1.00 18.39 ? 1190 ASP A OD2 1 
ATOM   950  N N   . PRO A 1 115 ? 5.780   11.376  10.160  1.00 9.59  ? 1191 PRO A N   1 
ATOM   951  C CA  . PRO A 1 115 ? 7.054   11.630  10.842  1.00 9.34  ? 1191 PRO A CA  1 
ATOM   952  C C   . PRO A 1 115 ? 8.200   10.928  10.133  1.00 10.00 ? 1191 PRO A C   1 
ATOM   953  O O   . PRO A 1 115 ? 9.335   11.452  10.157  1.00 10.02 ? 1191 PRO A O   1 
ATOM   954  C CB  . PRO A 1 115 ? 6.853   11.007  12.236  1.00 10.47 ? 1191 PRO A CB  1 
ATOM   955  C CG  . PRO A 1 115 ? 5.670   10.053  12.059  1.00 11.82 ? 1191 PRO A CG  1 
ATOM   956  C CD  . PRO A 1 115 ? 4.796   10.717  11.031  1.00 10.98 ? 1191 PRO A CD  1 
ATOM   957  N N   . VAL A 1 116 ? 7.941   9.835   9.408   1.00 9.38  ? 1192 VAL A N   1 
ATOM   958  C CA  . VAL A 1 116 ? 8.978   9.139   8.681   1.00 10.10 ? 1192 VAL A CA  1 
ATOM   959  C C   . VAL A 1 116 ? 9.435   9.993   7.509   1.00 10.05 ? 1192 VAL A C   1 
ATOM   960  O O   . VAL A 1 116 ? 10.644  10.110  7.246   1.00 11.31 ? 1192 VAL A O   1 
ATOM   961  C CB  . VAL A 1 116 ? 8.483   7.742   8.254   1.00 10.76 ? 1192 VAL A CB  1 
ATOM   962  C CG1 . VAL A 1 116 ? 9.450   7.130   7.276   1.00 13.36 ? 1192 VAL A CG1 1 
ATOM   963  C CG2 . VAL A 1 116 ? 8.260   6.858   9.466   1.00 12.09 ? 1192 VAL A CG2 1 
ATOM   964  N N   . MET A 1 117 ? 8.520   10.621  6.783   1.00 10.22 ? 1193 MET A N   1 
ATOM   965  C CA  . MET A 1 117 ? 8.920   11.489  5.688   1.00 10.79 ? 1193 MET A CA  1 
ATOM   966  C C   . MET A 1 117 ? 9.716   12.669  6.214   1.00 11.59 ? 1193 MET A C   1 
ATOM   967  O O   . MET A 1 117 ? 10.681  13.080  5.572   1.00 13.58 ? 1193 MET A O   1 
ATOM   968  C CB  . MET A 1 117 ? 7.705   11.967  4.900   1.00 12.40 ? 1193 MET A CB  1 
ATOM   969  C CG  . MET A 1 117 ? 6.977   10.863  4.165   1.00 15.69 ? 1193 MET A CG  1 
ATOM   970  S SD  . MET A 1 117 ? 7.974   10.023  2.928   1.00 19.05 ? 1193 MET A SD  1 
ATOM   971  C CE  . MET A 1 117 ? 8.771   11.478  2.375   1.00 12.25 ? 1193 MET A CE  1 
ATOM   972  N N   . GLN A 1 118 ? 9.350   13.225  7.380   1.00 11.91 ? 1194 GLN A N   1 
ATOM   973  C CA  . GLN A 1 118 ? 10.133  14.322  7.925   1.00 13.49 ? 1194 GLN A CA  1 
ATOM   974  C C   . GLN A 1 118 ? 11.545  13.820  8.206   1.00 13.14 ? 1194 GLN A C   1 
ATOM   975  O O   . GLN A 1 118 ? 12.523  14.565  7.993   1.00 16.68 ? 1194 GLN A O   1 
ATOM   976  C CB  . GLN A 1 118 ? 9.485   14.869  9.202   1.00 13.83 ? 1194 GLN A CB  1 
ATOM   977  C CG  . GLN A 1 118 ? 8.115   15.496  9.000   1.00 16.38 ? 1194 GLN A CG  1 
ATOM   978  C CD  . GLN A 1 118 ? 8.059   16.507  7.880   1.00 22.71 ? 1194 GLN A CD  1 
ATOM   979  O OE1 . GLN A 1 118 ? 7.428   16.298  6.852   1.00 28.93 ? 1194 GLN A OE1 1 
ATOM   980  N NE2 . GLN A 1 118 ? 8.780   17.589  8.060   1.00 26.49 ? 1194 GLN A NE2 1 
ATOM   981  N N   . SER A 1 119 ? 11.715  12.613  8.688   1.00 12.34 ? 1195 SER A N   1 
ATOM   982  C CA  . SER A 1 119 ? 13.014  12.069  9.054   1.00 13.65 ? 1195 SER A CA  1 
ATOM   983  C C   . SER A 1 119 ? 13.878  11.855  7.814   1.00 15.48 ? 1195 SER A C   1 
ATOM   984  O O   . SER A 1 119 ? 15.112  11.871  7.940   1.00 17.49 ? 1195 SER A O   1 
ATOM   985  C CB  . SER A 1 119 ? 12.907  10.832  9.875   1.00 15.38 ? 1195 SER A CB  1 
ATOM   986  O OG  . SER A 1 119 ? 12.640  9.673   9.101   1.00 18.68 ? 1195 SER A OG  1 
ATOM   987  N N   . LEU A 1 120 ? 13.274  11.522  6.665   1.00 14.84 ? 1196 LEU A N   1 
ATOM   988  C CA  . LEU A 1 120 ? 14.014  11.215  5.437   1.00 16.34 ? 1196 LEU A CA  1 
ATOM   989  C C   . LEU A 1 120 ? 14.470  12.481  4.749   1.00 21.05 ? 1196 LEU A C   1 
ATOM   990  O O   . LEU A 1 120 ? 15.386  12.399  3.931   1.00 25.64 ? 1196 LEU A O   1 
ATOM   991  C CB  . LEU A 1 120 ? 13.131  10.366  4.520   1.00 14.71 ? 1196 LEU A CB  1 
ATOM   992  C CG  . LEU A 1 120 ? 13.042  8.919   4.953   1.00 13.98 ? 1196 LEU A CG  1 
ATOM   993  C CD1 . LEU A 1 120 ? 11.917  8.221   4.200   1.00 14.87 ? 1196 LEU A CD1 1 
ATOM   994  C CD2 . LEU A 1 120 ? 14.369  8.181   4.705   1.00 16.97 ? 1196 LEU A CD2 1 
ATOM   995  N N   . GLY A 1 121 ? 13.868  13.628  5.051   1.00 22.68 ? 1197 GLY A N   1 
ATOM   996  C CA  . GLY A 1 121 ? 14.302  14.879  4.456   1.00 28.81 ? 1197 GLY A CA  1 
ATOM   997  C C   . GLY A 1 121 ? 15.205  15.693  5.370   1.00 37.73 ? 1197 GLY A C   1 
ATOM   998  O O   . GLY A 1 121 ? 16.320  16.046  4.908   1.00 45.73 ? 1197 GLY A O   1 
HETATM 999  C C4  . 7OW B 2 .   ? -10.375 -8.138  -2.129  1.00 8.85  ? 1201 7OW A C4  1 
HETATM 1000 C C14 . 7OW B 2 .   ? -12.714 -14.945 1.495   1.00 23.06 ? 1201 7OW A C14 1 
HETATM 1001 C C5  . 7OW B 2 .   ? -10.348 -9.370  -1.317  1.00 9.19  ? 1201 7OW A C5  1 
HETATM 1002 C C6  . 7OW B 2 .   ? -9.120  -10.061 -1.106  1.00 10.79 ? 1201 7OW A C6  1 
HETATM 1003 C C11 . 7OW B 2 .   ? -11.641 -13.954 3.624   1.00 21.98 ? 1201 7OW A C11 1 
HETATM 1004 C C7  . 7OW B 2 .   ? -9.037  -11.166 -0.280  1.00 11.42 ? 1201 7OW A C7  1 
HETATM 1005 C C8  . 7OW B 2 .   ? -10.206 -11.630 0.300   1.00 10.83 ? 1201 7OW A C8  1 
HETATM 1006 C C9  . 7OW B 2 .   ? -11.707 -12.674 1.469   1.00 14.14 ? 1201 7OW A C9  1 
HETATM 1007 C C10 . 7OW B 2 .   ? -12.418 -13.690 2.329   1.00 18.23 ? 1201 7OW A C10 1 
HETATM 1008 C C12 . 7OW B 2 .   ? -11.399 -15.425 3.857   1.00 33.87 ? 1201 7OW A C12 1 
HETATM 1009 C C13 . 7OW B 2 .   ? -12.985 -16.225 2.280   1.00 26.43 ? 1201 7OW A C13 1 
HETATM 1010 N N1  . 7OW B 2 .   ? -10.432 -12.720 1.161   1.00 12.91 ? 1201 7OW A N1  1 
HETATM 1011 N N2  . 7OW B 2 .   ? -12.354 -11.650 0.835   1.00 12.20 ? 1201 7OW A N2  1 
HETATM 1012 C C3  . 7OW B 2 .   ? -9.368  -7.171  -1.967  1.00 8.75  ? 1201 7OW A C3  1 
HETATM 1013 N N3  . 7OW B 2 .   ? -11.382 -6.750  -3.761  1.00 9.11  ? 1201 7OW A N3  1 
HETATM 1014 C C1  . 7OW B 2 .   ? -8.317  -4.991  -2.468  1.00 8.82  ? 1201 7OW A C1  1 
HETATM 1015 C C2  . 7OW B 2 .   ? -9.404  -6.011  -2.643  1.00 7.26  ? 1201 7OW A C2  1 
HETATM 1016 O O1  . 7OW B 2 .   ? -12.610 -16.135 3.650   1.00 27.97 ? 1201 7OW A O1  1 
HETATM 1017 C C15 . 7OW B 2 .   ? -13.763 -11.279 0.917   1.00 12.36 ? 1201 7OW A C15 1 
HETATM 1018 C C16 . 7OW B 2 .   ? -13.940 -10.058 1.772   1.00 14.22 ? 1201 7OW A C16 1 
HETATM 1019 O O2  . 7OW B 2 .   ? -13.579 -10.381 3.117   1.00 14.81 ? 1201 7OW A O2  1 
HETATM 1020 C C17 . 7OW B 2 .   ? -13.151 -9.390  3.919   1.00 16.36 ? 1201 7OW A C17 1 
HETATM 1021 F F1  . 7OW B 2 .   ? -11.929 -9.073  3.515   1.00 20.01 ? 1201 7OW A F1  1 
HETATM 1022 F F2  . 7OW B 2 .   ? -13.889 -8.357  3.934   1.00 16.19 ? 1201 7OW A F2  1 
HETATM 1023 F F3  . 7OW B 2 .   ? -13.042 -9.799  5.148   1.00 19.48 ? 1201 7OW A F3  1 
HETATM 1024 C C18 . 7OW B 2 .   ? -11.406 -10.969 0.093   1.00 10.63 ? 1201 7OW A C18 1 
HETATM 1025 C C19 . 7OW B 2 .   ? -11.494 -9.837  -0.692  1.00 10.27 ? 1201 7OW A C19 1 
HETATM 1026 C C20 . 7OW B 2 .   ? -11.395 -7.887  -2.986  1.00 9.03  ? 1201 7OW A C20 1 
HETATM 1027 C C21 . 7OW B 2 .   ? -12.469 -6.518  -4.726  1.00 9.30  ? 1201 7OW A C21 1 
HETATM 1028 C C22 . 7OW B 2 .   ? -10.429 -5.738  -3.577  1.00 8.31  ? 1201 7OW A C22 1 
HETATM 1029 O O3  . 7OW B 2 .   ? -10.527 -4.676  -4.188  1.00 8.42  ? 1201 7OW A O3  1 
HETATM 1030 O O   . HOH C 3 .   ? 13.503  -1.508  -11.364 1.00 43.74 ? 1301 HOH A O   1 
HETATM 1031 O O   . HOH C 3 .   ? -8.274  -3.297  14.810  1.00 14.13 ? 1302 HOH A O   1 
HETATM 1032 O O   . HOH C 3 .   ? 12.358  12.476  -2.947  1.00 29.78 ? 1303 HOH A O   1 
HETATM 1033 O O   . HOH C 3 .   ? 10.107  -2.233  -10.233 1.00 39.80 ? 1304 HOH A O   1 
HETATM 1034 O O   . HOH C 3 .   ? 5.314   2.877   11.253  1.00 33.70 ? 1305 HOH A O   1 
HETATM 1035 O O   . HOH C 3 .   ? -16.433 2.841   -5.654  1.00 22.20 ? 1306 HOH A O   1 
HETATM 1036 O O   . HOH C 3 .   ? 9.498   -5.916  8.712   1.00 29.81 ? 1307 HOH A O   1 
HETATM 1037 O O   . HOH C 3 .   ? -21.617 -2.757  5.025   1.00 13.09 ? 1308 HOH A O   1 
HETATM 1038 O O   . HOH C 3 .   ? -9.375  -6.097  -19.301 1.00 37.86 ? 1309 HOH A O   1 
HETATM 1039 O O   . HOH C 3 .   ? 3.195   -6.156  10.997  1.00 31.58 ? 1310 HOH A O   1 
HETATM 1040 O O   . HOH C 3 .   ? -19.205 -14.448 -8.377  1.00 22.94 ? 1311 HOH A O   1 
HETATM 1041 O O   . HOH C 3 .   ? -8.698  -3.023  -5.336  1.00 9.93  ? 1312 HOH A O   1 
HETATM 1042 O O   . HOH C 3 .   ? 1.847   -10.144 2.203   1.00 24.70 ? 1313 HOH A O   1 
HETATM 1043 O O   . HOH C 3 .   ? -7.169  -2.454  13.122  1.00 22.81 ? 1314 HOH A O   1 
HETATM 1044 O O   . HOH C 3 .   ? 17.747  7.886   -4.751  1.00 25.70 ? 1315 HOH A O   1 
HETATM 1045 O O   . HOH C 3 .   ? 2.103   17.070  10.536  1.00 16.53 ? 1316 HOH A O   1 
HETATM 1046 O O   . HOH C 3 .   ? -1.242  -14.799 -3.320  1.00 35.55 ? 1317 HOH A O   1 
HETATM 1047 O O   . HOH C 3 .   ? -17.984 -2.966  -7.954  1.00 17.40 ? 1318 HOH A O   1 
HETATM 1048 O O   . HOH C 3 .   ? -16.393 -5.498  -2.459  1.00 10.84 ? 1319 HOH A O   1 
HETATM 1049 O O   . HOH C 3 .   ? 2.823   3.857   -8.085  1.00 15.63 ? 1320 HOH A O   1 
HETATM 1050 O O   . HOH C 3 .   ? -5.398  0.748   14.678  1.00 31.42 ? 1321 HOH A O   1 
HETATM 1051 O O   . HOH C 3 .   ? -13.437 2.938   7.700   1.00 21.55 ? 1322 HOH A O   1 
HETATM 1052 O O   . HOH C 3 .   ? 4.001   0.710   -9.361  1.00 18.52 ? 1323 HOH A O   1 
HETATM 1053 O O   . HOH C 3 .   ? -19.087 -5.092  -14.082 1.00 26.80 ? 1324 HOH A O   1 
HETATM 1054 O O   . HOH C 3 .   ? 11.849  -6.946  -7.648  1.00 28.58 ? 1325 HOH A O   1 
HETATM 1055 O O   . HOH C 3 .   ? -23.455 0.163   -1.663  1.00 25.67 ? 1326 HOH A O   1 
HETATM 1056 O O   . HOH C 3 .   ? -2.998  7.607   3.816   1.00 13.15 ? 1327 HOH A O   1 
HETATM 1057 O O   . HOH C 3 .   ? -18.382 -3.968  -10.446 1.00 18.35 ? 1328 HOH A O   1 
HETATM 1058 O O   . HOH C 3 .   ? -14.737 5.839   -4.584  1.00 20.84 ? 1329 HOH A O   1 
HETATM 1059 O O   . HOH C 3 .   ? 17.730  8.818   6.443   1.00 38.70 ? 1330 HOH A O   1 
HETATM 1060 O O   . HOH C 3 .   ? -1.335  -6.357  -6.541  1.00 13.89 ? 1331 HOH A O   1 
HETATM 1061 O O   . HOH C 3 .   ? -4.273  9.536   10.578  1.00 15.31 ? 1332 HOH A O   1 
HETATM 1062 O O   . HOH C 3 .   ? -10.177 -1.875  13.936  1.00 18.75 ? 1333 HOH A O   1 
HETATM 1063 O O   . HOH C 3 .   ? -3.274  -13.633 -4.875  1.00 24.51 ? 1334 HOH A O   1 
HETATM 1064 O O   . HOH C 3 .   ? 2.960   10.744  -3.207  1.00 24.15 ? 1335 HOH A O   1 
HETATM 1065 O O   . HOH C 3 .   ? -5.375  -7.030  -2.372  1.00 10.80 ? 1336 HOH A O   1 
HETATM 1066 O O   . HOH C 3 .   ? 3.020   -10.608 -4.556  1.00 27.43 ? 1337 HOH A O   1 
HETATM 1067 O O   . HOH C 3 .   ? -4.818  -4.395  -2.818  1.00 12.26 ? 1338 HOH A O   1 
HETATM 1068 O O   . HOH C 3 .   ? -13.193 1.415   8.598   1.00 21.20 ? 1339 HOH A O   1 
HETATM 1069 O O   . HOH C 3 .   ? -0.541  6.518   -6.802  1.00 13.34 ? 1340 HOH A O   1 
HETATM 1070 O O   . HOH C 3 .   ? -4.087  2.986   -12.673 1.00 24.52 ? 1341 HOH A O   1 
HETATM 1071 O O   . HOH C 3 .   ? -21.705 -3.724  0.421   1.00 10.49 ? 1342 HOH A O   1 
HETATM 1072 O O   . HOH C 3 .   ? -15.652 -11.764 -3.829  1.00 17.54 ? 1343 HOH A O   1 
HETATM 1073 O O   . HOH C 3 .   ? 10.323  4.227   10.447  1.00 19.01 ? 1344 HOH A O   1 
HETATM 1074 O O   . HOH C 3 .   ? -13.213 -19.634 -4.947  1.00 45.94 ? 1345 HOH A O   1 
HETATM 1075 O O   . HOH C 3 .   ? 5.518   4.234   -7.462  1.00 14.55 ? 1346 HOH A O   1 
HETATM 1076 O O   . HOH C 3 .   ? 5.797   6.015   11.851  1.00 19.24 ? 1347 HOH A O   1 
HETATM 1077 O O   . HOH C 3 .   ? 13.841  0.626   -2.717  1.00 18.81 ? 1348 HOH A O   1 
HETATM 1078 O O   . HOH C 3 .   ? -17.677 4.113   3.104   1.00 11.34 ? 1349 HOH A O   1 
HETATM 1079 O O   . HOH C 3 .   ? 0.359   -2.332  -11.226 1.00 23.59 ? 1350 HOH A O   1 
HETATM 1080 O O   . HOH C 3 .   ? 13.544  -0.464  10.500  1.00 13.27 ? 1351 HOH A O   1 
HETATM 1081 O O   . HOH C 3 .   ? -5.331  14.671  6.516   1.00 9.95  ? 1352 HOH A O   1 
HETATM 1082 O O   . HOH C 3 .   ? 5.766   -0.964  12.527  1.00 30.89 ? 1353 HOH A O   1 
HETATM 1083 O O   . HOH C 3 .   ? -4.100  -12.337 -9.004  1.00 25.75 ? 1354 HOH A O   1 
HETATM 1084 O O   . HOH C 3 .   ? -15.064 4.686   3.975   1.00 14.51 ? 1355 HOH A O   1 
HETATM 1085 O O   . HOH C 3 .   ? 5.700   6.844   -8.514  1.00 25.06 ? 1356 HOH A O   1 
HETATM 1086 O O   . HOH C 3 .   ? -5.772  13.373  10.346  1.00 18.78 ? 1357 HOH A O   1 
HETATM 1087 O O   . HOH C 3 .   ? -11.680 1.974   -14.463 1.00 28.57 ? 1358 HOH A O   1 
HETATM 1088 O O   . HOH C 3 .   ? -17.732 -6.912  -6.900  1.00 12.49 ? 1359 HOH A O   1 
HETATM 1089 O O   . HOH C 3 .   ? -8.230  -12.312 13.318  1.00 18.87 ? 1360 HOH A O   1 
HETATM 1090 O O   . HOH C 3 .   ? -5.426  0.871   -11.432 1.00 14.17 ? 1361 HOH A O   1 
HETATM 1091 O O   . HOH C 3 .   ? -19.457 -0.742  -8.335  1.00 29.19 ? 1362 HOH A O   1 
HETATM 1092 O O   . HOH C 3 .   ? -12.958 -0.782  10.428  1.00 20.64 ? 1363 HOH A O   1 
HETATM 1093 O O   . HOH C 3 .   ? -10.429 -10.694 11.194  1.00 20.16 ? 1364 HOH A O   1 
HETATM 1094 O O   . HOH C 3 .   ? 16.791  -5.560  0.954   1.00 25.22 ? 1365 HOH A O   1 
HETATM 1095 O O   . HOH C 3 .   ? 9.197   -9.482  0.007   1.00 29.81 ? 1366 HOH A O   1 
HETATM 1096 O O   . HOH C 3 .   ? 7.228   2.193   -8.444  1.00 22.58 ? 1367 HOH A O   1 
HETATM 1097 O O   . HOH C 3 .   ? 6.333   -9.857  -0.496  1.00 21.23 ? 1368 HOH A O   1 
HETATM 1098 O O   . HOH C 3 .   ? -15.740 4.287   -8.076  1.00 29.14 ? 1369 HOH A O   1 
HETATM 1099 O O   . HOH C 3 .   ? 4.436   11.442  -6.771  1.00 48.57 ? 1370 HOH A O   1 
HETATM 1100 O O   . HOH C 3 .   ? -5.164  -3.720  -6.525  1.00 11.71 ? 1371 HOH A O   1 
HETATM 1101 O O   . HOH C 3 .   ? -6.328  -2.442  -4.017  1.00 10.37 ? 1372 HOH A O   1 
HETATM 1102 O O   . HOH C 3 .   ? -5.499  -5.065  -14.916 1.00 24.51 ? 1373 HOH A O   1 
HETATM 1103 O O   . HOH C 3 .   ? 16.083  -3.117  -10.224 1.00 39.21 ? 1374 HOH A O   1 
HETATM 1104 O O   . HOH C 3 .   ? -7.728  1.448   -13.173 1.00 20.04 ? 1375 HOH A O   1 
HETATM 1105 O O   . HOH C 3 .   ? 16.508  5.134   7.293   1.00 19.82 ? 1376 HOH A O   1 
HETATM 1106 O O   . HOH C 3 .   ? -10.870 -9.363  7.671   1.00 20.64 ? 1377 HOH A O   1 
HETATM 1107 O O   . HOH C 3 .   ? -17.347 3.690   7.750   1.00 20.98 ? 1378 HOH A O   1 
HETATM 1108 O O   . HOH C 3 .   ? -6.609  3.651   -8.979  1.00 16.99 ? 1379 HOH A O   1 
HETATM 1109 O O   . HOH C 3 .   ? -8.028  -14.028 1.865   1.00 24.60 ? 1380 HOH A O   1 
HETATM 1110 O O   . HOH C 3 .   ? 17.299  -5.437  -7.274  1.00 22.60 ? 1381 HOH A O   1 
HETATM 1111 O O   . HOH C 3 .   ? -9.446  7.384   5.156   1.00 14.26 ? 1382 HOH A O   1 
HETATM 1112 O O   . HOH C 3 .   ? -5.807  -12.173 1.954   1.00 28.51 ? 1383 HOH A O   1 
HETATM 1113 O O   . HOH C 3 .   ? -17.017 5.889   -3.834  1.00 28.28 ? 1384 HOH A O   1 
HETATM 1114 O O   . HOH C 3 .   ? -15.745 -13.048 5.484   1.00 27.07 ? 1385 HOH A O   1 
HETATM 1115 O O   . HOH C 3 .   ? 21.576  0.477   0.776   1.00 15.16 ? 1386 HOH A O   1 
HETATM 1116 O O   . HOH C 3 .   ? 1.004   -5.449  -9.455  1.00 28.99 ? 1387 HOH A O   1 
HETATM 1117 O O   . HOH C 3 .   ? -3.328  -13.241 6.289   1.00 36.06 ? 1388 HOH A O   1 
HETATM 1118 O O   . HOH C 3 .   ? -10.658 -9.619  -13.741 1.00 19.05 ? 1389 HOH A O   1 
HETATM 1119 O O   . HOH C 3 .   ? 0.177   9.184   -6.451  1.00 21.69 ? 1390 HOH A O   1 
HETATM 1120 O O   . HOH C 3 .   ? 1.320   11.666  12.179  1.00 17.62 ? 1391 HOH A O   1 
HETATM 1121 O O   . HOH C 3 .   ? 14.229  -0.197  -0.225  1.00 20.19 ? 1392 HOH A O   1 
HETATM 1122 O O   . HOH C 3 .   ? -4.469  -8.154  -8.671  1.00 14.22 ? 1393 HOH A O   1 
HETATM 1123 O O   . HOH C 3 .   ? -18.361 -3.837  -3.441  1.00 10.29 ? 1394 HOH A O   1 
HETATM 1124 O O   . HOH C 3 .   ? 16.312  -2.918  -0.823  1.00 26.84 ? 1395 HOH A O   1 
HETATM 1125 O O   . HOH C 3 .   ? -4.234  9.814   13.174  1.00 20.98 ? 1396 HOH A O   1 
HETATM 1126 O O   . HOH C 3 .   ? 4.747   3.855   15.239  1.00 40.65 ? 1397 HOH A O   1 
HETATM 1127 O O   . HOH C 3 .   ? -4.045  -10.420 12.052  1.00 28.69 ? 1398 HOH A O   1 
HETATM 1128 O O   . HOH C 3 .   ? 17.145  3.319   -3.380  1.00 23.61 ? 1399 HOH A O   1 
HETATM 1129 O O   . HOH C 3 .   ? -0.002  14.341  7.963   1.00 15.32 ? 1400 HOH A O   1 
HETATM 1130 O O   . HOH C 3 .   ? -6.751  -8.352  8.887   1.00 20.34 ? 1401 HOH A O   1 
HETATM 1131 O O   . HOH C 3 .   ? -15.859 1.042   -10.538 1.00 31.85 ? 1402 HOH A O   1 
HETATM 1132 O O   . HOH C 3 .   ? -6.107  10.087  -5.223  1.00 27.78 ? 1403 HOH A O   1 
HETATM 1133 O O   . HOH C 3 .   ? 9.683   2.885   -8.297  1.00 30.46 ? 1404 HOH A O   1 
HETATM 1134 O O   . HOH C 3 .   ? -12.823 0.587   -16.836 1.00 50.75 ? 1405 HOH A O   1 
HETATM 1135 O O   . HOH C 3 .   ? -3.242  6.549   -7.261  1.00 14.07 ? 1406 HOH A O   1 
HETATM 1136 O O   . HOH C 3 .   ? -7.565  -12.586 -3.704  1.00 24.44 ? 1407 HOH A O   1 
HETATM 1137 O O   . HOH C 3 .   ? 2.147   6.341   15.224  1.00 25.91 ? 1408 HOH A O   1 
HETATM 1138 O O   . HOH C 3 .   ? -21.054 2.679   -3.814  1.00 22.79 ? 1409 HOH A O   1 
HETATM 1139 O O   . HOH C 3 .   ? -13.441 -14.399 -12.174 1.00 32.16 ? 1410 HOH A O   1 
HETATM 1140 O O   . HOH C 3 .   ? -16.264 -13.004 2.856   1.00 21.92 ? 1411 HOH A O   1 
HETATM 1141 O O   . HOH C 3 .   ? 5.443   -2.504  -9.815  1.00 28.73 ? 1412 HOH A O   1 
HETATM 1142 O O   . HOH C 3 .   ? -0.984  -3.954  -15.105 1.00 37.06 ? 1413 HOH A O   1 
HETATM 1143 O O   . HOH C 3 .   ? 14.897  -7.645  7.944   1.00 37.16 ? 1414 HOH A O   1 
HETATM 1144 O O   . HOH C 3 .   ? -6.157  -10.742 -1.964  1.00 25.61 ? 1415 HOH A O   1 
HETATM 1145 O O   . HOH C 3 .   ? -4.047  -6.535  -6.357  1.00 13.15 ? 1416 HOH A O   1 
HETATM 1146 O O   . HOH C 3 .   ? -3.870  5.168   13.241  1.00 38.94 ? 1417 HOH A O   1 
HETATM 1147 O O   . HOH C 3 .   ? 12.494  3.249   11.365  1.00 23.43 ? 1418 HOH A O   1 
HETATM 1148 O O   . HOH C 3 .   ? -11.709 7.660   3.782   1.00 20.08 ? 1419 HOH A O   1 
HETATM 1149 O O   . HOH C 3 .   ? -1.222  0.576   14.558  1.00 39.88 ? 1420 HOH A O   1 
HETATM 1150 O O   . HOH C 3 .   ? 11.972  -11.786 -6.135  1.00 37.85 ? 1421 HOH A O   1 
HETATM 1151 O O   . HOH C 3 .   ? -5.307  -10.636 0.334   1.00 18.30 ? 1422 HOH A O   1 
HETATM 1152 O O   . HOH C 3 .   ? -6.221  -3.772  -20.675 1.00 42.09 ? 1423 HOH A O   1 
HETATM 1153 O O   . HOH C 3 .   ? -3.898  9.939   -4.996  1.00 20.00 ? 1424 HOH A O   1 
HETATM 1154 O O   . HOH C 3 .   ? 5.737   -9.043  -6.557  1.00 33.66 ? 1425 HOH A O   1 
HETATM 1155 O O   . HOH C 3 .   ? 10.093  11.673  -1.398  1.00 24.74 ? 1426 HOH A O   1 
HETATM 1156 O O   . HOH C 3 .   ? -10.378 6.026   -6.601  1.00 31.43 ? 1427 HOH A O   1 
HETATM 1157 O O   . HOH C 3 .   ? 11.703  7.269   10.903  1.00 33.17 ? 1428 HOH A O   1 
HETATM 1158 O O   . HOH C 3 .   ? 3.683   -13.435 -0.567  1.00 38.19 ? 1429 HOH A O   1 
HETATM 1159 O O   . HOH C 3 .   ? -5.877  -4.105  14.884  1.00 29.16 ? 1430 HOH A O   1 
HETATM 1160 O O   . HOH C 3 .   ? 4.601   -6.094  12.985  1.00 41.58 ? 1431 HOH A O   1 
HETATM 1161 O O   . HOH C 3 .   ? 8.054   7.049   -10.125 1.00 34.02 ? 1432 HOH A O   1 
HETATM 1162 O O   . HOH C 3 .   ? -7.077  -11.248 9.429   1.00 36.37 ? 1433 HOH A O   1 
HETATM 1163 O O   . HOH C 3 .   ? 13.225  13.687  1.848   1.00 36.08 ? 1434 HOH A O   1 
HETATM 1164 O O   . HOH C 3 .   ? 14.670  15.923  10.157  1.00 37.03 ? 1435 HOH A O   1 
HETATM 1165 O O   . HOH C 3 .   ? 1.982   -13.019 -4.631  1.00 39.08 ? 1436 HOH A O   1 
HETATM 1166 O O   . HOH C 3 .   ? -3.885  9.245   -7.702  1.00 21.72 ? 1437 HOH A O   1 
HETATM 1167 O O   . HOH C 3 .   ? 4.657   7.175   14.100  1.00 35.29 ? 1438 HOH A O   1 
HETATM 1168 O O   . HOH C 3 .   ? 9.649   -3.379  9.656   1.00 24.72 ? 1439 HOH A O   1 
HETATM 1169 O O   . HOH C 3 .   ? 1.600   2.389   -14.824 1.00 37.85 ? 1440 HOH A O   1 
HETATM 1170 O O   . HOH C 3 .   ? -3.145  -13.079 11.096  1.00 40.81 ? 1441 HOH A O   1 
HETATM 1171 O O   . HOH C 3 .   ? -11.902 4.581   8.859   1.00 32.90 ? 1442 HOH A O   1 
HETATM 1172 O O   . HOH C 3 .   ? 15.572  7.981   7.984   1.00 32.78 ? 1443 HOH A O   1 
HETATM 1173 O O   . HOH C 3 .   ? 7.300   20.743  7.292   1.00 48.87 ? 1444 HOH A O   1 
HETATM 1174 O O   . HOH C 3 .   ? 20.753  -5.733  6.416   1.00 14.31 ? 1445 HOH A O   1 
HETATM 1175 O O   . HOH C 3 .   ? 2.826   -0.342  -13.812 1.00 40.64 ? 1446 HOH A O   1 
HETATM 1176 O O   . HOH C 3 .   ? -10.752 -21.408 -15.273 1.00 38.74 ? 1447 HOH A O   1 
HETATM 1177 O O   . HOH C 3 .   ? -8.704  5.384   -9.246  1.00 23.79 ? 1448 HOH A O   1 
HETATM 1178 O O   . HOH C 3 .   ? 4.314   -10.985 1.258   1.00 37.09 ? 1449 HOH A O   1 
HETATM 1179 O O   . HOH C 3 .   ? 1.056   2.320   -12.077 1.00 28.06 ? 1450 HOH A O   1 
HETATM 1180 O O   . HOH C 3 .   ? 0.840   5.472   -8.980  1.00 21.57 ? 1451 HOH A O   1 
HETATM 1181 O O   . HOH C 3 .   ? -15.206 -13.166 -1.464  1.00 31.07 ? 1452 HOH A O   1 
HETATM 1182 O O   . HOH C 3 .   ? 11.610  -10.303 -1.700  1.00 39.22 ? 1453 HOH A O   1 
HETATM 1183 O O   . HOH C 3 .   ? -17.431 -12.573 -0.069  1.00 35.24 ? 1454 HOH A O   1 
HETATM 1184 O O   . HOH C 3 .   ? -14.564 -9.226  -3.554  1.00 12.95 ? 1455 HOH A O   1 
HETATM 1185 O O   . HOH C 3 .   ? -4.573  -14.719 9.656   1.00 44.22 ? 1456 HOH A O   1 
HETATM 1186 O O   . HOH C 3 .   ? -1.185  13.139  10.461  1.00 31.90 ? 1457 HOH A O   1 
HETATM 1187 O O   . HOH C 3 .   ? 12.331  -2.545  9.255   1.00 24.24 ? 1458 HOH A O   1 
HETATM 1188 O O   . HOH C 3 .   ? 18.749  -2.848  -7.547  1.00 29.62 ? 1459 HOH A O   1 
HETATM 1189 O O   . HOH C 3 .   ? 1.819   -0.050  -11.183 1.00 23.89 ? 1460 HOH A O   1 
HETATM 1190 O O   . HOH C 3 .   ? -0.151  -7.540  -8.765  1.00 20.53 ? 1461 HOH A O   1 
HETATM 1191 O O   . HOH C 3 .   ? 11.012  -7.183  6.794   1.00 36.82 ? 1462 HOH A O   1 
HETATM 1192 O O   . HOH C 3 .   ? -15.097 4.908   6.627   1.00 22.24 ? 1463 HOH A O   1 
HETATM 1193 O O   . HOH C 3 .   ? 0.780   -3.889  -13.367 1.00 28.06 ? 1464 HOH A O   1 
HETATM 1194 O O   . HOH C 3 .   ? 4.111   13.044  -4.674  1.00 30.60 ? 1465 HOH A O   1 
HETATM 1195 O O   . HOH C 3 .   ? -11.601 -14.112 -14.167 1.00 31.44 ? 1466 HOH A O   1 
HETATM 1196 O O   . HOH C 3 .   ? -14.903 -8.632  -0.846  1.00 12.52 ? 1467 HOH A O   1 
HETATM 1197 O O   . HOH C 3 .   ? -14.280 6.649   -7.707  1.00 25.63 ? 1468 HOH A O   1 
HETATM 1198 O O   . HOH C 3 .   ? -2.992  4.947   -11.522 1.00 27.66 ? 1469 HOH A O   1 
HETATM 1199 O O   . HOH C 3 .   ? -23.386 3.239   -1.275  1.00 37.24 ? 1470 HOH A O   1 
HETATM 1200 O O   . HOH C 3 .   ? -2.487  -13.930 -7.562  1.00 40.15 ? 1471 HOH A O   1 
HETATM 1201 O O   . HOH C 3 .   ? -16.702 -7.580  -4.356  1.00 14.80 ? 1472 HOH A O   1 
HETATM 1202 O O   . HOH C 3 .   ? -8.240  -15.685 4.155   1.00 28.94 ? 1473 HOH A O   1 
HETATM 1203 O O   . HOH C 3 .   ? 3.386   -4.207  -10.060 1.00 34.77 ? 1474 HOH A O   1 
HETATM 1204 O O   . HOH C 3 .   ? -3.031  12.125  13.832  1.00 26.75 ? 1475 HOH A O   1 
HETATM 1205 O O   . HOH C 3 .   ? -2.343  -8.764  -10.099 1.00 19.05 ? 1476 HOH A O   1 
HETATM 1206 O O   . HOH C 3 .   ? -4.537  5.421   -9.392  1.00 17.23 ? 1477 HOH A O   1 
HETATM 1207 O O   . HOH C 3 .   ? 8.174   4.398   11.990  1.00 25.05 ? 1478 HOH A O   1 
HETATM 1208 O O   . HOH C 3 .   ? -0.321  4.449   -11.210 1.00 25.26 ? 1479 HOH A O   1 
HETATM 1209 O O   . HOH C 3 .   ? 18.047  -1.170  -9.734  1.00 44.29 ? 1480 HOH A O   1 
HETATM 1210 O O   . HOH C 3 .   ? -9.493  -12.247 -14.231 1.00 27.09 ? 1481 HOH A O   1 
HETATM 1211 O O   . HOH C 3 .   ? -1.915  -11.313 -10.211 1.00 29.98 ? 1482 HOH A O   1 
HETATM 1212 O O   . HOH C 3 .   ? 3.516   3.603   -11.053 1.00 37.15 ? 1483 HOH A O   1 
HETATM 1213 O O   . HOH C 3 .   ? -11.280 4.652   -13.865 1.00 42.12 ? 1484 HOH A O   1 
HETATM 1214 O O   . HOH C 3 .   ? -13.475 6.200   8.021   1.00 42.56 ? 1485 HOH A O   1 
HETATM 1215 O O   . HOH C 3 .   ? -3.822  -7.252  -14.525 1.00 31.85 ? 1486 HOH A O   1 
HETATM 1216 O O   . HOH C 3 .   ? -0.287  -13.689 -6.843  1.00 39.00 ? 1487 HOH A O   1 
HETATM 1217 O O   . HOH C 3 .   ? -7.259  -12.804 -15.781 1.00 52.65 ? 1488 HOH A O   1 
HETATM 1218 O O   . HOH C 3 .   ? -2.179  -8.111  -12.800 1.00 31.15 ? 1489 HOH A O   1 
HETATM 1219 O O   . HOH C 3 .   ? -11.148 3.662   18.027  1.00 31.97 ? 1490 HOH A O   1 
HETATM 1220 O O   . HOH C 3 .   ? 0.259   -12.307 -8.632  1.00 34.76 ? 1491 HOH A O   1 
# 
loop_
_pdbx_poly_seq_scheme.asym_id 
_pdbx_poly_seq_scheme.entity_id 
_pdbx_poly_seq_scheme.seq_id 
_pdbx_poly_seq_scheme.mon_id 
_pdbx_poly_seq_scheme.ndb_seq_num 
_pdbx_poly_seq_scheme.pdb_seq_num 
_pdbx_poly_seq_scheme.auth_seq_num 
_pdbx_poly_seq_scheme.pdb_mon_id 
_pdbx_poly_seq_scheme.auth_mon_id 
_pdbx_poly_seq_scheme.pdb_strand_id 
_pdbx_poly_seq_scheme.pdb_ins_code 
_pdbx_poly_seq_scheme.hetero 
A 1 1   GLY 1   1077 ?    ?   ?   A . n 
A 1 2   SER 2   1078 ?    ?   ?   A . n 
A 1 3   HIS 3   1079 ?    ?   ?   A . n 
A 1 4   MET 4   1080 ?    ?   ?   A . n 
A 1 5   ARG 5   1081 1081 ARG ARG A . n 
A 1 6   LYS 6   1082 1082 LYS LYS A . n 
A 1 7   LYS 7   1083 1083 LYS LYS A . n 
A 1 8   ILE 8   1084 1084 ILE ILE A . n 
A 1 9   PHE 9   1085 1085 PHE PHE A . n 
A 1 10  LYS 10  1086 1086 LYS LYS A . n 
A 1 11  PRO 11  1087 1087 PRO PRO A . n 
A 1 12  GLU 12  1088 1088 GLU GLU A . n 
A 1 13  GLU 13  1089 1089 GLU GLU A . n 
A 1 14  LEU 14  1090 1090 LEU LEU A . n 
A 1 15  ARG 15  1091 1091 ARG ARG A . n 
A 1 16  GLN 16  1092 1092 GLN GLN A . n 
A 1 17  ALA 17  1093 1093 ALA ALA A . n 
A 1 18  LEU 18  1094 1094 LEU LEU A . n 
A 1 19  MET 19  1095 1095 MET MET A . n 
A 1 20  PRO 20  1096 1096 PRO PRO A . n 
A 1 21  THR 21  1097 1097 THR THR A . n 
A 1 22  LEU 22  1098 1098 LEU LEU A . n 
A 1 23  GLU 23  1099 1099 GLU GLU A . n 
A 1 24  ALA 24  1100 1100 ALA ALA A . n 
A 1 25  LEU 25  1101 1101 LEU LEU A . n 
A 1 26  TYR 26  1102 1102 TYR TYR A . n 
A 1 27  ARG 27  1103 1103 ARG ARG A . n 
A 1 28  GLN 28  1104 1104 GLN GLN A . n 
A 1 29  ASP 29  1105 1105 ASP ASP A . n 
A 1 30  PRO 30  1106 1106 PRO PRO A . n 
A 1 31  GLU 31  1107 1107 GLU GLU A . n 
A 1 32  SER 32  1108 1108 SER SER A . n 
A 1 33  LEU 33  1109 1109 LEU LEU A . n 
A 1 34  PRO 34  1110 1110 PRO PRO A . n 
A 1 35  PHE 35  1111 1111 PHE PHE A . n 
A 1 36  ARG 36  1112 1112 ARG ARG A . n 
A 1 37  GLN 37  1113 1113 GLN GLN A . n 
A 1 38  PRO 38  1114 1114 PRO PRO A . n 
A 1 39  VAL 39  1115 1115 VAL VAL A . n 
A 1 40  ASP 40  1116 1116 ASP ASP A . n 
A 1 41  PRO 41  1117 1117 PRO PRO A . n 
A 1 42  GLN 42  1118 1118 GLN GLN A . n 
A 1 43  LEU 43  1119 1119 LEU LEU A . n 
A 1 44  LEU 44  1120 1120 LEU LEU A . n 
A 1 45  GLY 45  1121 1121 GLY GLY A . n 
A 1 46  ILE 46  1122 1122 ILE ILE A . n 
A 1 47  PRO 47  1123 1123 PRO PRO A . n 
A 1 48  ASP 48  1124 1124 ASP ASP A . n 
A 1 49  TYR 49  1125 1125 TYR TYR A . n 
A 1 50  PHE 50  1126 1126 PHE PHE A . n 
A 1 51  ASP 51  1127 1127 ASP ASP A . n 
A 1 52  ILE 52  1128 1128 ILE ILE A . n 
A 1 53  VAL 53  1129 1129 VAL VAL A . n 
A 1 54  LYS 54  1130 1130 LYS LYS A . n 
A 1 55  ASN 55  1131 1131 ASN ASN A . n 
A 1 56  PRO 56  1132 1132 PRO PRO A . n 
A 1 57  MET 57  1133 1133 MET MET A . n 
A 1 58  ASP 58  1134 1134 ASP ASP A . n 
A 1 59  LEU 59  1135 1135 LEU LEU A . n 
A 1 60  SER 60  1136 1136 SER SER A . n 
A 1 61  THR 61  1137 1137 THR THR A . n 
A 1 62  ILE 62  1138 1138 ILE ILE A . n 
A 1 63  LYS 63  1139 1139 LYS LYS A . n 
A 1 64  ARG 64  1140 1140 ARG ARG A . n 
A 1 65  LYS 65  1141 1141 LYS LYS A . n 
A 1 66  LEU 66  1142 1142 LEU LEU A . n 
A 1 67  ASP 67  1143 1143 ASP ASP A . n 
A 1 68  THR 68  1144 1144 THR THR A . n 
A 1 69  GLY 69  1145 1145 GLY GLY A . n 
A 1 70  GLN 70  1146 1146 GLN GLN A . n 
A 1 71  TYR 71  1147 1147 TYR TYR A . n 
A 1 72  GLN 72  1148 1148 GLN GLN A . n 
A 1 73  GLU 73  1149 1149 GLU GLU A . n 
A 1 74  PRO 74  1150 1150 PRO PRO A . n 
A 1 75  TRP 75  1151 1151 TRP TRP A . n 
A 1 76  GLN 76  1152 1152 GLN GLN A . n 
A 1 77  TYR 77  1153 1153 TYR TYR A . n 
A 1 78  VAL 78  1154 1154 VAL VAL A . n 
A 1 79  ASP 79  1155 1155 ASP ASP A . n 
A 1 80  ASP 80  1156 1156 ASP ASP A . n 
A 1 81  VAL 81  1157 1157 VAL VAL A . n 
A 1 82  TRP 82  1158 1158 TRP TRP A . n 
A 1 83  LEU 83  1159 1159 LEU LEU A . n 
A 1 84  MET 84  1160 1160 MET MET A . n 
A 1 85  PHE 85  1161 1161 PHE PHE A . n 
A 1 86  ASN 86  1162 1162 ASN ASN A . n 
A 1 87  ASN 87  1163 1163 ASN ASN A . n 
A 1 88  ALA 88  1164 1164 ALA ALA A . n 
A 1 89  TRP 89  1165 1165 TRP TRP A . n 
A 1 90  LEU 90  1166 1166 LEU LEU A . n 
A 1 91  TYR 91  1167 1167 TYR TYR A . n 
A 1 92  ASN 92  1168 1168 ASN ASN A . n 
A 1 93  ARG 93  1169 1169 ARG ARG A . n 
A 1 94  LYS 94  1170 1170 LYS LYS A . n 
A 1 95  THR 95  1171 1171 THR THR A . n 
A 1 96  SER 96  1172 1172 SER SER A . n 
A 1 97  ARG 97  1173 1173 ARG ARG A . n 
A 1 98  VAL 98  1174 1174 VAL VAL A . n 
A 1 99  TYR 99  1175 1175 TYR TYR A . n 
A 1 100 LYS 100 1176 1176 LYS LYS A . n 
A 1 101 PHE 101 1177 1177 PHE PHE A . n 
A 1 102 CYS 102 1178 1178 CYS CYS A . n 
A 1 103 SER 103 1179 1179 SER SER A . n 
A 1 104 LYS 104 1180 1180 LYS LYS A . n 
A 1 105 LEU 105 1181 1181 LEU LEU A . n 
A 1 106 ALA 106 1182 1182 ALA ALA A . n 
A 1 107 GLU 107 1183 1183 GLU GLU A . n 
A 1 108 VAL 108 1184 1184 VAL VAL A . n 
A 1 109 PHE 109 1185 1185 PHE PHE A . n 
A 1 110 GLU 110 1186 1186 GLU GLU A . n 
A 1 111 GLN 111 1187 1187 GLN GLN A . n 
A 1 112 GLU 112 1188 1188 GLU GLU A . n 
A 1 113 ILE 113 1189 1189 ILE ILE A . n 
A 1 114 ASP 114 1190 1190 ASP ASP A . n 
A 1 115 PRO 115 1191 1191 PRO PRO A . n 
A 1 116 VAL 116 1192 1192 VAL VAL A . n 
A 1 117 MET 117 1193 1193 MET MET A . n 
A 1 118 GLN 118 1194 1194 GLN GLN A . n 
A 1 119 SER 119 1195 1195 SER SER A . n 
A 1 120 LEU 120 1196 1196 LEU LEU A . n 
A 1 121 GLY 121 1197 1197 GLY GLY A . n 
# 
_pdbx_contact_author.id                 2 
_pdbx_contact_author.email              leizeng@jlu.edu.cn 
_pdbx_contact_author.name_first         Lei 
_pdbx_contact_author.name_last          Zeng 
_pdbx_contact_author.name_mi            ? 
_pdbx_contact_author.role               'principal investigator/group leader' 
_pdbx_contact_author.identifier_ORCID   0000-0002-4236-6735 
# 
loop_
_pdbx_nonpoly_scheme.asym_id 
_pdbx_nonpoly_scheme.entity_id 
_pdbx_nonpoly_scheme.mon_id 
_pdbx_nonpoly_scheme.ndb_seq_num 
_pdbx_nonpoly_scheme.pdb_seq_num 
_pdbx_nonpoly_scheme.auth_seq_num 
_pdbx_nonpoly_scheme.pdb_mon_id 
_pdbx_nonpoly_scheme.auth_mon_id 
_pdbx_nonpoly_scheme.pdb_strand_id 
_pdbx_nonpoly_scheme.pdb_ins_code 
B 2 7OW 1   1201 1201 7OW DRG A . 
C 3 HOH 1   1301 171  HOH HOH A . 
C 3 HOH 2   1302 53   HOH HOH A . 
C 3 HOH 3   1303 200  HOH HOH A . 
C 3 HOH 4   1304 157  HOH HOH A . 
C 3 HOH 5   1305 174  HOH HOH A . 
C 3 HOH 6   1306 103  HOH HOH A . 
C 3 HOH 7   1307 131  HOH HOH A . 
C 3 HOH 8   1308 21   HOH HOH A . 
C 3 HOH 9   1309 162  HOH HOH A . 
C 3 HOH 10  1310 154  HOH HOH A . 
C 3 HOH 11  1311 73   HOH HOH A . 
C 3 HOH 12  1312 20   HOH HOH A . 
C 3 HOH 13  1313 115  HOH HOH A . 
C 3 HOH 14  1314 81   HOH HOH A . 
C 3 HOH 15  1315 65   HOH HOH A . 
C 3 HOH 16  1316 45   HOH HOH A . 
C 3 HOH 17  1317 106  HOH HOH A . 
C 3 HOH 18  1318 78   HOH HOH A . 
C 3 HOH 19  1319 4    HOH HOH A . 
C 3 HOH 20  1320 13   HOH HOH A . 
C 3 HOH 21  1321 55   HOH HOH A . 
C 3 HOH 22  1322 138  HOH HOH A . 
C 3 HOH 23  1323 63   HOH HOH A . 
C 3 HOH 24  1324 164  HOH HOH A . 
C 3 HOH 25  1325 152  HOH HOH A . 
C 3 HOH 26  1326 77   HOH HOH A . 
C 3 HOH 27  1327 16   HOH HOH A . 
C 3 HOH 28  1328 38   HOH HOH A . 
C 3 HOH 29  1329 80   HOH HOH A . 
C 3 HOH 30  1330 192  HOH HOH A . 
C 3 HOH 31  1331 6    HOH HOH A . 
C 3 HOH 32  1332 39   HOH HOH A . 
C 3 HOH 33  1333 1    HOH HOH A . 
C 3 HOH 34  1334 19   HOH HOH A . 
C 3 HOH 35  1335 139  HOH HOH A . 
C 3 HOH 36  1336 10   HOH HOH A . 
C 3 HOH 37  1337 67   HOH HOH A . 
C 3 HOH 38  1338 32   HOH HOH A . 
C 3 HOH 39  1339 195  HOH HOH A . 
C 3 HOH 40  1340 15   HOH HOH A . 
C 3 HOH 41  1341 50   HOH HOH A . 
C 3 HOH 42  1342 11   HOH HOH A . 
C 3 HOH 43  1343 46   HOH HOH A . 
C 3 HOH 44  1344 42   HOH HOH A . 
C 3 HOH 45  1345 158  HOH HOH A . 
C 3 HOH 46  1346 35   HOH HOH A . 
C 3 HOH 47  1347 56   HOH HOH A . 
C 3 HOH 48  1348 40   HOH HOH A . 
C 3 HOH 49  1349 8    HOH HOH A . 
C 3 HOH 50  1350 87   HOH HOH A . 
C 3 HOH 51  1351 25   HOH HOH A . 
C 3 HOH 52  1352 7    HOH HOH A . 
C 3 HOH 53  1353 155  HOH HOH A . 
C 3 HOH 54  1354 89   HOH HOH A . 
C 3 HOH 55  1355 26   HOH HOH A . 
C 3 HOH 56  1356 91   HOH HOH A . 
C 3 HOH 57  1357 178  HOH HOH A . 
C 3 HOH 58  1358 124  HOH HOH A . 
C 3 HOH 59  1359 33   HOH HOH A . 
C 3 HOH 60  1360 70   HOH HOH A . 
C 3 HOH 61  1361 49   HOH HOH A . 
C 3 HOH 62  1362 112  HOH HOH A . 
C 3 HOH 63  1363 29   HOH HOH A . 
C 3 HOH 64  1364 98   HOH HOH A . 
C 3 HOH 65  1365 95   HOH HOH A . 
C 3 HOH 66  1366 147  HOH HOH A . 
C 3 HOH 67  1367 94   HOH HOH A . 
C 3 HOH 68  1368 83   HOH HOH A . 
C 3 HOH 69  1369 140  HOH HOH A . 
C 3 HOH 70  1370 161  HOH HOH A . 
C 3 HOH 71  1371 14   HOH HOH A . 
C 3 HOH 72  1372 9    HOH HOH A . 
C 3 HOH 73  1373 79   HOH HOH A . 
C 3 HOH 74  1374 142  HOH HOH A . 
C 3 HOH 75  1375 5    HOH HOH A . 
C 3 HOH 76  1376 27   HOH HOH A . 
C 3 HOH 77  1377 52   HOH HOH A . 
C 3 HOH 78  1378 68   HOH HOH A . 
C 3 HOH 79  1379 43   HOH HOH A . 
C 3 HOH 80  1380 99   HOH HOH A . 
C 3 HOH 81  1381 122  HOH HOH A . 
C 3 HOH 82  1382 18   HOH HOH A . 
C 3 HOH 83  1383 64   HOH HOH A . 
C 3 HOH 84  1384 97   HOH HOH A . 
C 3 HOH 85  1385 17   HOH HOH A . 
C 3 HOH 86  1386 34   HOH HOH A . 
C 3 HOH 87  1387 59   HOH HOH A . 
C 3 HOH 88  1388 145  HOH HOH A . 
C 3 HOH 89  1389 71   HOH HOH A . 
C 3 HOH 90  1390 62   HOH HOH A . 
C 3 HOH 91  1391 41   HOH HOH A . 
C 3 HOH 92  1392 84   HOH HOH A . 
C 3 HOH 93  1393 30   HOH HOH A . 
C 3 HOH 94  1394 2    HOH HOH A . 
C 3 HOH 95  1395 113  HOH HOH A . 
C 3 HOH 96  1396 82   HOH HOH A . 
C 3 HOH 97  1397 129  HOH HOH A . 
C 3 HOH 98  1398 148  HOH HOH A . 
C 3 HOH 99  1399 54   HOH HOH A . 
C 3 HOH 100 1400 23   HOH HOH A . 
C 3 HOH 101 1401 102  HOH HOH A . 
C 3 HOH 102 1402 170  HOH HOH A . 
C 3 HOH 103 1403 194  HOH HOH A . 
C 3 HOH 104 1404 126  HOH HOH A . 
C 3 HOH 105 1405 136  HOH HOH A . 
C 3 HOH 106 1406 31   HOH HOH A . 
C 3 HOH 107 1407 61   HOH HOH A . 
C 3 HOH 108 1408 108  HOH HOH A . 
C 3 HOH 109 1409 48   HOH HOH A . 
C 3 HOH 110 1410 125  HOH HOH A . 
C 3 HOH 111 1411 190  HOH HOH A . 
C 3 HOH 112 1412 143  HOH HOH A . 
C 3 HOH 113 1413 92   HOH HOH A . 
C 3 HOH 114 1414 202  HOH HOH A . 
C 3 HOH 115 1415 189  HOH HOH A . 
C 3 HOH 116 1416 12   HOH HOH A . 
C 3 HOH 117 1417 172  HOH HOH A . 
C 3 HOH 118 1418 191  HOH HOH A . 
C 3 HOH 119 1419 24   HOH HOH A . 
C 3 HOH 120 1420 130  HOH HOH A . 
C 3 HOH 121 1421 198  HOH HOH A . 
C 3 HOH 122 1422 3    HOH HOH A . 
C 3 HOH 123 1423 137  HOH HOH A . 
C 3 HOH 124 1424 74   HOH HOH A . 
C 3 HOH 125 1425 96   HOH HOH A . 
C 3 HOH 126 1426 128  HOH HOH A . 
C 3 HOH 127 1427 196  HOH HOH A . 
C 3 HOH 128 1428 134  HOH HOH A . 
C 3 HOH 129 1429 193  HOH HOH A . 
C 3 HOH 130 1430 28   HOH HOH A . 
C 3 HOH 131 1431 111  HOH HOH A . 
C 3 HOH 132 1432 116  HOH HOH A . 
C 3 HOH 133 1433 199  HOH HOH A . 
C 3 HOH 134 1434 197  HOH HOH A . 
C 3 HOH 135 1435 201  HOH HOH A . 
C 3 HOH 136 1436 156  HOH HOH A . 
C 3 HOH 137 1437 36   HOH HOH A . 
C 3 HOH 138 1438 132  HOH HOH A . 
C 3 HOH 139 1439 118  HOH HOH A . 
C 3 HOH 140 1440 187  HOH HOH A . 
C 3 HOH 141 1441 181  HOH HOH A . 
C 3 HOH 142 1442 182  HOH HOH A . 
C 3 HOH 143 1443 72   HOH HOH A . 
C 3 HOH 144 1444 127  HOH HOH A . 
C 3 HOH 145 1445 47   HOH HOH A . 
C 3 HOH 146 1446 159  HOH HOH A . 
C 3 HOH 147 1447 101  HOH HOH A . 
C 3 HOH 148 1448 85   HOH HOH A . 
C 3 HOH 149 1449 166  HOH HOH A . 
C 3 HOH 150 1450 121  HOH HOH A . 
C 3 HOH 151 1451 60   HOH HOH A . 
C 3 HOH 152 1452 110  HOH HOH A . 
C 3 HOH 153 1453 203  HOH HOH A . 
C 3 HOH 154 1454 184  HOH HOH A . 
C 3 HOH 155 1455 175  HOH HOH A . 
C 3 HOH 156 1456 163  HOH HOH A . 
C 3 HOH 157 1457 117  HOH HOH A . 
C 3 HOH 158 1458 37   HOH HOH A . 
C 3 HOH 159 1459 105  HOH HOH A . 
C 3 HOH 160 1460 66   HOH HOH A . 
C 3 HOH 161 1461 22   HOH HOH A . 
C 3 HOH 162 1462 186  HOH HOH A . 
C 3 HOH 163 1463 76   HOH HOH A . 
C 3 HOH 164 1464 153  HOH HOH A . 
C 3 HOH 165 1465 180  HOH HOH A . 
C 3 HOH 166 1466 100  HOH HOH A . 
C 3 HOH 167 1467 176  HOH HOH A . 
C 3 HOH 168 1468 90   HOH HOH A . 
C 3 HOH 169 1469 86   HOH HOH A . 
C 3 HOH 170 1470 135  HOH HOH A . 
C 3 HOH 171 1471 141  HOH HOH A . 
C 3 HOH 172 1472 44   HOH HOH A . 
C 3 HOH 173 1473 120  HOH HOH A . 
C 3 HOH 174 1474 119  HOH HOH A . 
C 3 HOH 175 1475 104  HOH HOH A . 
C 3 HOH 176 1476 58   HOH HOH A . 
C 3 HOH 177 1477 177  HOH HOH A . 
C 3 HOH 178 1478 57   HOH HOH A . 
C 3 HOH 179 1479 69   HOH HOH A . 
C 3 HOH 180 1480 160  HOH HOH A . 
C 3 HOH 181 1481 75   HOH HOH A . 
C 3 HOH 182 1482 107  HOH HOH A . 
C 3 HOH 183 1483 169  HOH HOH A . 
C 3 HOH 184 1484 167  HOH HOH A . 
C 3 HOH 185 1485 168  HOH HOH A . 
C 3 HOH 186 1486 109  HOH HOH A . 
C 3 HOH 187 1487 150  HOH HOH A . 
C 3 HOH 188 1488 165  HOH HOH A . 
C 3 HOH 189 1489 93   HOH HOH A . 
C 3 HOH 190 1490 179  HOH HOH A . 
C 3 HOH 191 1491 114  HOH HOH A . 
# 
_pdbx_struct_assembly.id                   1 
_pdbx_struct_assembly.details              author_defined_assembly 
_pdbx_struct_assembly.method_details       ? 
_pdbx_struct_assembly.oligomeric_details   monomeric 
_pdbx_struct_assembly.oligomeric_count     1 
# 
_pdbx_struct_assembly_gen.assembly_id       1 
_pdbx_struct_assembly_gen.oper_expression   1 
_pdbx_struct_assembly_gen.asym_id_list      A,B,C 
# 
_pdbx_struct_oper_list.id                   1 
_pdbx_struct_oper_list.type                 'identity operation' 
_pdbx_struct_oper_list.name                 1_555 
_pdbx_struct_oper_list.symmetry_operation   x,y,z 
_pdbx_struct_oper_list.matrix[1][1]         1.0000000000 
_pdbx_struct_oper_list.matrix[1][2]         0.0000000000 
_pdbx_struct_oper_list.matrix[1][3]         0.0000000000 
_pdbx_struct_oper_list.vector[1]            0.0000000000 
_pdbx_struct_oper_list.matrix[2][1]         0.0000000000 
_pdbx_struct_oper_list.matrix[2][2]         1.0000000000 
_pdbx_struct_oper_list.matrix[2][3]         0.0000000000 
_pdbx_struct_oper_list.vector[2]            0.0000000000 
_pdbx_struct_oper_list.matrix[3][1]         0.0000000000 
_pdbx_struct_oper_list.matrix[3][2]         0.0000000000 
_pdbx_struct_oper_list.matrix[3][3]         1.0000000000 
_pdbx_struct_oper_list.vector[3]            0.0000000000 
# 
loop_
_pdbx_audit_revision_history.ordinal 
_pdbx_audit_revision_history.data_content_type 
_pdbx_audit_revision_history.major_revision 
_pdbx_audit_revision_history.minor_revision 
_pdbx_audit_revision_history.revision_date 
1 'Structure model' 1 0 2022-06-08 
2 'Structure model' 1 1 2022-06-22 
3 'Structure model' 1 2 2023-11-29 
# 
_pdbx_audit_revision_details.ordinal             1 
_pdbx_audit_revision_details.revision_ordinal    1 
_pdbx_audit_revision_details.data_content_type   'Structure model' 
_pdbx_audit_revision_details.provider            repository 
_pdbx_audit_revision_details.type                'Initial release' 
_pdbx_audit_revision_details.description         ? 
_pdbx_audit_revision_details.details             ? 
# 
loop_
_pdbx_audit_revision_group.ordinal 
_pdbx_audit_revision_group.revision_ordinal 
_pdbx_audit_revision_group.data_content_type 
_pdbx_audit_revision_group.group 
1 2 'Structure model' 'Database references'    
2 3 'Structure model' 'Data collection'        
3 3 'Structure model' 'Refinement description' 
# 
loop_
_pdbx_audit_revision_category.ordinal 
_pdbx_audit_revision_category.revision_ordinal 
_pdbx_audit_revision_category.data_content_type 
_pdbx_audit_revision_category.category 
1 2 'Structure model' citation                      
2 2 'Structure model' citation_author               
3 3 'Structure model' chem_comp_atom                
4 3 'Structure model' chem_comp_bond                
5 3 'Structure model' pdbx_initial_refinement_model 
# 
loop_
_pdbx_audit_revision_item.ordinal 
_pdbx_audit_revision_item.revision_ordinal 
_pdbx_audit_revision_item.data_content_type 
_pdbx_audit_revision_item.item 
1 2 'Structure model' '_citation.journal_volume'          
2 2 'Structure model' '_citation.page_first'              
3 2 'Structure model' '_citation.page_last'               
4 2 'Structure model' '_citation_author.identifier_ORCID' 
# 
loop_
_software.citation_id 
_software.classification 
_software.compiler_name 
_software.compiler_version 
_software.contact_author 
_software.contact_author_email 
_software.date 
_software.description 
_software.dependencies 
_software.hardware 
_software.language 
_software.location 
_software.mods 
_software.name 
_software.os 
_software.os_version 
_software.type 
_software.version 
_software.pdbx_ordinal 
? 'data scaling'    ? ? ? ? ? ? ? ? ? ? ? Aimless     ? ? ? 0.7.4    1 
? refinement        ? ? ? ? ? ? ? ? ? ? ? REFMAC      ? ? ? 5.8.0267 2 
? 'data extraction' ? ? ? ? ? ? ? ? ? ? ? PDB_EXTRACT ? ? ? 3.27     3 
? 'model building'  ? ? ? ? ? ? ? ? ? ? ? Coot        ? ? ? .        4 
? phasing           ? ? ? ? ? ? ? ? ? ? ? PHASER      ? ? ? .        5 
? 'data reduction'  ? ? ? ? ? ? ? ? ? ? ? xia2        ? ? ? .        6 
# 
_pdbx_entry_details.entry_id                 7WX2 
_pdbx_entry_details.nonpolymer_details       ? 
_pdbx_entry_details.sequence_details         ? 
_pdbx_entry_details.compound_details         ? 
_pdbx_entry_details.source_details           ? 
_pdbx_entry_details.has_ligand_of_interest   N 
# 
loop_
_pdbx_validate_close_contact.id 
_pdbx_validate_close_contact.PDB_model_num 
_pdbx_validate_close_contact.auth_atom_id_1 
_pdbx_validate_close_contact.auth_asym_id_1 
_pdbx_validate_close_contact.auth_comp_id_1 
_pdbx_validate_close_contact.auth_seq_id_1 
_pdbx_validate_close_contact.PDB_ins_code_1 
_pdbx_validate_close_contact.label_alt_id_1 
_pdbx_validate_close_contact.auth_atom_id_2 
_pdbx_validate_close_contact.auth_asym_id_2 
_pdbx_validate_close_contact.auth_comp_id_2 
_pdbx_validate_close_contact.auth_seq_id_2 
_pdbx_validate_close_contact.PDB_ins_code_2 
_pdbx_validate_close_contact.label_alt_id_2 
_pdbx_validate_close_contact.dist 
1 1 O A HOH 1322 ? ? O A HOH 1339 ? ? 1.79 
2 1 O A HOH 1302 ? ? O A HOH 1314 ? ? 2.19 
# 
loop_
_pdbx_validate_symm_contact.id 
_pdbx_validate_symm_contact.PDB_model_num 
_pdbx_validate_symm_contact.auth_atom_id_1 
_pdbx_validate_symm_contact.auth_asym_id_1 
_pdbx_validate_symm_contact.auth_comp_id_1 
_pdbx_validate_symm_contact.auth_seq_id_1 
_pdbx_validate_symm_contact.PDB_ins_code_1 
_pdbx_validate_symm_contact.label_alt_id_1 
_pdbx_validate_symm_contact.site_symmetry_1 
_pdbx_validate_symm_contact.auth_atom_id_2 
_pdbx_validate_symm_contact.auth_asym_id_2 
_pdbx_validate_symm_contact.auth_comp_id_2 
_pdbx_validate_symm_contact.auth_seq_id_2 
_pdbx_validate_symm_contact.PDB_ins_code_2 
_pdbx_validate_symm_contact.label_alt_id_2 
_pdbx_validate_symm_contact.site_symmetry_2 
_pdbx_validate_symm_contact.dist 
1 1 O A HOH 1339 ? ? 1_555 O A HOH 1403 ? ? 4_545 1.70 
2 1 O A HOH 1421 ? ? 1_555 O A HOH 1435 ? ? 3_455 2.17 
# 
_pdbx_validate_rmsd_bond.id                        1 
_pdbx_validate_rmsd_bond.PDB_model_num             1 
_pdbx_validate_rmsd_bond.auth_atom_id_1            CB 
_pdbx_validate_rmsd_bond.auth_asym_id_1            A 
_pdbx_validate_rmsd_bond.auth_comp_id_1            SER 
_pdbx_validate_rmsd_bond.auth_seq_id_1             1108 
_pdbx_validate_rmsd_bond.PDB_ins_code_1            ? 
_pdbx_validate_rmsd_bond.label_alt_id_1            ? 
_pdbx_validate_rmsd_bond.auth_atom_id_2            OG 
_pdbx_validate_rmsd_bond.auth_asym_id_2            A 
_pdbx_validate_rmsd_bond.auth_comp_id_2            SER 
_pdbx_validate_rmsd_bond.auth_seq_id_2             1108 
_pdbx_validate_rmsd_bond.PDB_ins_code_2            ? 
_pdbx_validate_rmsd_bond.label_alt_id_2            ? 
_pdbx_validate_rmsd_bond.bond_value                1.338 
_pdbx_validate_rmsd_bond.bond_target_value         1.418 
_pdbx_validate_rmsd_bond.bond_deviation            -0.080 
_pdbx_validate_rmsd_bond.bond_standard_deviation   0.013 
_pdbx_validate_rmsd_bond.linker_flag               N 
# 
_pdbx_validate_rmsd_angle.id                         1 
_pdbx_validate_rmsd_angle.PDB_model_num              1 
_pdbx_validate_rmsd_angle.auth_atom_id_1             NE 
_pdbx_validate_rmsd_angle.auth_asym_id_1             A 
_pdbx_validate_rmsd_angle.auth_comp_id_1             ARG 
_pdbx_validate_rmsd_angle.auth_seq_id_1              1173 
_pdbx_validate_rmsd_angle.PDB_ins_code_1             ? 
_pdbx_validate_rmsd_angle.label_alt_id_1             ? 
_pdbx_validate_rmsd_angle.auth_atom_id_2             CZ 
_pdbx_validate_rmsd_angle.auth_asym_id_2             A 
_pdbx_validate_rmsd_angle.auth_comp_id_2             ARG 
_pdbx_validate_rmsd_angle.auth_seq_id_2              1173 
_pdbx_validate_rmsd_angle.PDB_ins_code_2             ? 
_pdbx_validate_rmsd_angle.label_alt_id_2             ? 
_pdbx_validate_rmsd_angle.auth_atom_id_3             NH1 
_pdbx_validate_rmsd_angle.auth_asym_id_3             A 
_pdbx_validate_rmsd_angle.auth_comp_id_3             ARG 
_pdbx_validate_rmsd_angle.auth_seq_id_3              1173 
_pdbx_validate_rmsd_angle.PDB_ins_code_3             ? 
_pdbx_validate_rmsd_angle.label_alt_id_3             ? 
_pdbx_validate_rmsd_angle.angle_value                117.23 
_pdbx_validate_rmsd_angle.angle_target_value         120.30 
_pdbx_validate_rmsd_angle.angle_deviation            -3.07 
_pdbx_validate_rmsd_angle.angle_standard_deviation   0.50 
_pdbx_validate_rmsd_angle.linker_flag                N 
# 
loop_
_pdbx_unobs_or_zero_occ_residues.id 
_pdbx_unobs_or_zero_occ_residues.PDB_model_num 
_pdbx_unobs_or_zero_occ_residues.polymer_flag 
_pdbx_unobs_or_zero_occ_residues.occupancy_flag 
_pdbx_unobs_or_zero_occ_residues.auth_asym_id 
_pdbx_unobs_or_zero_occ_residues.auth_comp_id 
_pdbx_unobs_or_zero_occ_residues.auth_seq_id 
_pdbx_unobs_or_zero_occ_residues.PDB_ins_code 
_pdbx_unobs_or_zero_occ_residues.label_asym_id 
_pdbx_unobs_or_zero_occ_residues.label_comp_id 
_pdbx_unobs_or_zero_occ_residues.label_seq_id 
1 1 Y 1 A GLY 1077 ? A GLY 1 
2 1 Y 1 A SER 1078 ? A SER 2 
3 1 Y 1 A HIS 1079 ? A HIS 3 
4 1 Y 1 A MET 1080 ? A MET 4 
# 
loop_
_chem_comp_atom.comp_id 
_chem_comp_atom.atom_id 
_chem_comp_atom.type_symbol 
_chem_comp_atom.pdbx_aromatic_flag 
_chem_comp_atom.pdbx_stereo_config 
_chem_comp_atom.pdbx_ordinal 
7OW C4   C N N 1   
7OW C14  C N N 2   
7OW C5   C Y N 3   
7OW C6   C Y N 4   
7OW C11  C N N 5   
7OW C7   C Y N 6   
7OW C8   C Y N 7   
7OW C9   C Y N 8   
7OW C10  C N N 9   
7OW C12  C N N 10  
7OW C13  C N N 11  
7OW N1   N Y N 12  
7OW N2   N Y N 13  
7OW C3   C N N 14  
7OW N3   N N N 15  
7OW C1   C N N 16  
7OW C2   C N N 17  
7OW O1   O N N 18  
7OW C15  C N N 19  
7OW C16  C N N 20  
7OW O2   O N N 21  
7OW C17  C N N 22  
7OW F1   F N N 23  
7OW F2   F N N 24  
7OW F3   F N N 25  
7OW C18  C Y N 26  
7OW C19  C Y N 27  
7OW C20  C N N 28  
7OW C21  C N N 29  
7OW C22  C N N 30  
7OW O3   O N N 31  
7OW H1   H N N 32  
7OW H2   H N N 33  
7OW H3   H N N 34  
7OW H4   H N N 35  
7OW H5   H N N 36  
7OW H6   H N N 37  
7OW H7   H N N 38  
7OW H8   H N N 39  
7OW H9   H N N 40  
7OW H10  H N N 41  
7OW H11  H N N 42  
7OW H12  H N N 43  
7OW H13  H N N 44  
7OW H14  H N N 45  
7OW H15  H N N 46  
7OW H16  H N N 47  
7OW H17  H N N 48  
7OW H18  H N N 49  
7OW H19  H N N 50  
7OW H20  H N N 51  
7OW H21  H N N 52  
7OW H22  H N N 53  
7OW H23  H N N 54  
7OW H24  H N N 55  
ALA N    N N N 56  
ALA CA   C N S 57  
ALA C    C N N 58  
ALA O    O N N 59  
ALA CB   C N N 60  
ALA OXT  O N N 61  
ALA H    H N N 62  
ALA H2   H N N 63  
ALA HA   H N N 64  
ALA HB1  H N N 65  
ALA HB2  H N N 66  
ALA HB3  H N N 67  
ALA HXT  H N N 68  
ARG N    N N N 69  
ARG CA   C N S 70  
ARG C    C N N 71  
ARG O    O N N 72  
ARG CB   C N N 73  
ARG CG   C N N 74  
ARG CD   C N N 75  
ARG NE   N N N 76  
ARG CZ   C N N 77  
ARG NH1  N N N 78  
ARG NH2  N N N 79  
ARG OXT  O N N 80  
ARG H    H N N 81  
ARG H2   H N N 82  
ARG HA   H N N 83  
ARG HB2  H N N 84  
ARG HB3  H N N 85  
ARG HG2  H N N 86  
ARG HG3  H N N 87  
ARG HD2  H N N 88  
ARG HD3  H N N 89  
ARG HE   H N N 90  
ARG HH11 H N N 91  
ARG HH12 H N N 92  
ARG HH21 H N N 93  
ARG HH22 H N N 94  
ARG HXT  H N N 95  
ASN N    N N N 96  
ASN CA   C N S 97  
ASN C    C N N 98  
ASN O    O N N 99  
ASN CB   C N N 100 
ASN CG   C N N 101 
ASN OD1  O N N 102 
ASN ND2  N N N 103 
ASN OXT  O N N 104 
ASN H    H N N 105 
ASN H2   H N N 106 
ASN HA   H N N 107 
ASN HB2  H N N 108 
ASN HB3  H N N 109 
ASN HD21 H N N 110 
ASN HD22 H N N 111 
ASN HXT  H N N 112 
ASP N    N N N 113 
ASP CA   C N S 114 
ASP C    C N N 115 
ASP O    O N N 116 
ASP CB   C N N 117 
ASP CG   C N N 118 
ASP OD1  O N N 119 
ASP OD2  O N N 120 
ASP OXT  O N N 121 
ASP H    H N N 122 
ASP H2   H N N 123 
ASP HA   H N N 124 
ASP HB2  H N N 125 
ASP HB3  H N N 126 
ASP HD2  H N N 127 
ASP HXT  H N N 128 
CYS N    N N N 129 
CYS CA   C N R 130 
CYS C    C N N 131 
CYS O    O N N 132 
CYS CB   C N N 133 
CYS SG   S N N 134 
CYS OXT  O N N 135 
CYS H    H N N 136 
CYS H2   H N N 137 
CYS HA   H N N 138 
CYS HB2  H N N 139 
CYS HB3  H N N 140 
CYS HG   H N N 141 
CYS HXT  H N N 142 
GLN N    N N N 143 
GLN CA   C N S 144 
GLN C    C N N 145 
GLN O    O N N 146 
GLN CB   C N N 147 
GLN CG   C N N 148 
GLN CD   C N N 149 
GLN OE1  O N N 150 
GLN NE2  N N N 151 
GLN OXT  O N N 152 
GLN H    H N N 153 
GLN H2   H N N 154 
GLN HA   H N N 155 
GLN HB2  H N N 156 
GLN HB3  H N N 157 
GLN HG2  H N N 158 
GLN HG3  H N N 159 
GLN HE21 H N N 160 
GLN HE22 H N N 161 
GLN HXT  H N N 162 
GLU N    N N N 163 
GLU CA   C N S 164 
GLU C    C N N 165 
GLU O    O N N 166 
GLU CB   C N N 167 
GLU CG   C N N 168 
GLU CD   C N N 169 
GLU OE1  O N N 170 
GLU OE2  O N N 171 
GLU OXT  O N N 172 
GLU H    H N N 173 
GLU H2   H N N 174 
GLU HA   H N N 175 
GLU HB2  H N N 176 
GLU HB3  H N N 177 
GLU HG2  H N N 178 
GLU HG3  H N N 179 
GLU HE2  H N N 180 
GLU HXT  H N N 181 
GLY N    N N N 182 
GLY CA   C N N 183 
GLY C    C N N 184 
GLY O    O N N 185 
GLY OXT  O N N 186 
GLY H    H N N 187 
GLY H2   H N N 188 
GLY HA2  H N N 189 
GLY HA3  H N N 190 
GLY HXT  H N N 191 
HIS N    N N N 192 
HIS CA   C N S 193 
HIS C    C N N 194 
HIS O    O N N 195 
HIS CB   C N N 196 
HIS CG   C Y N 197 
HIS ND1  N Y N 198 
HIS CD2  C Y N 199 
HIS CE1  C Y N 200 
HIS NE2  N Y N 201 
HIS OXT  O N N 202 
HIS H    H N N 203 
HIS H2   H N N 204 
HIS HA   H N N 205 
HIS HB2  H N N 206 
HIS HB3  H N N 207 
HIS HD1  H N N 208 
HIS HD2  H N N 209 
HIS HE1  H N N 210 
HIS HE2  H N N 211 
HIS HXT  H N N 212 
HOH O    O N N 213 
HOH H1   H N N 214 
HOH H2   H N N 215 
ILE N    N N N 216 
ILE CA   C N S 217 
ILE C    C N N 218 
ILE O    O N N 219 
ILE CB   C N S 220 
ILE CG1  C N N 221 
ILE CG2  C N N 222 
ILE CD1  C N N 223 
ILE OXT  O N N 224 
ILE H    H N N 225 
ILE H2   H N N 226 
ILE HA   H N N 227 
ILE HB   H N N 228 
ILE HG12 H N N 229 
ILE HG13 H N N 230 
ILE HG21 H N N 231 
ILE HG22 H N N 232 
ILE HG23 H N N 233 
ILE HD11 H N N 234 
ILE HD12 H N N 235 
ILE HD13 H N N 236 
ILE HXT  H N N 237 
LEU N    N N N 238 
LEU CA   C N S 239 
LEU C    C N N 240 
LEU O    O N N 241 
LEU CB   C N N 242 
LEU CG   C N N 243 
LEU CD1  C N N 244 
LEU CD2  C N N 245 
LEU OXT  O N N 246 
LEU H    H N N 247 
LEU H2   H N N 248 
LEU HA   H N N 249 
LEU HB2  H N N 250 
LEU HB3  H N N 251 
LEU HG   H N N 252 
LEU HD11 H N N 253 
LEU HD12 H N N 254 
LEU HD13 H N N 255 
LEU HD21 H N N 256 
LEU HD22 H N N 257 
LEU HD23 H N N 258 
LEU HXT  H N N 259 
LYS N    N N N 260 
LYS CA   C N S 261 
LYS C    C N N 262 
LYS O    O N N 263 
LYS CB   C N N 264 
LYS CG   C N N 265 
LYS CD   C N N 266 
LYS CE   C N N 267 
LYS NZ   N N N 268 
LYS OXT  O N N 269 
LYS H    H N N 270 
LYS H2   H N N 271 
LYS HA   H N N 272 
LYS HB2  H N N 273 
LYS HB3  H N N 274 
LYS HG2  H N N 275 
LYS HG3  H N N 276 
LYS HD2  H N N 277 
LYS HD3  H N N 278 
LYS HE2  H N N 279 
LYS HE3  H N N 280 
LYS HZ1  H N N 281 
LYS HZ2  H N N 282 
LYS HZ3  H N N 283 
LYS HXT  H N N 284 
MET N    N N N 285 
MET CA   C N S 286 
MET C    C N N 287 
MET O    O N N 288 
MET CB   C N N 289 
MET CG   C N N 290 
MET SD   S N N 291 
MET CE   C N N 292 
MET OXT  O N N 293 
MET H    H N N 294 
MET H2   H N N 295 
MET HA   H N N 296 
MET HB2  H N N 297 
MET HB3  H N N 298 
MET HG2  H N N 299 
MET HG3  H N N 300 
MET HE1  H N N 301 
MET HE2  H N N 302 
MET HE3  H N N 303 
MET HXT  H N N 304 
PHE N    N N N 305 
PHE CA   C N S 306 
PHE C    C N N 307 
PHE O    O N N 308 
PHE CB   C N N 309 
PHE CG   C Y N 310 
PHE CD1  C Y N 311 
PHE CD2  C Y N 312 
PHE CE1  C Y N 313 
PHE CE2  C Y N 314 
PHE CZ   C Y N 315 
PHE OXT  O N N 316 
PHE H    H N N 317 
PHE H2   H N N 318 
PHE HA   H N N 319 
PHE HB2  H N N 320 
PHE HB3  H N N 321 
PHE HD1  H N N 322 
PHE HD2  H N N 323 
PHE HE1  H N N 324 
PHE HE2  H N N 325 
PHE HZ   H N N 326 
PHE HXT  H N N 327 
PRO N    N N N 328 
PRO CA   C N S 329 
PRO C    C N N 330 
PRO O    O N N 331 
PRO CB   C N N 332 
PRO CG   C N N 333 
PRO CD   C N N 334 
PRO OXT  O N N 335 
PRO H    H N N 336 
PRO HA   H N N 337 
PRO HB2  H N N 338 
PRO HB3  H N N 339 
PRO HG2  H N N 340 
PRO HG3  H N N 341 
PRO HD2  H N N 342 
PRO HD3  H N N 343 
PRO HXT  H N N 344 
SER N    N N N 345 
SER CA   C N S 346 
SER C    C N N 347 
SER O    O N N 348 
SER CB   C N N 349 
SER OG   O N N 350 
SER OXT  O N N 351 
SER H    H N N 352 
SER H2   H N N 353 
SER HA   H N N 354 
SER HB2  H N N 355 
SER HB3  H N N 356 
SER HG   H N N 357 
SER HXT  H N N 358 
THR N    N N N 359 
THR CA   C N S 360 
THR C    C N N 361 
THR O    O N N 362 
THR CB   C N R 363 
THR OG1  O N N 364 
THR CG2  C N N 365 
THR OXT  O N N 366 
THR H    H N N 367 
THR H2   H N N 368 
THR HA   H N N 369 
THR HB   H N N 370 
THR HG1  H N N 371 
THR HG21 H N N 372 
THR HG22 H N N 373 
THR HG23 H N N 374 
THR HXT  H N N 375 
TRP N    N N N 376 
TRP CA   C N S 377 
TRP C    C N N 378 
TRP O    O N N 379 
TRP CB   C N N 380 
TRP CG   C Y N 381 
TRP CD1  C Y N 382 
TRP CD2  C Y N 383 
TRP NE1  N Y N 384 
TRP CE2  C Y N 385 
TRP CE3  C Y N 386 
TRP CZ2  C Y N 387 
TRP CZ3  C Y N 388 
TRP CH2  C Y N 389 
TRP OXT  O N N 390 
TRP H    H N N 391 
TRP H2   H N N 392 
TRP HA   H N N 393 
TRP HB2  H N N 394 
TRP HB3  H N N 395 
TRP HD1  H N N 396 
TRP HE1  H N N 397 
TRP HE3  H N N 398 
TRP HZ2  H N N 399 
TRP HZ3  H N N 400 
TRP HH2  H N N 401 
TRP HXT  H N N 402 
TYR N    N N N 403 
TYR CA   C N S 404 
TYR C    C N N 405 
TYR O    O N N 406 
TYR CB   C N N 407 
TYR CG   C Y N 408 
TYR CD1  C Y N 409 
TYR CD2  C Y N 410 
TYR CE1  C Y N 411 
TYR CE2  C Y N 412 
TYR CZ   C Y N 413 
TYR OH   O N N 414 
TYR OXT  O N N 415 
TYR H    H N N 416 
TYR H2   H N N 417 
TYR HA   H N N 418 
TYR HB2  H N N 419 
TYR HB3  H N N 420 
TYR HD1  H N N 421 
TYR HD2  H N N 422 
TYR HE1  H N N 423 
TYR HE2  H N N 424 
TYR HH   H N N 425 
TYR HXT  H N N 426 
VAL N    N N N 427 
VAL CA   C N S 428 
VAL C    C N N 429 
VAL O    O N N 430 
VAL CB   C N N 431 
VAL CG1  C N N 432 
VAL CG2  C N N 433 
VAL OXT  O N N 434 
VAL H    H N N 435 
VAL H2   H N N 436 
VAL HA   H N N 437 
VAL HB   H N N 438 
VAL HG11 H N N 439 
VAL HG12 H N N 440 
VAL HG13 H N N 441 
VAL HG21 H N N 442 
VAL HG22 H N N 443 
VAL HG23 H N N 444 
VAL HXT  H N N 445 
# 
loop_
_chem_comp_bond.comp_id 
_chem_comp_bond.atom_id_1 
_chem_comp_bond.atom_id_2 
_chem_comp_bond.value_order 
_chem_comp_bond.pdbx_aromatic_flag 
_chem_comp_bond.pdbx_stereo_config 
_chem_comp_bond.pdbx_ordinal 
7OW C21 N3   sing N N 1   
7OW N3  C20  sing N N 2   
7OW N3  C22  sing N N 3   
7OW C20 C4   doub N N 4   
7OW C6  C7   doub Y N 5   
7OW C6  C5   sing Y N 6   
7OW O3  C22  doub N N 7   
7OW C7  C8   sing Y N 8   
7OW C22 C2   sing N N 9   
7OW C4  C5   sing N N 10  
7OW C4  C3   sing N N 11  
7OW C2  C3   doub N N 12  
7OW C2  C1   sing N N 13  
7OW C5  C19  doub Y N 14  
7OW C8  N1   sing Y N 15  
7OW C8  C18  doub Y N 16  
7OW N1  C9   doub Y N 17  
7OW C19 C18  sing Y N 18  
7OW C18 N2   sing Y N 19  
7OW C9  N2   sing Y N 20  
7OW C9  C10  sing N N 21  
7OW C11 C10  sing N N 22  
7OW C11 C12  sing N N 23  
7OW N2  C15  sing N N 24  
7OW C14 C10  sing N N 25  
7OW C14 C13  sing N N 26  
7OW O1  C12  sing N N 27  
7OW O1  C13  sing N N 28  
7OW C15 C16  sing N N 29  
7OW O2  C16  sing N N 30  
7OW O2  C17  sing N N 31  
7OW F2  C17  sing N N 32  
7OW C17 F1   sing N N 33  
7OW C17 F3   sing N N 34  
7OW C14 H1   sing N N 35  
7OW C14 H2   sing N N 36  
7OW C6  H3   sing N N 37  
7OW C11 H4   sing N N 38  
7OW C11 H5   sing N N 39  
7OW C7  H6   sing N N 40  
7OW C10 H7   sing N N 41  
7OW C12 H8   sing N N 42  
7OW C12 H9   sing N N 43  
7OW C13 H10  sing N N 44  
7OW C13 H11  sing N N 45  
7OW C3  H12  sing N N 46  
7OW C1  H13  sing N N 47  
7OW C1  H14  sing N N 48  
7OW C1  H15  sing N N 49  
7OW C15 H16  sing N N 50  
7OW C15 H17  sing N N 51  
7OW C16 H18  sing N N 52  
7OW C16 H19  sing N N 53  
7OW C19 H20  sing N N 54  
7OW C20 H21  sing N N 55  
7OW C21 H22  sing N N 56  
7OW C21 H23  sing N N 57  
7OW C21 H24  sing N N 58  
ALA N   CA   sing N N 59  
ALA N   H    sing N N 60  
ALA N   H2   sing N N 61  
ALA CA  C    sing N N 62  
ALA CA  CB   sing N N 63  
ALA CA  HA   sing N N 64  
ALA C   O    doub N N 65  
ALA C   OXT  sing N N 66  
ALA CB  HB1  sing N N 67  
ALA CB  HB2  sing N N 68  
ALA CB  HB3  sing N N 69  
ALA OXT HXT  sing N N 70  
ARG N   CA   sing N N 71  
ARG N   H    sing N N 72  
ARG N   H2   sing N N 73  
ARG CA  C    sing N N 74  
ARG CA  CB   sing N N 75  
ARG CA  HA   sing N N 76  
ARG C   O    doub N N 77  
ARG C   OXT  sing N N 78  
ARG CB  CG   sing N N 79  
ARG CB  HB2  sing N N 80  
ARG CB  HB3  sing N N 81  
ARG CG  CD   sing N N 82  
ARG CG  HG2  sing N N 83  
ARG CG  HG3  sing N N 84  
ARG CD  NE   sing N N 85  
ARG CD  HD2  sing N N 86  
ARG CD  HD3  sing N N 87  
ARG NE  CZ   sing N N 88  
ARG NE  HE   sing N N 89  
ARG CZ  NH1  sing N N 90  
ARG CZ  NH2  doub N N 91  
ARG NH1 HH11 sing N N 92  
ARG NH1 HH12 sing N N 93  
ARG NH2 HH21 sing N N 94  
ARG NH2 HH22 sing N N 95  
ARG OXT HXT  sing N N 96  
ASN N   CA   sing N N 97  
ASN N   H    sing N N 98  
ASN N   H2   sing N N 99  
ASN CA  C    sing N N 100 
ASN CA  CB   sing N N 101 
ASN CA  HA   sing N N 102 
ASN C   O    doub N N 103 
ASN C   OXT  sing N N 104 
ASN CB  CG   sing N N 105 
ASN CB  HB2  sing N N 106 
ASN CB  HB3  sing N N 107 
ASN CG  OD1  doub N N 108 
ASN CG  ND2  sing N N 109 
ASN ND2 HD21 sing N N 110 
ASN ND2 HD22 sing N N 111 
ASN OXT HXT  sing N N 112 
ASP N   CA   sing N N 113 
ASP N   H    sing N N 114 
ASP N   H2   sing N N 115 
ASP CA  C    sing N N 116 
ASP CA  CB   sing N N 117 
ASP CA  HA   sing N N 118 
ASP C   O    doub N N 119 
ASP C   OXT  sing N N 120 
ASP CB  CG   sing N N 121 
ASP CB  HB2  sing N N 122 
ASP CB  HB3  sing N N 123 
ASP CG  OD1  doub N N 124 
ASP CG  OD2  sing N N 125 
ASP OD2 HD2  sing N N 126 
ASP OXT HXT  sing N N 127 
CYS N   CA   sing N N 128 
CYS N   H    sing N N 129 
CYS N   H2   sing N N 130 
CYS CA  C    sing N N 131 
CYS CA  CB   sing N N 132 
CYS CA  HA   sing N N 133 
CYS C   O    doub N N 134 
CYS C   OXT  sing N N 135 
CYS CB  SG   sing N N 136 
CYS CB  HB2  sing N N 137 
CYS CB  HB3  sing N N 138 
CYS SG  HG   sing N N 139 
CYS OXT HXT  sing N N 140 
GLN N   CA   sing N N 141 
GLN N   H    sing N N 142 
GLN N   H2   sing N N 143 
GLN CA  C    sing N N 144 
GLN CA  CB   sing N N 145 
GLN CA  HA   sing N N 146 
GLN C   O    doub N N 147 
GLN C   OXT  sing N N 148 
GLN CB  CG   sing N N 149 
GLN CB  HB2  sing N N 150 
GLN CB  HB3  sing N N 151 
GLN CG  CD   sing N N 152 
GLN CG  HG2  sing N N 153 
GLN CG  HG3  sing N N 154 
GLN CD  OE1  doub N N 155 
GLN CD  NE2  sing N N 156 
GLN NE2 HE21 sing N N 157 
GLN NE2 HE22 sing N N 158 
GLN OXT HXT  sing N N 159 
GLU N   CA   sing N N 160 
GLU N   H    sing N N 161 
GLU N   H2   sing N N 162 
GLU CA  C    sing N N 163 
GLU CA  CB   sing N N 164 
GLU CA  HA   sing N N 165 
GLU C   O    doub N N 166 
GLU C   OXT  sing N N 167 
GLU CB  CG   sing N N 168 
GLU CB  HB2  sing N N 169 
GLU CB  HB3  sing N N 170 
GLU CG  CD   sing N N 171 
GLU CG  HG2  sing N N 172 
GLU CG  HG3  sing N N 173 
GLU CD  OE1  doub N N 174 
GLU CD  OE2  sing N N 175 
GLU OE2 HE2  sing N N 176 
GLU OXT HXT  sing N N 177 
GLY N   CA   sing N N 178 
GLY N   H    sing N N 179 
GLY N   H2   sing N N 180 
GLY CA  C    sing N N 181 
GLY CA  HA2  sing N N 182 
GLY CA  HA3  sing N N 183 
GLY C   O    doub N N 184 
GLY C   OXT  sing N N 185 
GLY OXT HXT  sing N N 186 
HIS N   CA   sing N N 187 
HIS N   H    sing N N 188 
HIS N   H2   sing N N 189 
HIS CA  C    sing N N 190 
HIS CA  CB   sing N N 191 
HIS CA  HA   sing N N 192 
HIS C   O    doub N N 193 
HIS C   OXT  sing N N 194 
HIS CB  CG   sing N N 195 
HIS CB  HB2  sing N N 196 
HIS CB  HB3  sing N N 197 
HIS CG  ND1  sing Y N 198 
HIS CG  CD2  doub Y N 199 
HIS ND1 CE1  doub Y N 200 
HIS ND1 HD1  sing N N 201 
HIS CD2 NE2  sing Y N 202 
HIS CD2 HD2  sing N N 203 
HIS CE1 NE2  sing Y N 204 
HIS CE1 HE1  sing N N 205 
HIS NE2 HE2  sing N N 206 
HIS OXT HXT  sing N N 207 
HOH O   H1   sing N N 208 
HOH O   H2   sing N N 209 
ILE N   CA   sing N N 210 
ILE N   H    sing N N 211 
ILE N   H2   sing N N 212 
ILE CA  C    sing N N 213 
ILE CA  CB   sing N N 214 
ILE CA  HA   sing N N 215 
ILE C   O    doub N N 216 
ILE C   OXT  sing N N 217 
ILE CB  CG1  sing N N 218 
ILE CB  CG2  sing N N 219 
ILE CB  HB   sing N N 220 
ILE CG1 CD1  sing N N 221 
ILE CG1 HG12 sing N N 222 
ILE CG1 HG13 sing N N 223 
ILE CG2 HG21 sing N N 224 
ILE CG2 HG22 sing N N 225 
ILE CG2 HG23 sing N N 226 
ILE CD1 HD11 sing N N 227 
ILE CD1 HD12 sing N N 228 
ILE CD1 HD13 sing N N 229 
ILE OXT HXT  sing N N 230 
LEU N   CA   sing N N 231 
LEU N   H    sing N N 232 
LEU N   H2   sing N N 233 
LEU CA  C    sing N N 234 
LEU CA  CB   sing N N 235 
LEU CA  HA   sing N N 236 
LEU C   O    doub N N 237 
LEU C   OXT  sing N N 238 
LEU CB  CG   sing N N 239 
LEU CB  HB2  sing N N 240 
LEU CB  HB3  sing N N 241 
LEU CG  CD1  sing N N 242 
LEU CG  CD2  sing N N 243 
LEU CG  HG   sing N N 244 
LEU CD1 HD11 sing N N 245 
LEU CD1 HD12 sing N N 246 
LEU CD1 HD13 sing N N 247 
LEU CD2 HD21 sing N N 248 
LEU CD2 HD22 sing N N 249 
LEU CD2 HD23 sing N N 250 
LEU OXT HXT  sing N N 251 
LYS N   CA   sing N N 252 
LYS N   H    sing N N 253 
LYS N   H2   sing N N 254 
LYS CA  C    sing N N 255 
LYS CA  CB   sing N N 256 
LYS CA  HA   sing N N 257 
LYS C   O    doub N N 258 
LYS C   OXT  sing N N 259 
LYS CB  CG   sing N N 260 
LYS CB  HB2  sing N N 261 
LYS CB  HB3  sing N N 262 
LYS CG  CD   sing N N 263 
LYS CG  HG2  sing N N 264 
LYS CG  HG3  sing N N 265 
LYS CD  CE   sing N N 266 
LYS CD  HD2  sing N N 267 
LYS CD  HD3  sing N N 268 
LYS CE  NZ   sing N N 269 
LYS CE  HE2  sing N N 270 
LYS CE  HE3  sing N N 271 
LYS NZ  HZ1  sing N N 272 
LYS NZ  HZ2  sing N N 273 
LYS NZ  HZ3  sing N N 274 
LYS OXT HXT  sing N N 275 
MET N   CA   sing N N 276 
MET N   H    sing N N 277 
MET N   H2   sing N N 278 
MET CA  C    sing N N 279 
MET CA  CB   sing N N 280 
MET CA  HA   sing N N 281 
MET C   O    doub N N 282 
MET C   OXT  sing N N 283 
MET CB  CG   sing N N 284 
MET CB  HB2  sing N N 285 
MET CB  HB3  sing N N 286 
MET CG  SD   sing N N 287 
MET CG  HG2  sing N N 288 
MET CG  HG3  sing N N 289 
MET SD  CE   sing N N 290 
MET CE  HE1  sing N N 291 
MET CE  HE2  sing N N 292 
MET CE  HE3  sing N N 293 
MET OXT HXT  sing N N 294 
PHE N   CA   sing N N 295 
PHE N   H    sing N N 296 
PHE N   H2   sing N N 297 
PHE CA  C    sing N N 298 
PHE CA  CB   sing N N 299 
PHE CA  HA   sing N N 300 
PHE C   O    doub N N 301 
PHE C   OXT  sing N N 302 
PHE CB  CG   sing N N 303 
PHE CB  HB2  sing N N 304 
PHE CB  HB3  sing N N 305 
PHE CG  CD1  doub Y N 306 
PHE CG  CD2  sing Y N 307 
PHE CD1 CE1  sing Y N 308 
PHE CD1 HD1  sing N N 309 
PHE CD2 CE2  doub Y N 310 
PHE CD2 HD2  sing N N 311 
PHE CE1 CZ   doub Y N 312 
PHE CE1 HE1  sing N N 313 
PHE CE2 CZ   sing Y N 314 
PHE CE2 HE2  sing N N 315 
PHE CZ  HZ   sing N N 316 
PHE OXT HXT  sing N N 317 
PRO N   CA   sing N N 318 
PRO N   CD   sing N N 319 
PRO N   H    sing N N 320 
PRO CA  C    sing N N 321 
PRO CA  CB   sing N N 322 
PRO CA  HA   sing N N 323 
PRO C   O    doub N N 324 
PRO C   OXT  sing N N 325 
PRO CB  CG   sing N N 326 
PRO CB  HB2  sing N N 327 
PRO CB  HB3  sing N N 328 
PRO CG  CD   sing N N 329 
PRO CG  HG2  sing N N 330 
PRO CG  HG3  sing N N 331 
PRO CD  HD2  sing N N 332 
PRO CD  HD3  sing N N 333 
PRO OXT HXT  sing N N 334 
SER N   CA   sing N N 335 
SER N   H    sing N N 336 
SER N   H2   sing N N 337 
SER CA  C    sing N N 338 
SER CA  CB   sing N N 339 
SER CA  HA   sing N N 340 
SER C   O    doub N N 341 
SER C   OXT  sing N N 342 
SER CB  OG   sing N N 343 
SER CB  HB2  sing N N 344 
SER CB  HB3  sing N N 345 
SER OG  HG   sing N N 346 
SER OXT HXT  sing N N 347 
THR N   CA   sing N N 348 
THR N   H    sing N N 349 
THR N   H2   sing N N 350 
THR CA  C    sing N N 351 
THR CA  CB   sing N N 352 
THR CA  HA   sing N N 353 
THR C   O    doub N N 354 
THR C   OXT  sing N N 355 
THR CB  OG1  sing N N 356 
THR CB  CG2  sing N N 357 
THR CB  HB   sing N N 358 
THR OG1 HG1  sing N N 359 
THR CG2 HG21 sing N N 360 
THR CG2 HG22 sing N N 361 
THR CG2 HG23 sing N N 362 
THR OXT HXT  sing N N 363 
TRP N   CA   sing N N 364 
TRP N   H    sing N N 365 
TRP N   H2   sing N N 366 
TRP CA  C    sing N N 367 
TRP CA  CB   sing N N 368 
TRP CA  HA   sing N N 369 
TRP C   O    doub N N 370 
TRP C   OXT  sing N N 371 
TRP CB  CG   sing N N 372 
TRP CB  HB2  sing N N 373 
TRP CB  HB3  sing N N 374 
TRP CG  CD1  doub Y N 375 
TRP CG  CD2  sing Y N 376 
TRP CD1 NE1  sing Y N 377 
TRP CD1 HD1  sing N N 378 
TRP CD2 CE2  doub Y N 379 
TRP CD2 CE3  sing Y N 380 
TRP NE1 CE2  sing Y N 381 
TRP NE1 HE1  sing N N 382 
TRP CE2 CZ2  sing Y N 383 
TRP CE3 CZ3  doub Y N 384 
TRP CE3 HE3  sing N N 385 
TRP CZ2 CH2  doub Y N 386 
TRP CZ2 HZ2  sing N N 387 
TRP CZ3 CH2  sing Y N 388 
TRP CZ3 HZ3  sing N N 389 
TRP CH2 HH2  sing N N 390 
TRP OXT HXT  sing N N 391 
TYR N   CA   sing N N 392 
TYR N   H    sing N N 393 
TYR N   H2   sing N N 394 
TYR CA  C    sing N N 395 
TYR CA  CB   sing N N 396 
TYR CA  HA   sing N N 397 
TYR C   O    doub N N 398 
TYR C   OXT  sing N N 399 
TYR CB  CG   sing N N 400 
TYR CB  HB2  sing N N 401 
TYR CB  HB3  sing N N 402 
TYR CG  CD1  doub Y N 403 
TYR CG  CD2  sing Y N 404 
TYR CD1 CE1  sing Y N 405 
TYR CD1 HD1  sing N N 406 
TYR CD2 CE2  doub Y N 407 
TYR CD2 HD2  sing N N 408 
TYR CE1 CZ   doub Y N 409 
TYR CE1 HE1  sing N N 410 
TYR CE2 CZ   sing Y N 411 
TYR CE2 HE2  sing N N 412 
TYR CZ  OH   sing N N 413 
TYR OH  HH   sing N N 414 
TYR OXT HXT  sing N N 415 
VAL N   CA   sing N N 416 
VAL N   H    sing N N 417 
VAL N   H2   sing N N 418 
VAL CA  C    sing N N 419 
VAL CA  CB   sing N N 420 
VAL CA  HA   sing N N 421 
VAL C   O    doub N N 422 
VAL C   OXT  sing N N 423 
VAL CB  CG1  sing N N 424 
VAL CB  CG2  sing N N 425 
VAL CB  HB   sing N N 426 
VAL CG1 HG11 sing N N 427 
VAL CG1 HG12 sing N N 428 
VAL CG1 HG13 sing N N 429 
VAL CG2 HG21 sing N N 430 
VAL CG2 HG22 sing N N 431 
VAL CG2 HG23 sing N N 432 
VAL OXT HXT  sing N N 433 
# 
_pdbx_audit_support.funding_organization   'National Natural Science Foundation of China (NSFC)' 
_pdbx_audit_support.country                China 
_pdbx_audit_support.grant_number           31770780 
_pdbx_audit_support.ordinal                1 
# 
loop_
_pdbx_entity_nonpoly.entity_id 
_pdbx_entity_nonpoly.name 
_pdbx_entity_nonpoly.comp_id 
2 '1,3-dimethyl-5-[2-(oxan-4-yl)-3-[2-(trifluoromethyloxy)ethyl]benzimidazol-5-yl]pyridin-2-one' 7OW 
3 water                                                                                          HOH 
# 
_pdbx_initial_refinement_model.id               1 
_pdbx_initial_refinement_model.entity_id_list   ? 
_pdbx_initial_refinement_model.type             'experimental model' 
_pdbx_initial_refinement_model.source_name      PDB 
_pdbx_initial_refinement_model.accession_code   5MQK 
_pdbx_initial_refinement_model.details          ? 
# 
_pdbx_struct_assembly_auth_evidence.id                     1 
_pdbx_struct_assembly_auth_evidence.assembly_id            1 
_pdbx_struct_assembly_auth_evidence.experimental_support   'isothermal titration calorimetry' 
_pdbx_struct_assembly_auth_evidence.details                ? 
# 
